data_6LBW
# 
_entry.id   6LBW 
# 
_audit_conform.dict_name       mmcif_pdbx.dic 
_audit_conform.dict_version    5.387 
_audit_conform.dict_location   http://mmcif.pdb.org/dictionaries/ascii/mmcif_pdbx.dic 
# 
loop_
_database_2.database_id 
_database_2.database_code 
_database_2.pdbx_database_accession 
_database_2.pdbx_DOI 
PDB   6LBW         pdb_00006lbw 10.2210/pdb6lbw/pdb 
WWPDB D_1300014409 ?            ?                   
# 
loop_
_pdbx_audit_revision_history.ordinal 
_pdbx_audit_revision_history.data_content_type 
_pdbx_audit_revision_history.major_revision 
_pdbx_audit_revision_history.minor_revision 
_pdbx_audit_revision_history.revision_date 
1 'Structure model' 1 0 2020-11-18 
2 'Structure model' 1 1 2020-12-16 
3 'Structure model' 1 2 2020-12-23 
4 'Structure model' 1 3 2021-03-03 
5 'Structure model' 1 4 2024-03-27 
# 
_pdbx_audit_revision_details.ordinal             1 
_pdbx_audit_revision_details.revision_ordinal    1 
_pdbx_audit_revision_details.data_content_type   'Structure model' 
_pdbx_audit_revision_details.provider            repository 
_pdbx_audit_revision_details.type                'Initial release' 
_pdbx_audit_revision_details.description         ? 
_pdbx_audit_revision_details.details             ? 
# 
loop_
_pdbx_audit_revision_group.ordinal 
_pdbx_audit_revision_group.revision_ordinal 
_pdbx_audit_revision_group.data_content_type 
_pdbx_audit_revision_group.group 
1 2 'Structure model' 'Database references' 
2 2 'Structure model' 'Structure summary'   
3 3 'Structure model' 'Database references' 
4 4 'Structure model' 'Database references' 
5 5 'Structure model' 'Data collection'     
6 5 'Structure model' 'Database references' 
# 
loop_
_pdbx_audit_revision_category.ordinal 
_pdbx_audit_revision_category.revision_ordinal 
_pdbx_audit_revision_category.data_content_type 
_pdbx_audit_revision_category.category 
1  2 'Structure model' audit_author    
2  2 'Structure model' citation        
3  2 'Structure model' citation_author 
4  3 'Structure model' citation        
5  3 'Structure model' citation_author 
6  4 'Structure model' citation        
7  4 'Structure model' citation_author 
8  5 'Structure model' chem_comp_atom  
9  5 'Structure model' chem_comp_bond  
10 5 'Structure model' database_2      
# 
loop_
_pdbx_audit_revision_item.ordinal 
_pdbx_audit_revision_item.revision_ordinal 
_pdbx_audit_revision_item.data_content_type 
_pdbx_audit_revision_item.item 
1  2 'Structure model' '_audit_author.name'                  
2  2 'Structure model' '_citation.country'                   
3  2 'Structure model' '_citation.journal_abbrev'            
4  2 'Structure model' '_citation.journal_id_CSD'            
5  2 'Structure model' '_citation.journal_id_ISSN'           
6  2 'Structure model' '_citation.pdbx_database_id_DOI'      
7  2 'Structure model' '_citation.title'                     
8  2 'Structure model' '_citation.year'                      
9  3 'Structure model' '_citation.pdbx_database_id_PubMed'   
10 3 'Structure model' '_citation.title'                     
11 3 'Structure model' '_citation_author.identifier_ORCID'   
12 4 'Structure model' '_citation.journal_volume'            
13 4 'Structure model' '_citation.page_first'                
14 4 'Structure model' '_citation.page_last'                 
15 4 'Structure model' '_citation.title'                     
16 4 'Structure model' '_citation.year'                      
17 4 'Structure model' '_citation_author.identifier_ORCID'   
18 5 'Structure model' '_database_2.pdbx_DOI'                
19 5 'Structure model' '_database_2.pdbx_database_accession' 
# 
_pdbx_database_status.status_code                     REL 
_pdbx_database_status.status_code_sf                  REL 
_pdbx_database_status.status_code_mr                  ? 
_pdbx_database_status.entry_id                        6LBW 
_pdbx_database_status.recvd_initial_deposition_date   2019-11-15 
_pdbx_database_status.SG_entry                        N 
_pdbx_database_status.deposit_site                    PDBJ 
_pdbx_database_status.process_site                    PDBJ 
_pdbx_database_status.status_code_cs                  ? 
_pdbx_database_status.methods_development_category    ? 
_pdbx_database_status.pdb_format_compatible           Y 
_pdbx_database_status.status_code_nmr_data            ? 
# 
loop_
_audit_author.name 
_audit_author.pdbx_ordinal 
_audit_author.identifier_ORCID 
'Aoyama, H.'   1 0000-0001-7915-8975 
'Obika, S.'    2 0000-0002-6842-6812 
'Nakagawa, O.' 3 0000-0001-5412-3530 
# 
_citation.abstract                  ? 
_citation.abstract_id_CAS           ? 
_citation.book_id_ISBN              ? 
_citation.book_publisher            ? 
_citation.book_publisher_city       ? 
_citation.book_title                ? 
_citation.coordinate_linkage        ? 
_citation.country                   GE 
_citation.database_id_Medline       ? 
_citation.details                   ? 
_citation.id                        primary 
_citation.journal_abbrev            Chemistry 
_citation.journal_id_ASTM           ? 
_citation.journal_id_CSD            ? 
_citation.journal_id_ISSN           0947-6539 
_citation.journal_full              ? 
_citation.journal_issue             ? 
_citation.journal_volume            27 
_citation.language                  ? 
_citation.page_first                3842 
_citation.page_last                 3848 
_citation.title                     
;Crystallographic Structure of Novel Types of Ag I -Mediated Base Pairs in Non-canonical DNA Duplex Containing 2'-O,4'-C-Methylene Bridged Nucleic Acids.
;
_citation.year                      2021 
_citation.database_id_CSD           ? 
_citation.pdbx_database_id_DOI      10.1002/chem.202004819 
_citation.pdbx_database_id_PubMed   33274789 
_citation.unpublished_flag          ? 
# 
loop_
_citation_author.citation_id 
_citation_author.name 
_citation_author.ordinal 
_citation_author.identifier_ORCID 
primary 'Nakagawa, O.'  1 0000-0001-5412-3530 
primary 'Aoyama, H.'    2 0000-0001-7915-8975 
primary 'Fujii, A.'     3 0000-0001-6175-4031 
primary 'Kishimoto, Y.' 4 0000-0001-8556-0178 
primary 'Obika, S.'     5 0000-0002-6842-6812 
# 
loop_
_entity.id 
_entity.type 
_entity.src_method 
_entity.pdbx_description 
_entity.formula_weight 
_entity.pdbx_number_of_molecules 
_entity.pdbx_ec 
_entity.pdbx_mutation 
_entity.pdbx_fragment 
_entity.details 
1 polymer     syn 
;DNA (5'-D(*CP*GP*(CBR)P*GP*AP*(LCC)P*TP*CP*GP*CP*G)-3')
;
3456.107 2  ? ? ? ? 
2 non-polymer syn 'SILVER ION'                                              107.868  2  ? ? ? ? 
3 water       nat water                                                     18.015   58 ? ? ? ? 
# 
_entity_poly.entity_id                      1 
_entity_poly.type                           polydeoxyribonucleotide 
_entity_poly.nstd_linkage                   no 
_entity_poly.nstd_monomer                   yes 
_entity_poly.pdbx_seq_one_letter_code       '(DC)(DG)(CBR)(DG)(DA)(LCC)(DT)(DC)(DG)(DC)(DG)' 
_entity_poly.pdbx_seq_one_letter_code_can   CGCGANTCGCG 
_entity_poly.pdbx_strand_id                 A,B 
_entity_poly.pdbx_target_identifier         ? 
# 
loop_
_pdbx_entity_nonpoly.entity_id 
_pdbx_entity_nonpoly.name 
_pdbx_entity_nonpoly.comp_id 
2 'SILVER ION' AG  
3 water        HOH 
# 
loop_
_entity_poly_seq.entity_id 
_entity_poly_seq.num 
_entity_poly_seq.mon_id 
_entity_poly_seq.hetero 
1 1  DC  n 
1 2  DG  n 
1 3  CBR n 
1 4  DG  n 
1 5  DA  n 
1 6  LCC n 
1 7  DT  n 
1 8  DC  n 
1 9  DG  n 
1 10 DC  n 
1 11 DG  n 
# 
_pdbx_entity_src_syn.entity_id              1 
_pdbx_entity_src_syn.pdbx_src_id            1 
_pdbx_entity_src_syn.pdbx_alt_source_flag   sample 
_pdbx_entity_src_syn.pdbx_beg_seq_num       1 
_pdbx_entity_src_syn.pdbx_end_seq_num       11 
_pdbx_entity_src_syn.organism_scientific    'synthetic construct' 
_pdbx_entity_src_syn.organism_common_name   ? 
_pdbx_entity_src_syn.ncbi_taxonomy_id       32630 
_pdbx_entity_src_syn.details                ? 
# 
loop_
_chem_comp.id 
_chem_comp.type 
_chem_comp.mon_nstd_flag 
_chem_comp.name 
_chem_comp.pdbx_synonyms 
_chem_comp.formula 
_chem_comp.formula_weight 
AG  non-polymer   . 'SILVER ION' ? 'Ag 1'              107.868 
CBR 'DNA linking' n "5-BROMO-2'-DEOXY-CYTIDINE-5'-MONOPHOSPHATE" ? 'C9 H13 Br N3 O7 P' 386.093 
DA  'DNA linking' y "2'-DEOXYADENOSINE-5'-MONOPHOSPHATE" ? 'C10 H14 N5 O6 P'   331.222 
DC  'DNA linking' y "2'-DEOXYCYTIDINE-5'-MONOPHOSPHATE" ? 'C9 H14 N3 O7 P'    307.197 
DG  'DNA linking' y "2'-DEOXYGUANOSINE-5'-MONOPHOSPHATE" ? 'C10 H14 N5 O7 P'   347.221 
DT  'DNA linking' y "THYMIDINE-5'-MONOPHOSPHATE" ? 'C10 H15 N2 O8 P'   322.208 
HOH non-polymer   . WATER ? 'H2 O'              18.015  
LCC 'RNA linking' . 
'[(1R,3R,4R,7S)-7-HYDROXY-3-(5-METHYLCYTOSIN-1-YL)-2,5-DIOXABICYCLO[2.2.1]HEPT-1-YL]METHYL DIHYDROGEN PHOSPHATE' ? 
'C11 H16 N3 O8 P'   349.234 
# 
loop_
_pdbx_poly_seq_scheme.asym_id 
_pdbx_poly_seq_scheme.entity_id 
_pdbx_poly_seq_scheme.seq_id 
_pdbx_poly_seq_scheme.mon_id 
_pdbx_poly_seq_scheme.ndb_seq_num 
_pdbx_poly_seq_scheme.pdb_seq_num 
_pdbx_poly_seq_scheme.auth_seq_num 
_pdbx_poly_seq_scheme.pdb_mon_id 
_pdbx_poly_seq_scheme.auth_mon_id 
_pdbx_poly_seq_scheme.pdb_strand_id 
_pdbx_poly_seq_scheme.pdb_ins_code 
_pdbx_poly_seq_scheme.hetero 
A 1 1  DC  1  1  1  DC  DC  A . n 
A 1 2  DG  2  2  2  DG  DG  A . n 
A 1 3  CBR 3  3  3  CBR CBR A . n 
A 1 4  DG  4  4  4  DG  DG  A . n 
A 1 5  DA  5  5  5  DA  DA  A . n 
A 1 6  LCC 6  6  6  LCC LCC A . n 
A 1 7  DT  7  7  7  DT  DT  A . n 
A 1 8  DC  8  8  8  DC  DC  A . n 
A 1 9  DG  9  9  9  DG  DG  A . n 
A 1 10 DC  10 10 10 DC  DC  A . n 
A 1 11 DG  11 11 11 DG  DG  A . n 
B 1 1  DC  1  1  1  DC  DC  B . n 
B 1 2  DG  2  2  2  DG  DG  B . n 
B 1 3  CBR 3  3  3  CBR CBR B . n 
B 1 4  DG  4  4  4  DG  DG  B . n 
B 1 5  DA  5  5  5  DA  DA  B . n 
B 1 6  LCC 6  6  6  LCC LCC B . n 
B 1 7  DT  7  7  7  DT  DT  B . n 
B 1 8  DC  8  8  8  DC  DC  B . n 
B 1 9  DG  9  9  9  DG  DG  B . n 
B 1 10 DC  10 10 10 DC  DC  B . n 
B 1 11 DG  11 11 11 DG  DG  B . n 
# 
loop_
_pdbx_nonpoly_scheme.asym_id 
_pdbx_nonpoly_scheme.entity_id 
_pdbx_nonpoly_scheme.mon_id 
_pdbx_nonpoly_scheme.ndb_seq_num 
_pdbx_nonpoly_scheme.pdb_seq_num 
_pdbx_nonpoly_scheme.auth_seq_num 
_pdbx_nonpoly_scheme.pdb_mon_id 
_pdbx_nonpoly_scheme.auth_mon_id 
_pdbx_nonpoly_scheme.pdb_strand_id 
_pdbx_nonpoly_scheme.pdb_ins_code 
C 2 AG  1  101 1  AG  AG  A . 
D 2 AG  1  102 2  AG  AG  A . 
E 3 HOH 1  201 55 HOH HOH A . 
E 3 HOH 2  202 35 HOH HOH A . 
E 3 HOH 3  203 49 HOH HOH A . 
E 3 HOH 4  204 10 HOH HOH A . 
E 3 HOH 5  205 30 HOH HOH A . 
E 3 HOH 6  206 11 HOH HOH A . 
E 3 HOH 7  207 40 HOH HOH A . 
E 3 HOH 8  208 37 HOH HOH A . 
E 3 HOH 9  209 21 HOH HOH A . 
E 3 HOH 10 210 9  HOH HOH A . 
E 3 HOH 11 211 44 HOH HOH A . 
E 3 HOH 12 212 42 HOH HOH A . 
E 3 HOH 13 213 34 HOH HOH A . 
E 3 HOH 14 214 2  HOH HOH A . 
E 3 HOH 15 215 33 HOH HOH A . 
E 3 HOH 16 216 12 HOH HOH A . 
E 3 HOH 17 217 28 HOH HOH A . 
E 3 HOH 18 218 26 HOH HOH A . 
E 3 HOH 19 219 3  HOH HOH A . 
E 3 HOH 20 220 1  HOH HOH A . 
E 3 HOH 21 221 54 HOH HOH A . 
E 3 HOH 22 222 29 HOH HOH A . 
E 3 HOH 23 223 46 HOH HOH A . 
F 3 HOH 1  101 43 HOH HOH B . 
F 3 HOH 2  102 45 HOH HOH B . 
F 3 HOH 3  103 51 HOH HOH B . 
F 3 HOH 4  104 38 HOH HOH B . 
F 3 HOH 5  105 27 HOH HOH B . 
F 3 HOH 6  106 41 HOH HOH B . 
F 3 HOH 7  107 31 HOH HOH B . 
F 3 HOH 8  108 17 HOH HOH B . 
F 3 HOH 9  109 39 HOH HOH B . 
F 3 HOH 10 110 36 HOH HOH B . 
F 3 HOH 11 111 24 HOH HOH B . 
F 3 HOH 12 112 23 HOH HOH B . 
F 3 HOH 13 113 13 HOH HOH B . 
F 3 HOH 14 114 14 HOH HOH B . 
F 3 HOH 15 115 16 HOH HOH B . 
F 3 HOH 16 116 18 HOH HOH B . 
F 3 HOH 17 117 48 HOH HOH B . 
F 3 HOH 18 118 7  HOH HOH B . 
F 3 HOH 19 119 15 HOH HOH B . 
F 3 HOH 20 120 20 HOH HOH B . 
F 3 HOH 21 121 6  HOH HOH B . 
F 3 HOH 22 122 22 HOH HOH B . 
F 3 HOH 23 123 8  HOH HOH B . 
F 3 HOH 24 124 53 HOH HOH B . 
F 3 HOH 25 125 5  HOH HOH B . 
F 3 HOH 26 126 25 HOH HOH B . 
F 3 HOH 27 127 47 HOH HOH B . 
F 3 HOH 28 128 56 HOH HOH B . 
F 3 HOH 29 129 4  HOH HOH B . 
F 3 HOH 30 130 52 HOH HOH B . 
F 3 HOH 31 131 19 HOH HOH B . 
F 3 HOH 32 132 50 HOH HOH B . 
F 3 HOH 33 133 57 HOH HOH B . 
F 3 HOH 34 134 32 HOH HOH B . 
F 3 HOH 35 135 58 HOH HOH B . 
# 
loop_
_software.citation_id 
_software.classification 
_software.compiler_name 
_software.compiler_version 
_software.contact_author 
_software.contact_author_email 
_software.date 
_software.description 
_software.dependencies 
_software.hardware 
_software.language 
_software.location 
_software.mods 
_software.name 
_software.os 
_software.os_version 
_software.type 
_software.version 
_software.pdbx_ordinal 
? refinement        ? ? ? ? ? ? ? ? ? ? ? PHENIX      ? ? ? 1.14 1 
? 'data reduction'  ? ? ? ? ? ? ? ? ? ? ? XDS         ? ? ? .    2 
? 'data scaling'    ? ? ? ? ? ? ? ? ? ? ? XSCALE      ? ? ? .    3 
? 'data extraction' ? ? ? ? ? ? ? ? ? ? ? PDB_EXTRACT ? ? ? 3.25 4 
? phasing           ? ? ? ? ? ? ? ? ? ? ? SHELXDE     ? ? ? .    5 
# 
_cell.angle_alpha                  90.000 
_cell.angle_alpha_esd              ? 
_cell.angle_beta                   90.000 
_cell.angle_beta_esd               ? 
_cell.angle_gamma                  90.000 
_cell.angle_gamma_esd              ? 
_cell.entry_id                     6LBW 
_cell.details                      ? 
_cell.formula_units_Z              ? 
_cell.length_a                     28.560 
_cell.length_a_esd                 ? 
_cell.length_b                     68.110 
_cell.length_b_esd                 ? 
_cell.length_c                     118.850 
_cell.length_c_esd                 ? 
_cell.volume                       ? 
_cell.volume_esd                   ? 
_cell.Z_PDB                        32 
_cell.reciprocal_angle_alpha       ? 
_cell.reciprocal_angle_beta        ? 
_cell.reciprocal_angle_gamma       ? 
_cell.reciprocal_angle_alpha_esd   ? 
_cell.reciprocal_angle_beta_esd    ? 
_cell.reciprocal_angle_gamma_esd   ? 
_cell.reciprocal_length_a          ? 
_cell.reciprocal_length_b          ? 
_cell.reciprocal_length_c          ? 
_cell.reciprocal_length_a_esd      ? 
_cell.reciprocal_length_b_esd      ? 
_cell.reciprocal_length_c_esd      ? 
_cell.pdbx_unique_axis             ? 
# 
_symmetry.entry_id                         6LBW 
_symmetry.cell_setting                     ? 
_symmetry.Int_Tables_number                22 
_symmetry.space_group_name_Hall            ? 
_symmetry.space_group_name_H-M             'F 2 2 2' 
_symmetry.pdbx_full_space_group_name_H-M   ? 
# 
_exptl.absorpt_coefficient_mu     ? 
_exptl.absorpt_correction_T_max   ? 
_exptl.absorpt_correction_T_min   ? 
_exptl.absorpt_correction_type    ? 
_exptl.absorpt_process_details    ? 
_exptl.entry_id                   6LBW 
_exptl.crystals_number            1 
_exptl.details                    ? 
_exptl.method                     'X-RAY DIFFRACTION' 
_exptl.method_details             ? 
# 
_exptl_crystal.colour                      ? 
_exptl_crystal.density_diffrn              ? 
_exptl_crystal.density_Matthews            2.09 
_exptl_crystal.density_method              ? 
_exptl_crystal.density_percent_sol         41.16 
_exptl_crystal.description                 ? 
_exptl_crystal.F_000                       ? 
_exptl_crystal.id                          1 
_exptl_crystal.preparation                 ? 
_exptl_crystal.size_max                    ? 
_exptl_crystal.size_mid                    ? 
_exptl_crystal.size_min                    ? 
_exptl_crystal.size_rad                    ? 
_exptl_crystal.colour_lustre               ? 
_exptl_crystal.colour_modifier             ? 
_exptl_crystal.colour_primary              ? 
_exptl_crystal.density_meas                ? 
_exptl_crystal.density_meas_esd            ? 
_exptl_crystal.density_meas_gt             ? 
_exptl_crystal.density_meas_lt             ? 
_exptl_crystal.density_meas_temp           ? 
_exptl_crystal.density_meas_temp_esd       ? 
_exptl_crystal.density_meas_temp_gt        ? 
_exptl_crystal.density_meas_temp_lt        ? 
_exptl_crystal.pdbx_crystal_image_url      ? 
_exptl_crystal.pdbx_crystal_image_format   ? 
_exptl_crystal.pdbx_mosaicity              ? 
_exptl_crystal.pdbx_mosaicity_esd          ? 
# 
_exptl_crystal_grow.apparatus       ? 
_exptl_crystal_grow.atmosphere      ? 
_exptl_crystal_grow.crystal_id      1 
_exptl_crystal_grow.details         ? 
_exptl_crystal_grow.method          'VAPOR DIFFUSION, HANGING DROP' 
_exptl_crystal_grow.method_ref      ? 
_exptl_crystal_grow.pH              7.0 
_exptl_crystal_grow.pressure        ? 
_exptl_crystal_grow.pressure_esd    ? 
_exptl_crystal_grow.seeding         ? 
_exptl_crystal_grow.seeding_ref     ? 
_exptl_crystal_grow.temp            293 
_exptl_crystal_grow.temp_details    ? 
_exptl_crystal_grow.temp_esd        ? 
_exptl_crystal_grow.time            ? 
_exptl_crystal_grow.pdbx_details    2-Methyl-2,4-pentanediol 
_exptl_crystal_grow.pdbx_pH_range   ? 
# 
_diffrn.ambient_environment              ? 
_diffrn.ambient_temp                     100 
_diffrn.ambient_temp_details             ? 
_diffrn.ambient_temp_esd                 ? 
_diffrn.crystal_id                       1 
_diffrn.crystal_support                  ? 
_diffrn.crystal_treatment                ? 
_diffrn.details                          ? 
_diffrn.id                               1 
_diffrn.ambient_pressure                 ? 
_diffrn.ambient_pressure_esd             ? 
_diffrn.ambient_pressure_gt              ? 
_diffrn.ambient_pressure_lt              ? 
_diffrn.ambient_temp_gt                  ? 
_diffrn.ambient_temp_lt                  ? 
_diffrn.pdbx_serial_crystal_experiment   N 
# 
_diffrn_detector.details                      ? 
_diffrn_detector.detector                     PIXEL 
_diffrn_detector.diffrn_id                    1 
_diffrn_detector.type                         'DECTRIS EIGER X 16M' 
_diffrn_detector.area_resol_mean              ? 
_diffrn_detector.dtime                        ? 
_diffrn_detector.pdbx_frames_total            ? 
_diffrn_detector.pdbx_collection_time_total   ? 
_diffrn_detector.pdbx_collection_date         2019-01-28 
_diffrn_detector.pdbx_frequency               ? 
# 
_diffrn_radiation.collimation                      ? 
_diffrn_radiation.diffrn_id                        1 
_diffrn_radiation.filter_edge                      ? 
_diffrn_radiation.inhomogeneity                    ? 
_diffrn_radiation.monochromator                    ? 
_diffrn_radiation.polarisn_norm                    ? 
_diffrn_radiation.polarisn_ratio                   ? 
_diffrn_radiation.probe                            ? 
_diffrn_radiation.type                             ? 
_diffrn_radiation.xray_symbol                      ? 
_diffrn_radiation.wavelength_id                    1 
_diffrn_radiation.pdbx_monochromatic_or_laue_m_l   M 
_diffrn_radiation.pdbx_wavelength_list             ? 
_diffrn_radiation.pdbx_wavelength                  ? 
_diffrn_radiation.pdbx_diffrn_protocol             'SINGLE WAVELENGTH' 
_diffrn_radiation.pdbx_analyzer                    ? 
_diffrn_radiation.pdbx_scattering_type             x-ray 
# 
_diffrn_radiation_wavelength.id           1 
_diffrn_radiation_wavelength.wavelength   0.9195 
_diffrn_radiation_wavelength.wt           1.0 
# 
_diffrn_source.current                     ? 
_diffrn_source.details                     ? 
_diffrn_source.diffrn_id                   1 
_diffrn_source.power                       ? 
_diffrn_source.size                        ? 
_diffrn_source.source                      SYNCHROTRON 
_diffrn_source.target                      ? 
_diffrn_source.type                        'SPRING-8 BEAMLINE BL44XU' 
_diffrn_source.voltage                     ? 
_diffrn_source.take-off_angle              ? 
_diffrn_source.pdbx_wavelength_list        0.9195 
_diffrn_source.pdbx_wavelength             ? 
_diffrn_source.pdbx_synchrotron_beamline   BL44XU 
_diffrn_source.pdbx_synchrotron_site       SPring-8 
# 
_reflns.B_iso_Wilson_estimate            29.464 
_reflns.entry_id                         6LBW 
_reflns.data_reduction_details           ? 
_reflns.data_reduction_method            ? 
_reflns.d_resolution_high                1.500 
_reflns.d_resolution_low                 34.055 
_reflns.details                          ? 
_reflns.limit_h_max                      ? 
_reflns.limit_h_min                      ? 
_reflns.limit_k_max                      ? 
_reflns.limit_k_min                      ? 
_reflns.limit_l_max                      ? 
_reflns.limit_l_min                      ? 
_reflns.number_all                       ? 
_reflns.number_obs                       17630 
_reflns.observed_criterion               ? 
_reflns.observed_criterion_F_max         ? 
_reflns.observed_criterion_F_min         ? 
_reflns.observed_criterion_I_max         ? 
_reflns.observed_criterion_I_min         ? 
_reflns.observed_criterion_sigma_F       ? 
_reflns.observed_criterion_sigma_I       ? 
_reflns.percent_possible_obs             98.300 
_reflns.R_free_details                   ? 
_reflns.Rmerge_F_all                     ? 
_reflns.Rmerge_F_obs                     ? 
_reflns.Friedel_coverage                 ? 
_reflns.number_gt                        ? 
_reflns.threshold_expression             ? 
_reflns.pdbx_redundancy                  3.314 
_reflns.pdbx_Rmerge_I_obs                0.083 
_reflns.pdbx_Rmerge_I_all                ? 
_reflns.pdbx_Rsym_value                  ? 
_reflns.pdbx_netI_over_av_sigmaI         ? 
_reflns.pdbx_netI_over_sigmaI            8.160 
_reflns.pdbx_res_netI_over_av_sigmaI_2   ? 
_reflns.pdbx_res_netI_over_sigmaI_2      ? 
_reflns.pdbx_chi_squared                 1.561 
_reflns.pdbx_scaling_rejects             ? 
_reflns.pdbx_d_res_high_opt              ? 
_reflns.pdbx_d_res_low_opt               ? 
_reflns.pdbx_d_res_opt_method            ? 
_reflns.phase_calculation_details        ? 
_reflns.pdbx_Rrim_I_all                  0.099 
_reflns.pdbx_Rpim_I_all                  ? 
_reflns.pdbx_d_opt                       ? 
_reflns.pdbx_number_measured_all         58431 
_reflns.pdbx_diffrn_id                   1 
_reflns.pdbx_ordinal                     1 
_reflns.pdbx_CC_half                     0.994 
_reflns.pdbx_CC_star                     ? 
_reflns.pdbx_R_split                     ? 
# 
loop_
_reflns_shell.d_res_high 
_reflns_shell.d_res_low 
_reflns_shell.meanI_over_sigI_all 
_reflns_shell.meanI_over_sigI_obs 
_reflns_shell.number_measured_all 
_reflns_shell.number_measured_obs 
_reflns_shell.number_possible 
_reflns_shell.number_unique_all 
_reflns_shell.number_unique_obs 
_reflns_shell.percent_possible_all 
_reflns_shell.percent_possible_obs 
_reflns_shell.Rmerge_F_all 
_reflns_shell.Rmerge_F_obs 
_reflns_shell.Rmerge_I_all 
_reflns_shell.Rmerge_I_obs 
_reflns_shell.meanI_over_sigI_gt 
_reflns_shell.meanI_over_uI_all 
_reflns_shell.meanI_over_uI_gt 
_reflns_shell.number_measured_gt 
_reflns_shell.number_unique_gt 
_reflns_shell.percent_possible_gt 
_reflns_shell.Rmerge_F_gt 
_reflns_shell.Rmerge_I_gt 
_reflns_shell.pdbx_redundancy 
_reflns_shell.pdbx_Rsym_value 
_reflns_shell.pdbx_chi_squared 
_reflns_shell.pdbx_netI_over_sigmaI_all 
_reflns_shell.pdbx_netI_over_sigmaI_obs 
_reflns_shell.pdbx_Rrim_I_all 
_reflns_shell.pdbx_Rpim_I_all 
_reflns_shell.pdbx_rejects 
_reflns_shell.pdbx_ordinal 
_reflns_shell.pdbx_diffrn_id 
_reflns_shell.pdbx_CC_half 
_reflns_shell.pdbx_CC_star 
_reflns_shell.pdbx_R_split 
1.500 1.590  ? 1.210  ? 8941 2898 ? 2831 97.700 ? ? ? ? 0.946 ? ? ? ? ? ? ? ? 3.158 ? ? ? ? 1.144 ? ? 1 1 0.392 ? ? 
1.590 1.700  ? 2.250  ? 9093 2722 ? 2675 98.300 ? ? ? ? 0.625 ? ? ? ? ? ? ? ? 3.399 ? ? ? ? 0.744 ? ? 2 1 0.758 ? ? 
1.700 1.840  ? 4.200  ? 8177 2520 ? 2466 97.900 ? ? ? ? 0.311 ? ? ? ? ? ? ? ? 3.316 ? ? ? ? 0.372 ? ? 3 1 0.928 ? ? 
1.840 2.010  ? 6.170  ? 7271 2341 ? 2269 96.900 ? ? ? ? 0.195 ? ? ? ? ? ? ? ? 3.204 ? ? ? ? 0.235 ? ? 4 1 0.966 ? ? 
2.010 2.250  ? 8.900  ? 6744 2104 ? 2087 99.200 ? ? ? ? 0.166 ? ? ? ? ? ? ? ? 3.231 ? ? ? ? 0.200 ? ? 5 1 0.964 ? ? 
2.250 2.600  ? 14.100 ? 6766 1869 ? 1861 99.600 ? ? ? ? 0.102 ? ? ? ? ? ? ? ? 3.636 ? ? ? ? 0.121 ? ? 6 1 0.982 ? ? 
2.600 3.170  ? 17.420 ? 5445 1589 ? 1573 99.000 ? ? ? ? 0.072 ? ? ? ? ? ? ? ? 3.462 ? ? ? ? 0.086 ? ? 7 1 0.989 ? ? 
3.170 4.470  ? 19.510 ? 3615 1203 ? 1177 97.800 ? ? ? ? 0.059 ? ? ? ? ? ? ? ? 3.071 ? ? ? ? 0.071 ? ? 8 1 0.990 ? ? 
4.470 34.055 ? 21.500 ? 2379 698  ? 691  99.000 ? ? ? ? 0.052 ? ? ? ? ? ? ? ? 3.443 ? ? ? ? 0.061 ? ? 9 1 0.994 ? ? 
# 
_refine.aniso_B[1][1]                            ? 
_refine.aniso_B[1][2]                            ? 
_refine.aniso_B[1][3]                            ? 
_refine.aniso_B[2][2]                            ? 
_refine.aniso_B[2][3]                            ? 
_refine.aniso_B[3][3]                            ? 
_refine.B_iso_max                                59.270 
_refine.B_iso_mean                               27.1068 
_refine.B_iso_min                                15.070 
_refine.correlation_coeff_Fo_to_Fc               ? 
_refine.correlation_coeff_Fo_to_Fc_free          ? 
_refine.details                                  ? 
_refine.diff_density_max                         ? 
_refine.diff_density_max_esd                     ? 
_refine.diff_density_min                         ? 
_refine.diff_density_min_esd                     ? 
_refine.diff_density_rms                         ? 
_refine.diff_density_rms_esd                     ? 
_refine.entry_id                                 6LBW 
_refine.pdbx_refine_id                           'X-RAY DIFFRACTION' 
_refine.ls_abs_structure_details                 ? 
_refine.ls_abs_structure_Flack                   ? 
_refine.ls_abs_structure_Flack_esd               ? 
_refine.ls_abs_structure_Rogers                  ? 
_refine.ls_abs_structure_Rogers_esd              ? 
_refine.ls_d_res_high                            1.5010 
_refine.ls_d_res_low                             34.0550 
_refine.ls_extinction_coef                       ? 
_refine.ls_extinction_coef_esd                   ? 
_refine.ls_extinction_expression                 ? 
_refine.ls_extinction_method                     ? 
_refine.ls_goodness_of_fit_all                   ? 
_refine.ls_goodness_of_fit_all_esd               ? 
_refine.ls_goodness_of_fit_obs                   ? 
_refine.ls_goodness_of_fit_obs_esd               ? 
_refine.ls_hydrogen_treatment                    ? 
_refine.ls_matrix_type                           ? 
_refine.ls_number_constraints                    ? 
_refine.ls_number_parameters                     ? 
_refine.ls_number_reflns_all                     ? 
_refine.ls_number_reflns_obs                     17616 
_refine.ls_number_reflns_R_free                  1740 
_refine.ls_number_reflns_R_work                  15876 
_refine.ls_number_restraints                     ? 
_refine.ls_percent_reflns_obs                    98.1600 
_refine.ls_percent_reflns_R_free                 9.8800 
_refine.ls_R_factor_all                          ? 
_refine.ls_R_factor_obs                          0.2172 
_refine.ls_R_factor_R_free                       0.2426 
_refine.ls_R_factor_R_free_error                 ? 
_refine.ls_R_factor_R_free_error_details         ? 
_refine.ls_R_factor_R_work                       0.2143 
_refine.ls_R_Fsqd_factor_obs                     ? 
_refine.ls_R_I_factor_obs                        ? 
_refine.ls_redundancy_reflns_all                 ? 
_refine.ls_redundancy_reflns_obs                 ? 
_refine.ls_restrained_S_all                      ? 
_refine.ls_restrained_S_obs                      ? 
_refine.ls_shift_over_esd_max                    ? 
_refine.ls_shift_over_esd_mean                   ? 
_refine.ls_structure_factor_coef                 ? 
_refine.ls_weighting_details                     ? 
_refine.ls_weighting_scheme                      ? 
_refine.ls_wR_factor_all                         ? 
_refine.ls_wR_factor_obs                         ? 
_refine.ls_wR_factor_R_free                      ? 
_refine.ls_wR_factor_R_work                      ? 
_refine.occupancy_max                            ? 
_refine.occupancy_min                            ? 
_refine.solvent_model_details                    'FLAT BULK SOLVENT MODEL' 
_refine.solvent_model_param_bsol                 ? 
_refine.solvent_model_param_ksol                 ? 
_refine.pdbx_R_complete                          ? 
_refine.ls_R_factor_gt                           ? 
_refine.ls_goodness_of_fit_gt                    ? 
_refine.ls_goodness_of_fit_ref                   ? 
_refine.ls_shift_over_su_max                     ? 
_refine.ls_shift_over_su_max_lt                  ? 
_refine.ls_shift_over_su_mean                    ? 
_refine.ls_shift_over_su_mean_lt                 ? 
_refine.pdbx_ls_sigma_I                          ? 
_refine.pdbx_ls_sigma_F                          1.400 
_refine.pdbx_ls_sigma_Fsqd                       ? 
_refine.pdbx_data_cutoff_high_absF               ? 
_refine.pdbx_data_cutoff_high_rms_absF           ? 
_refine.pdbx_data_cutoff_low_absF                ? 
_refine.pdbx_isotropic_thermal_model             ? 
_refine.pdbx_ls_cross_valid_method               THROUGHOUT 
_refine.pdbx_method_to_determine_struct          SAD 
_refine.pdbx_starting_model                      ? 
_refine.pdbx_stereochemistry_target_values       ML 
_refine.pdbx_R_Free_selection_details            ? 
_refine.pdbx_stereochem_target_val_spec_case     ? 
_refine.pdbx_overall_ESU_R                       ? 
_refine.pdbx_overall_ESU_R_Free                  ? 
_refine.pdbx_solvent_vdw_probe_radii             1.1100 
_refine.pdbx_solvent_ion_probe_radii             ? 
_refine.pdbx_solvent_shrinkage_radii             0.9000 
_refine.pdbx_real_space_R                        ? 
_refine.pdbx_density_correlation                 ? 
_refine.pdbx_pd_number_of_powder_patterns        ? 
_refine.pdbx_pd_number_of_points                 ? 
_refine.pdbx_pd_meas_number_of_points            ? 
_refine.pdbx_pd_proc_ls_prof_R_factor            ? 
_refine.pdbx_pd_proc_ls_prof_wR_factor           ? 
_refine.pdbx_pd_Marquardt_correlation_coeff      ? 
_refine.pdbx_pd_Fsqrd_R_factor                   ? 
_refine.pdbx_pd_ls_matrix_band_width             ? 
_refine.pdbx_overall_phase_error                 32.1900 
_refine.pdbx_overall_SU_R_free_Cruickshank_DPI   ? 
_refine.pdbx_overall_SU_R_free_Blow_DPI          ? 
_refine.pdbx_overall_SU_R_Blow_DPI               ? 
_refine.pdbx_TLS_residual_ADP_flag               ? 
_refine.pdbx_diffrn_id                           1 
_refine.overall_SU_B                             ? 
_refine.overall_SU_ML                            0.3200 
_refine.overall_SU_R_Cruickshank_DPI             ? 
_refine.overall_SU_R_free                        ? 
_refine.overall_FOM_free_R_set                   ? 
_refine.overall_FOM_work_R_set                   ? 
_refine.pdbx_average_fsc_overall                 ? 
_refine.pdbx_average_fsc_work                    ? 
_refine.pdbx_average_fsc_free                    ? 
# 
_refine_hist.pdbx_refine_id                   'X-RAY DIFFRACTION' 
_refine_hist.cycle_id                         final 
_refine_hist.details                          ? 
_refine_hist.d_res_high                       1.5010 
_refine_hist.d_res_low                        34.0550 
_refine_hist.number_atoms_solvent             58 
_refine_hist.number_atoms_total               510 
_refine_hist.number_reflns_all                ? 
_refine_hist.number_reflns_obs                ? 
_refine_hist.number_reflns_R_free             ? 
_refine_hist.number_reflns_R_work             ? 
_refine_hist.R_factor_all                     ? 
_refine_hist.R_factor_obs                     ? 
_refine_hist.R_factor_R_free                  ? 
_refine_hist.R_factor_R_work                  ? 
_refine_hist.pdbx_number_residues_total       22 
_refine_hist.pdbx_B_iso_mean_ligand           21.90 
_refine_hist.pdbx_B_iso_mean_solvent          35.96 
_refine_hist.pdbx_number_atoms_protein        0 
_refine_hist.pdbx_number_atoms_nucleic_acid   450 
_refine_hist.pdbx_number_atoms_ligand         2 
_refine_hist.pdbx_number_atoms_lipid          ? 
_refine_hist.pdbx_number_atoms_carb           ? 
_refine_hist.pdbx_pseudo_atom_details         ? 
# 
loop_
_refine_ls_shell.pdbx_refine_id 
_refine_ls_shell.d_res_high 
_refine_ls_shell.d_res_low 
_refine_ls_shell.number_reflns_all 
_refine_ls_shell.number_reflns_obs 
_refine_ls_shell.number_reflns_R_free 
_refine_ls_shell.number_reflns_R_work 
_refine_ls_shell.percent_reflns_obs 
_refine_ls_shell.percent_reflns_R_free 
_refine_ls_shell.R_factor_all 
_refine_ls_shell.R_factor_obs 
_refine_ls_shell.R_factor_R_free 
_refine_ls_shell.R_factor_R_free_error 
_refine_ls_shell.R_factor_R_work 
_refine_ls_shell.redundancy_reflns_all 
_refine_ls_shell.redundancy_reflns_obs 
_refine_ls_shell.wR_factor_all 
_refine_ls_shell.wR_factor_obs 
_refine_ls_shell.wR_factor_R_free 
_refine_ls_shell.wR_factor_R_work 
_refine_ls_shell.pdbx_R_complete 
_refine_ls_shell.pdbx_total_number_of_bins_used 
_refine_ls_shell.pdbx_phase_error 
_refine_ls_shell.pdbx_fsc_work 
_refine_ls_shell.pdbx_fsc_free 
'X-RAY DIFFRACTION' 1.501  1.5448 . . 138 1311 97.0000  . . . 0.5086 0.0000 0.4271 . . . . . . . . . . . 
'X-RAY DIFFRACTION' 1.5448 1.5947 . . 142 1328 97.0000  . . . 0.3741 0.0000 0.4141 . . . . . . . . . . . 
'X-RAY DIFFRACTION' 1.5947 1.6517 . . 144 1302 98.0000  . . . 0.4226 0.0000 0.3548 . . . . . . . . . . . 
'X-RAY DIFFRACTION' 1.6517 1.7178 . . 149 1330 98.0000  . . . 0.3387 0.0000 0.3306 . . . . . . . . . . . 
'X-RAY DIFFRACTION' 1.7178 1.7960 . . 145 1323 98.0000  . . . 0.3000 0.0000 0.2892 . . . . . . . . . . . 
'X-RAY DIFFRACTION' 1.7960 1.8907 . . 141 1315 97.0000  . . . 0.3104 0.0000 0.3059 . . . . . . . . . . . 
'X-RAY DIFFRACTION' 1.8907 2.0091 . . 147 1280 97.0000  . . . 0.3260 0.0000 0.2797 . . . . . . . . . . . 
'X-RAY DIFFRACTION' 2.0091 2.1642 . . 146 1328 99.0000  . . . 0.2844 0.0000 0.2385 . . . . . . . . . . . 
'X-RAY DIFFRACTION' 2.1642 2.3819 . . 150 1364 100.0000 . . . 0.2067 0.0000 0.1910 . . . . . . . . . . . 
'X-RAY DIFFRACTION' 2.3819 2.7265 . . 145 1316 99.0000  . . . 0.2302 0.0000 0.1805 . . . . . . . . . . . 
'X-RAY DIFFRACTION' 2.7265 3.4346 . . 146 1352 98.0000  . . . 0.1965 0.0000 0.1831 . . . . . . . . . . . 
'X-RAY DIFFRACTION' 3.4346 10     . . 147 1327 98.0000  . . . 0.1968 0.0000 0.1652 . . . . . . . . . . . 
# 
_struct.entry_id                     6LBW 
_struct.title                        'Crystal structure of Ag-mediated base pairs in uncanonical DNA duplex' 
_struct.pdbx_model_details           ? 
_struct.pdbx_formula_weight          ? 
_struct.pdbx_formula_weight_method   ? 
_struct.pdbx_model_type_details      ? 
_struct.pdbx_CASP_flag               N 
# 
_struct_keywords.entry_id        6LBW 
_struct_keywords.text            
;DNA, LNA, 2', 4'-BNA, metallo-base pair, silver
;
_struct_keywords.pdbx_keywords   DNA 
# 
loop_
_struct_asym.id 
_struct_asym.pdbx_blank_PDB_chainid_flag 
_struct_asym.pdbx_modified 
_struct_asym.entity_id 
_struct_asym.details 
A N N 1 ? 
B N N 1 ? 
C N N 2 ? 
D N N 2 ? 
E N N 3 ? 
F N N 3 ? 
# 
_struct_ref.id                         1 
_struct_ref.db_name                    PDB 
_struct_ref.db_code                    6LBW 
_struct_ref.pdbx_db_accession          6LBW 
_struct_ref.pdbx_db_isoform            ? 
_struct_ref.entity_id                  1 
_struct_ref.pdbx_seq_one_letter_code   ? 
_struct_ref.pdbx_align_begin           1 
# 
loop_
_struct_ref_seq.align_id 
_struct_ref_seq.ref_id 
_struct_ref_seq.pdbx_PDB_id_code 
_struct_ref_seq.pdbx_strand_id 
_struct_ref_seq.seq_align_beg 
_struct_ref_seq.pdbx_seq_align_beg_ins_code 
_struct_ref_seq.seq_align_end 
_struct_ref_seq.pdbx_seq_align_end_ins_code 
_struct_ref_seq.pdbx_db_accession 
_struct_ref_seq.db_align_beg 
_struct_ref_seq.pdbx_db_align_beg_ins_code 
_struct_ref_seq.db_align_end 
_struct_ref_seq.pdbx_db_align_end_ins_code 
_struct_ref_seq.pdbx_auth_seq_align_beg 
_struct_ref_seq.pdbx_auth_seq_align_end 
1 1 6LBW A 1 ? 11 ? 6LBW 1 ? 11 ? 1 11 
2 1 6LBW B 1 ? 11 ? 6LBW 1 ? 11 ? 1 11 
# 
_pdbx_struct_assembly.id                   1 
_pdbx_struct_assembly.details              author_and_software_defined_assembly 
_pdbx_struct_assembly.method_details       PISA 
_pdbx_struct_assembly.oligomeric_details   dimeric 
_pdbx_struct_assembly.oligomeric_count     2 
# 
loop_
_pdbx_struct_assembly_prop.biol_id 
_pdbx_struct_assembly_prop.type 
_pdbx_struct_assembly_prop.value 
_pdbx_struct_assembly_prop.details 
1 'ABSA (A^2)' 2960 ? 
1 MORE         -7   ? 
1 'SSA (A^2)'  3370 ? 
# 
_pdbx_struct_assembly_gen.assembly_id       1 
_pdbx_struct_assembly_gen.oper_expression   1 
_pdbx_struct_assembly_gen.asym_id_list      A,B,C,D,E,F 
# 
_pdbx_struct_assembly_auth_evidence.id                     1 
_pdbx_struct_assembly_auth_evidence.assembly_id            1 
_pdbx_struct_assembly_auth_evidence.experimental_support   none 
_pdbx_struct_assembly_auth_evidence.details                ? 
# 
_pdbx_struct_oper_list.id                   1 
_pdbx_struct_oper_list.type                 'identity operation' 
_pdbx_struct_oper_list.name                 1_555 
_pdbx_struct_oper_list.symmetry_operation   x,y,z 
_pdbx_struct_oper_list.matrix[1][1]         1.0000000000 
_pdbx_struct_oper_list.matrix[1][2]         0.0000000000 
_pdbx_struct_oper_list.matrix[1][3]         0.0000000000 
_pdbx_struct_oper_list.vector[1]            0.0000000000 
_pdbx_struct_oper_list.matrix[2][1]         0.0000000000 
_pdbx_struct_oper_list.matrix[2][2]         1.0000000000 
_pdbx_struct_oper_list.matrix[2][3]         0.0000000000 
_pdbx_struct_oper_list.vector[2]            0.0000000000 
_pdbx_struct_oper_list.matrix[3][1]         0.0000000000 
_pdbx_struct_oper_list.matrix[3][2]         0.0000000000 
_pdbx_struct_oper_list.matrix[3][3]         1.0000000000 
_pdbx_struct_oper_list.vector[3]            0.0000000000 
# 
loop_
_struct_conn.id 
_struct_conn.conn_type_id 
_struct_conn.pdbx_leaving_atom_flag 
_struct_conn.pdbx_PDB_id 
_struct_conn.ptnr1_label_asym_id 
_struct_conn.ptnr1_label_comp_id 
_struct_conn.ptnr1_label_seq_id 
_struct_conn.ptnr1_label_atom_id 
_struct_conn.pdbx_ptnr1_label_alt_id 
_struct_conn.pdbx_ptnr1_PDB_ins_code 
_struct_conn.pdbx_ptnr1_standard_comp_id 
_struct_conn.ptnr1_symmetry 
_struct_conn.ptnr2_label_asym_id 
_struct_conn.ptnr2_label_comp_id 
_struct_conn.ptnr2_label_seq_id 
_struct_conn.ptnr2_label_atom_id 
_struct_conn.pdbx_ptnr2_label_alt_id 
_struct_conn.pdbx_ptnr2_PDB_ins_code 
_struct_conn.ptnr1_auth_asym_id 
_struct_conn.ptnr1_auth_comp_id 
_struct_conn.ptnr1_auth_seq_id 
_struct_conn.ptnr2_auth_asym_id 
_struct_conn.ptnr2_auth_comp_id 
_struct_conn.ptnr2_auth_seq_id 
_struct_conn.ptnr2_symmetry 
_struct_conn.pdbx_ptnr3_label_atom_id 
_struct_conn.pdbx_ptnr3_label_seq_id 
_struct_conn.pdbx_ptnr3_label_comp_id 
_struct_conn.pdbx_ptnr3_label_asym_id 
_struct_conn.pdbx_ptnr3_label_alt_id 
_struct_conn.pdbx_ptnr3_PDB_ins_code 
_struct_conn.details 
_struct_conn.pdbx_dist_value 
_struct_conn.pdbx_value_order 
_struct_conn.pdbx_role 
covale1  covale both ? A DG  2  "O3'" ? ? ? 1_555 A CBR 3  P  ? ? A DG  2   A CBR 3   1_555 ? ? ? ? ? ? ?            1.596 ? ? 
covale2  covale both ? A CBR 3  "O3'" ? ? ? 1_555 A DG  4  P  ? ? A CBR 3   A DG  4   1_555 ? ? ? ? ? ? ?            1.611 ? ? 
covale3  covale both ? A DA  5  "O3'" ? ? ? 1_555 A LCC 6  P  ? ? A DA  5   A LCC 6   1_555 ? ? ? ? ? ? ?            1.607 ? ? 
covale4  covale both ? A LCC 6  "O3'" ? ? ? 1_555 A DT  7  P  ? ? A LCC 6   A DT  7   1_555 ? ? ? ? ? ? ?            1.601 ? ? 
covale5  covale both ? B DG  2  "O3'" ? ? ? 1_555 B CBR 3  P  ? ? B DG  2   B CBR 3   1_555 ? ? ? ? ? ? ?            1.599 ? ? 
covale6  covale both ? B CBR 3  "O3'" ? ? ? 1_555 B DG  4  P  ? ? B CBR 3   B DG  4   1_555 ? ? ? ? ? ? ?            1.599 ? ? 
covale7  covale both ? B DA  5  "O3'" ? ? ? 1_555 B LCC 6  P  ? ? B DA  5   B LCC 6   1_555 ? ? ? ? ? ? ?            1.607 ? ? 
covale8  covale both ? B LCC 6  "O3'" ? ? ? 1_555 B DT  7  P  ? ? B LCC 6   B DT  7   1_555 ? ? ? ? ? ? ?            1.602 ? ? 
metalc1  metalc ?    ? A DG  4  N7    ? ? ? 1_555 D AG  .  AG ? ? A DG  4   A AG  102 1_555 ? ? ? ? ? ? ?            2.090 ? ? 
metalc2  metalc ?    ? A DA  5  N1    ? ? ? 1_555 C AG  .  AG ? ? A DA  5   A AG  101 1_555 ? ? ? ? ? ? ?            2.177 ? ? 
metalc3  metalc ?    ? C AG  .  AG    ? ? ? 1_555 B DA  5  N1 ? ? A AG  101 B DA  5   1_555 ? ? ? ? ? ? ?            2.177 ? ? 
metalc4  metalc ?    ? D AG  .  AG    ? ? ? 1_555 B DG  4  N7 ? ? A AG  102 B DG  4   1_555 ? ? ? ? ? ? ?            2.074 ? ? 
hydrog1  hydrog ?    ? A DC  1  N3    ? ? ? 1_555 B DG  11 N1 ? ? A DC  1   B DG  11  1_555 ? ? ? ? ? ? WATSON-CRICK ?     ? ? 
hydrog2  hydrog ?    ? A DC  1  N4    ? ? ? 1_555 B DG  11 O6 ? ? A DC  1   B DG  11  1_555 ? ? ? ? ? ? WATSON-CRICK ?     ? ? 
hydrog3  hydrog ?    ? A DC  1  O2    ? ? ? 1_555 B DG  11 N2 ? ? A DC  1   B DG  11  1_555 ? ? ? ? ? ? WATSON-CRICK ?     ? ? 
hydrog4  hydrog ?    ? A DG  2  N1    ? ? ? 1_555 B DC  10 N3 ? ? A DG  2   B DC  10  1_555 ? ? ? ? ? ? WATSON-CRICK ?     ? ? 
hydrog5  hydrog ?    ? A DG  2  N2    ? ? ? 1_555 B DC  10 O2 ? ? A DG  2   B DC  10  1_555 ? ? ? ? ? ? WATSON-CRICK ?     ? ? 
hydrog6  hydrog ?    ? A DG  2  O6    ? ? ? 1_555 B DC  10 N4 ? ? A DG  2   B DC  10  1_555 ? ? ? ? ? ? WATSON-CRICK ?     ? ? 
hydrog7  hydrog ?    ? A CBR 3  N3    ? ? ? 1_555 B DG  9  N1 ? ? A CBR 3   B DG  9   1_555 ? ? ? ? ? ? WATSON-CRICK ?     ? ? 
hydrog8  hydrog ?    ? A CBR 3  N4    ? ? ? 1_555 B DG  9  O6 ? ? A CBR 3   B DG  9   1_555 ? ? ? ? ? ? WATSON-CRICK ?     ? ? 
hydrog9  hydrog ?    ? A CBR 3  O2    ? ? ? 1_555 B DG  9  N2 ? ? A CBR 3   B DG  9   1_555 ? ? ? ? ? ? WATSON-CRICK ?     ? ? 
hydrog10 hydrog ?    ? A DG  4  N1    ? ? ? 1_555 B DC  8  N3 ? ? A DG  4   B DC  8   1_555 ? ? ? ? ? ? WATSON-CRICK ?     ? ? 
hydrog11 hydrog ?    ? A DG  4  N2    ? ? ? 1_555 B DC  8  O2 ? ? A DG  4   B DC  8   1_555 ? ? ? ? ? ? WATSON-CRICK ?     ? ? 
hydrog12 hydrog ?    ? A DG  4  O6    ? ? ? 1_555 B DC  8  N4 ? ? A DG  4   B DC  8   1_555 ? ? ? ? ? ? WATSON-CRICK ?     ? ? 
hydrog13 hydrog ?    ? A DC  8  N3    ? ? ? 1_555 B DG  4  N1 ? ? A DC  8   B DG  4   1_555 ? ? ? ? ? ? WATSON-CRICK ?     ? ? 
hydrog14 hydrog ?    ? A DC  8  N4    ? ? ? 1_555 B DG  4  O6 ? ? A DC  8   B DG  4   1_555 ? ? ? ? ? ? WATSON-CRICK ?     ? ? 
hydrog15 hydrog ?    ? A DC  8  O2    ? ? ? 1_555 B DG  4  N2 ? ? A DC  8   B DG  4   1_555 ? ? ? ? ? ? WATSON-CRICK ?     ? ? 
hydrog16 hydrog ?    ? A DG  9  N1    ? ? ? 1_555 B CBR 3  N3 ? ? A DG  9   B CBR 3   1_555 ? ? ? ? ? ? WATSON-CRICK ?     ? ? 
hydrog17 hydrog ?    ? A DG  9  N2    ? ? ? 1_555 B CBR 3  O2 ? ? A DG  9   B CBR 3   1_555 ? ? ? ? ? ? WATSON-CRICK ?     ? ? 
hydrog18 hydrog ?    ? A DG  9  O6    ? ? ? 1_555 B CBR 3  N4 ? ? A DG  9   B CBR 3   1_555 ? ? ? ? ? ? WATSON-CRICK ?     ? ? 
hydrog19 hydrog ?    ? A DC  10 N3    ? ? ? 1_555 B DG  2  N1 ? ? A DC  10  B DG  2   1_555 ? ? ? ? ? ? WATSON-CRICK ?     ? ? 
hydrog20 hydrog ?    ? A DC  10 N4    ? ? ? 1_555 B DG  2  O6 ? ? A DC  10  B DG  2   1_555 ? ? ? ? ? ? WATSON-CRICK ?     ? ? 
hydrog21 hydrog ?    ? A DC  10 O2    ? ? ? 1_555 B DG  2  N2 ? ? A DC  10  B DG  2   1_555 ? ? ? ? ? ? WATSON-CRICK ?     ? ? 
hydrog22 hydrog ?    ? A DG  11 N1    ? ? ? 1_555 B DC  1  N3 ? ? A DG  11  B DC  1   1_555 ? ? ? ? ? ? WATSON-CRICK ?     ? ? 
hydrog23 hydrog ?    ? A DG  11 N2    ? ? ? 1_555 B DC  1  O2 ? ? A DG  11  B DC  1   1_555 ? ? ? ? ? ? WATSON-CRICK ?     ? ? 
hydrog24 hydrog ?    ? A DG  11 O6    ? ? ? 1_555 B DC  1  N4 ? ? A DG  11  B DC  1   1_555 ? ? ? ? ? ? WATSON-CRICK ?     ? ? 
# 
loop_
_struct_conn_type.id 
_struct_conn_type.criteria 
_struct_conn_type.reference 
covale ? ? 
metalc ? ? 
hydrog ? ? 
# 
loop_
_pdbx_struct_conn_angle.id 
_pdbx_struct_conn_angle.ptnr1_label_atom_id 
_pdbx_struct_conn_angle.ptnr1_label_alt_id 
_pdbx_struct_conn_angle.ptnr1_label_asym_id 
_pdbx_struct_conn_angle.ptnr1_label_comp_id 
_pdbx_struct_conn_angle.ptnr1_label_seq_id 
_pdbx_struct_conn_angle.ptnr1_auth_atom_id 
_pdbx_struct_conn_angle.ptnr1_auth_asym_id 
_pdbx_struct_conn_angle.ptnr1_auth_comp_id 
_pdbx_struct_conn_angle.ptnr1_auth_seq_id 
_pdbx_struct_conn_angle.ptnr1_PDB_ins_code 
_pdbx_struct_conn_angle.ptnr1_symmetry 
_pdbx_struct_conn_angle.ptnr2_label_atom_id 
_pdbx_struct_conn_angle.ptnr2_label_alt_id 
_pdbx_struct_conn_angle.ptnr2_label_asym_id 
_pdbx_struct_conn_angle.ptnr2_label_comp_id 
_pdbx_struct_conn_angle.ptnr2_label_seq_id 
_pdbx_struct_conn_angle.ptnr2_auth_atom_id 
_pdbx_struct_conn_angle.ptnr2_auth_asym_id 
_pdbx_struct_conn_angle.ptnr2_auth_comp_id 
_pdbx_struct_conn_angle.ptnr2_auth_seq_id 
_pdbx_struct_conn_angle.ptnr2_PDB_ins_code 
_pdbx_struct_conn_angle.ptnr2_symmetry 
_pdbx_struct_conn_angle.ptnr3_label_atom_id 
_pdbx_struct_conn_angle.ptnr3_label_alt_id 
_pdbx_struct_conn_angle.ptnr3_label_asym_id 
_pdbx_struct_conn_angle.ptnr3_label_comp_id 
_pdbx_struct_conn_angle.ptnr3_label_seq_id 
_pdbx_struct_conn_angle.ptnr3_auth_atom_id 
_pdbx_struct_conn_angle.ptnr3_auth_asym_id 
_pdbx_struct_conn_angle.ptnr3_auth_comp_id 
_pdbx_struct_conn_angle.ptnr3_auth_seq_id 
_pdbx_struct_conn_angle.ptnr3_PDB_ins_code 
_pdbx_struct_conn_angle.ptnr3_symmetry 
_pdbx_struct_conn_angle.value 
_pdbx_struct_conn_angle.value_esd 
1 N7 ? A DG 4 ? A DG 4 ? 1_555 AG ? D AG . ? A AG 102 ? 1_555 N7 ? B DG 4 ? B DG 4 ? 1_555 175.9 ? 
2 N1 ? A DA 5 ? A DA 5 ? 1_555 AG ? C AG . ? A AG 101 ? 1_555 N1 ? B DA 5 ? B DA 5 ? 1_555 176.9 ? 
# 
loop_
_struct_site.id 
_struct_site.pdbx_evidence_code 
_struct_site.pdbx_auth_asym_id 
_struct_site.pdbx_auth_comp_id 
_struct_site.pdbx_auth_seq_id 
_struct_site.pdbx_auth_ins_code 
_struct_site.pdbx_num_residues 
_struct_site.details 
AC1 Software A AG  101 ? 6  'binding site for residue AG A 101'                 
AC2 Software A AG  102 ? 5  'binding site for residue AG A 102'                 
AC3 Software B DG  2   ? 12 'binding site for Di-nucleotide DG B 2 and CBR B 3' 
AC4 Software B CBR 3   ? 12 'binding site for Di-nucleotide CBR B 3 and DG B 4' 
AC5 Software B DA  5   ? 16 'binding site for Di-nucleotide DA B 5 and LCC B 6' 
AC6 Software B LCC 6   ? 16 'binding site for Di-nucleotide LCC B 6 and DT B 7' 
# 
loop_
_struct_site_gen.id 
_struct_site_gen.site_id 
_struct_site_gen.pdbx_num_res 
_struct_site_gen.label_comp_id 
_struct_site_gen.label_asym_id 
_struct_site_gen.label_seq_id 
_struct_site_gen.pdbx_auth_ins_code 
_struct_site_gen.auth_comp_id 
_struct_site_gen.auth_asym_id 
_struct_site_gen.auth_seq_id 
_struct_site_gen.label_atom_id 
_struct_site_gen.label_alt_id 
_struct_site_gen.symmetry 
_struct_site_gen.details 
1  AC1 6  DG  A 4  ? DG  A 4   . ? 1_555  ? 
2  AC1 6  DA  A 5  ? DA  A 5   . ? 1_555  ? 
3  AC1 6  AG  D .  ? AG  A 102 . ? 1_555  ? 
4  AC1 6  DG  B 4  ? DG  B 4   . ? 1_555  ? 
5  AC1 6  DA  B 5  ? DA  B 5   . ? 1_555  ? 
6  AC1 6  HOH F .  ? HOH B 121 . ? 1_555  ? 
7  AC2 5  DG  A 4  ? DG  A 4   . ? 1_555  ? 
8  AC2 5  AG  C .  ? AG  A 101 . ? 1_555  ? 
9  AC2 5  HOH E .  ? HOH A 214 . ? 1_555  ? 
10 AC2 5  DG  B 4  ? DG  B 4   . ? 1_555  ? 
11 AC2 5  HOH F .  ? HOH B 129 . ? 1_555  ? 
12 AC3 12 LCC A 6  ? LCC A 6   . ? 1_555  ? 
13 AC3 12 DC  A 8  ? DC  A 8   . ? 1_555  ? 
14 AC3 12 DG  A 9  ? DG  A 9   . ? 1_555  ? 
15 AC3 12 DC  A 10 ? DC  A 10  . ? 1_555  ? 
16 AC3 12 DG  A 11 ? DG  A 11  . ? 4_565  ? 
17 AC3 12 HOH E .  ? HOH A 204 . ? 4_565  ? 
18 AC3 12 DC  B 1  ? DC  B 1   . ? 1_555  ? 
19 AC3 12 DG  B 4  ? DG  B 4   . ? 1_555  ? 
20 AC3 12 HOH F .  ? HOH B 104 . ? 1_555  ? 
21 AC3 12 HOH F .  ? HOH B 108 . ? 1_555  ? 
22 AC3 12 HOH F .  ? HOH B 109 . ? 1_555  ? 
23 AC3 12 HOH F .  ? HOH B 117 . ? 1_555  ? 
24 AC4 12 DA  A 5  ? DA  A 5   . ? 1_555  ? 
25 AC4 12 LCC A 6  ? LCC A 6   . ? 1_555  ? 
26 AC4 12 DC  A 8  ? DC  A 8   . ? 1_555  ? 
27 AC4 12 DG  A 9  ? DG  A 9   . ? 1_555  ? 
28 AC4 12 AG  C .  ? AG  A 101 . ? 1_555  ? 
29 AC4 12 AG  D .  ? AG  A 102 . ? 1_555  ? 
30 AC4 12 HOH E .  ? HOH A 204 . ? 4_565  ? 
31 AC4 12 DG  B 2  ? DG  B 2   . ? 1_555  ? 
32 AC4 12 DA  B 5  ? DA  B 5   . ? 1_555  ? 
33 AC4 12 HOH F .  ? HOH B 104 . ? 1_555  ? 
34 AC4 12 HOH F .  ? HOH B 117 . ? 1_555  ? 
35 AC4 12 HOH F .  ? HOH B 122 . ? 1_555  ? 
36 AC5 16 DG  A 2  ? DG  A 2   . ? 1_555  ? 
37 AC5 16 CBR A 3  ? CBR A 3   . ? 1_555  ? 
38 AC5 16 DG  A 4  ? DG  A 4   . ? 1_555  ? 
39 AC5 16 DC  A 8  ? DC  A 8   . ? 1_555  ? 
40 AC5 16 AG  C .  ? AG  A 101 . ? 1_555  ? 
41 AC5 16 HOH E .  ? HOH A 203 . ? 1_555  ? 
42 AC5 16 HOH E .  ? HOH A 206 . ? 14_555 ? 
43 AC5 16 DG  B 4  ? DG  B 4   . ? 1_555  ? 
44 AC5 16 DT  B 7  ? DT  B 7   . ? 1_555  ? 
45 AC5 16 DC  B 8  ? DC  B 8   . ? 1_555  ? 
46 AC5 16 HOH F .  ? HOH B 110 . ? 1_555  ? 
47 AC5 16 HOH F .  ? HOH B 111 . ? 1_555  ? 
48 AC5 16 HOH F .  ? HOH B 119 . ? 1_555  ? 
49 AC5 16 HOH F .  ? HOH B 120 . ? 1_555  ? 
50 AC5 16 HOH F .  ? HOH B 121 . ? 1_555  ? 
51 AC5 16 HOH F .  ? HOH B 124 . ? 1_555  ? 
52 AC6 16 DG  A 2  ? DG  A 2   . ? 1_555  ? 
53 AC6 16 CBR A 3  ? CBR A 3   . ? 1_555  ? 
54 AC6 16 DT  A 7  ? DT  A 7   . ? 14_555 ? 
55 AC6 16 HOH E .  ? HOH A 203 . ? 1_555  ? 
56 AC6 16 HOH E .  ? HOH A 206 . ? 14_555 ? 
57 AC6 16 DA  B 5  ? DA  B 5   . ? 1_555  ? 
58 AC6 16 DC  B 8  ? DC  B 8   . ? 1_555  ? 
59 AC6 16 DG  B 9  ? DG  B 9   . ? 1_555  ? 
60 AC6 16 HOH F .  ? HOH B 107 . ? 1_555  ? 
61 AC6 16 HOH F .  ? HOH B 110 . ? 1_555  ? 
62 AC6 16 HOH F .  ? HOH B 111 . ? 1_555  ? 
63 AC6 16 HOH F .  ? HOH B 115 . ? 1_555  ? 
64 AC6 16 HOH F .  ? HOH B 119 . ? 1_555  ? 
65 AC6 16 HOH F .  ? HOH B 121 . ? 1_555  ? 
66 AC6 16 HOH F .  ? HOH B 125 . ? 14_555 ? 
67 AC6 16 HOH F .  ? HOH B 125 . ? 1_555  ? 
# 
_pdbx_validate_close_contact.id               1 
_pdbx_validate_close_contact.PDB_model_num    1 
_pdbx_validate_close_contact.auth_atom_id_1   O 
_pdbx_validate_close_contact.auth_asym_id_1   B 
_pdbx_validate_close_contact.auth_comp_id_1   HOH 
_pdbx_validate_close_contact.auth_seq_id_1    115 
_pdbx_validate_close_contact.PDB_ins_code_1   ? 
_pdbx_validate_close_contact.label_alt_id_1   ? 
_pdbx_validate_close_contact.auth_atom_id_2   O 
_pdbx_validate_close_contact.auth_asym_id_2   B 
_pdbx_validate_close_contact.auth_comp_id_2   HOH 
_pdbx_validate_close_contact.auth_seq_id_2    119 
_pdbx_validate_close_contact.PDB_ins_code_2   ? 
_pdbx_validate_close_contact.label_alt_id_2   ? 
_pdbx_validate_close_contact.dist             1.99 
# 
_pdbx_validate_symm_contact.id                1 
_pdbx_validate_symm_contact.PDB_model_num     1 
_pdbx_validate_symm_contact.auth_atom_id_1    O 
_pdbx_validate_symm_contact.auth_asym_id_1    B 
_pdbx_validate_symm_contact.auth_comp_id_1    HOH 
_pdbx_validate_symm_contact.auth_seq_id_1     106 
_pdbx_validate_symm_contact.PDB_ins_code_1    ? 
_pdbx_validate_symm_contact.label_alt_id_1    ? 
_pdbx_validate_symm_contact.site_symmetry_1   1_555 
_pdbx_validate_symm_contact.auth_atom_id_2    O 
_pdbx_validate_symm_contact.auth_asym_id_2    B 
_pdbx_validate_symm_contact.auth_comp_id_2    HOH 
_pdbx_validate_symm_contact.auth_seq_id_2     134 
_pdbx_validate_symm_contact.PDB_ins_code_2    ? 
_pdbx_validate_symm_contact.label_alt_id_2    ? 
_pdbx_validate_symm_contact.site_symmetry_2   8_555 
_pdbx_validate_symm_contact.dist              2.03 
# 
_pdbx_validate_rmsd_bond.id                        1 
_pdbx_validate_rmsd_bond.PDB_model_num             1 
_pdbx_validate_rmsd_bond.auth_atom_id_1            "O3'" 
_pdbx_validate_rmsd_bond.auth_asym_id_1            A 
_pdbx_validate_rmsd_bond.auth_comp_id_1            DG 
_pdbx_validate_rmsd_bond.auth_seq_id_1             2 
_pdbx_validate_rmsd_bond.PDB_ins_code_1            ? 
_pdbx_validate_rmsd_bond.label_alt_id_1            ? 
_pdbx_validate_rmsd_bond.auth_atom_id_2            "C3'" 
_pdbx_validate_rmsd_bond.auth_asym_id_2            A 
_pdbx_validate_rmsd_bond.auth_comp_id_2            DG 
_pdbx_validate_rmsd_bond.auth_seq_id_2             2 
_pdbx_validate_rmsd_bond.PDB_ins_code_2            ? 
_pdbx_validate_rmsd_bond.label_alt_id_2            ? 
_pdbx_validate_rmsd_bond.bond_value                1.373 
_pdbx_validate_rmsd_bond.bond_target_value         1.419 
_pdbx_validate_rmsd_bond.bond_deviation            -0.046 
_pdbx_validate_rmsd_bond.bond_standard_deviation   0.006 
_pdbx_validate_rmsd_bond.linker_flag               N 
# 
loop_
_pdbx_validate_rmsd_angle.id 
_pdbx_validate_rmsd_angle.PDB_model_num 
_pdbx_validate_rmsd_angle.auth_atom_id_1 
_pdbx_validate_rmsd_angle.auth_asym_id_1 
_pdbx_validate_rmsd_angle.auth_comp_id_1 
_pdbx_validate_rmsd_angle.auth_seq_id_1 
_pdbx_validate_rmsd_angle.PDB_ins_code_1 
_pdbx_validate_rmsd_angle.label_alt_id_1 
_pdbx_validate_rmsd_angle.auth_atom_id_2 
_pdbx_validate_rmsd_angle.auth_asym_id_2 
_pdbx_validate_rmsd_angle.auth_comp_id_2 
_pdbx_validate_rmsd_angle.auth_seq_id_2 
_pdbx_validate_rmsd_angle.PDB_ins_code_2 
_pdbx_validate_rmsd_angle.label_alt_id_2 
_pdbx_validate_rmsd_angle.auth_atom_id_3 
_pdbx_validate_rmsd_angle.auth_asym_id_3 
_pdbx_validate_rmsd_angle.auth_comp_id_3 
_pdbx_validate_rmsd_angle.auth_seq_id_3 
_pdbx_validate_rmsd_angle.PDB_ins_code_3 
_pdbx_validate_rmsd_angle.label_alt_id_3 
_pdbx_validate_rmsd_angle.angle_value 
_pdbx_validate_rmsd_angle.angle_target_value 
_pdbx_validate_rmsd_angle.angle_deviation 
_pdbx_validate_rmsd_angle.angle_standard_deviation 
_pdbx_validate_rmsd_angle.linker_flag 
1 1 "O4'" A DA 5 ? ? "C1'" A DA 5 ? ? N9 A DA 5 ? ? 110.59 108.30 2.29 0.30 N 
2 1 "O4'" B DA 5 ? ? "C1'" B DA 5 ? ? N9 B DA 5 ? ? 111.80 108.30 3.50 0.30 N 
# 
loop_
_pdbx_struct_special_symmetry.id 
_pdbx_struct_special_symmetry.PDB_model_num 
_pdbx_struct_special_symmetry.auth_asym_id 
_pdbx_struct_special_symmetry.auth_comp_id 
_pdbx_struct_special_symmetry.auth_seq_id 
_pdbx_struct_special_symmetry.PDB_ins_code 
_pdbx_struct_special_symmetry.label_asym_id 
_pdbx_struct_special_symmetry.label_comp_id 
_pdbx_struct_special_symmetry.label_seq_id 
1 1 A HOH 220 ? E HOH . 
2 1 B HOH 125 ? F HOH . 
# 
_pdbx_refine_tls.id               1 
_pdbx_refine_tls.pdbx_refine_id   'X-RAY DIFFRACTION' 
_pdbx_refine_tls.details          ? 
_pdbx_refine_tls.method           refined 
_pdbx_refine_tls.origin_x         0.0604 
_pdbx_refine_tls.origin_y         -0.3039 
_pdbx_refine_tls.origin_z         0.0825 
_pdbx_refine_tls.T[1][1]          0.1869 
_pdbx_refine_tls.T[1][1]_esd      ? 
_pdbx_refine_tls.T[1][2]          0.0189 
_pdbx_refine_tls.T[1][2]_esd      ? 
_pdbx_refine_tls.T[1][3]          -0.0149 
_pdbx_refine_tls.T[1][3]_esd      ? 
_pdbx_refine_tls.T[2][2]          0.1853 
_pdbx_refine_tls.T[2][2]_esd      ? 
_pdbx_refine_tls.T[2][3]          -0.0134 
_pdbx_refine_tls.T[2][3]_esd      ? 
_pdbx_refine_tls.T[3][3]          0.1888 
_pdbx_refine_tls.T[3][3]_esd      ? 
_pdbx_refine_tls.L[1][1]          0.0657 
_pdbx_refine_tls.L[1][1]_esd      ? 
_pdbx_refine_tls.L[1][2]          -0.0535 
_pdbx_refine_tls.L[1][2]_esd      ? 
_pdbx_refine_tls.L[1][3]          0.0483 
_pdbx_refine_tls.L[1][3]_esd      ? 
_pdbx_refine_tls.L[2][2]          0.0507 
_pdbx_refine_tls.L[2][2]_esd      ? 
_pdbx_refine_tls.L[2][3]          -0.0394 
_pdbx_refine_tls.L[2][3]_esd      ? 
_pdbx_refine_tls.L[3][3]          0.0352 
_pdbx_refine_tls.L[3][3]_esd      ? 
_pdbx_refine_tls.S[1][1]          -0.0158 
_pdbx_refine_tls.S[1][1]_esd      ? 
_pdbx_refine_tls.S[1][2]          -0.0907 
_pdbx_refine_tls.S[1][2]_esd      ? 
_pdbx_refine_tls.S[1][3]          0.0459 
_pdbx_refine_tls.S[1][3]_esd      ? 
_pdbx_refine_tls.S[2][1]          -0.1572 
_pdbx_refine_tls.S[2][1]_esd      ? 
_pdbx_refine_tls.S[2][2]          -0.0894 
_pdbx_refine_tls.S[2][2]_esd      ? 
_pdbx_refine_tls.S[2][3]          -0.1032 
_pdbx_refine_tls.S[2][3]_esd      ? 
_pdbx_refine_tls.S[3][1]          0.1072 
_pdbx_refine_tls.S[3][1]_esd      ? 
_pdbx_refine_tls.S[3][2]          -0.0691 
_pdbx_refine_tls.S[3][2]_esd      ? 
_pdbx_refine_tls.S[3][3]          -0.0395 
_pdbx_refine_tls.S[3][3]_esd      ? 
# 
_pdbx_refine_tls_group.id                  1 
_pdbx_refine_tls_group.pdbx_refine_id      'X-RAY DIFFRACTION' 
_pdbx_refine_tls_group.refine_tls_id       1 
_pdbx_refine_tls_group.beg_label_asym_id   ? 
_pdbx_refine_tls_group.beg_label_seq_id    ? 
_pdbx_refine_tls_group.beg_auth_asym_id    ? 
_pdbx_refine_tls_group.beg_auth_seq_id     ? 
_pdbx_refine_tls_group.end_label_asym_id   ? 
_pdbx_refine_tls_group.end_label_seq_id    ? 
_pdbx_refine_tls_group.end_auth_asym_id    ? 
_pdbx_refine_tls_group.end_auth_seq_id     ? 
_pdbx_refine_tls_group.selection           ? 
_pdbx_refine_tls_group.selection_details   all 
# 
_pdbx_entry_details.entry_id                 6LBW 
_pdbx_entry_details.has_ligand_of_interest   Y 
_pdbx_entry_details.compound_details         ? 
_pdbx_entry_details.source_details           ? 
_pdbx_entry_details.nonpolymer_details       ? 
_pdbx_entry_details.sequence_details         ? 
# 
loop_
_chem_comp_atom.comp_id 
_chem_comp_atom.atom_id 
_chem_comp_atom.type_symbol 
_chem_comp_atom.pdbx_aromatic_flag 
_chem_comp_atom.pdbx_stereo_config 
_chem_comp_atom.pdbx_ordinal 
AG  AG     AG N N 1   
CBR BR     BR N N 2   
CBR P      P  N N 3   
CBR OP1    O  N N 4   
CBR OP2    O  N N 5   
CBR "O5'"  O  N N 6   
CBR N1     N  N N 7   
CBR C6     C  N N 8   
CBR C2     C  N N 9   
CBR O2     O  N N 10  
CBR N3     N  N N 11  
CBR C4     C  N N 12  
CBR N4     N  N N 13  
CBR C5     C  N N 14  
CBR "C2'"  C  N N 15  
CBR "C5'"  C  N N 16  
CBR "C4'"  C  N R 17  
CBR "O4'"  O  N N 18  
CBR "C1'"  C  N R 19  
CBR "C3'"  C  N S 20  
CBR "O3'"  O  N N 21  
CBR OP3    O  N N 22  
CBR HOP2   H  N N 23  
CBR H6     H  N N 24  
CBR H41    H  N N 25  
CBR H42    H  N N 26  
CBR "H2'"  H  N N 27  
CBR "H2''" H  N N 28  
CBR "H5'"  H  N N 29  
CBR "H5''" H  N N 30  
CBR "H4'"  H  N N 31  
CBR "H1'"  H  N N 32  
CBR "H3'"  H  N N 33  
CBR "HO3'" H  N N 34  
CBR HOP3   H  N N 35  
DA  OP3    O  N N 36  
DA  P      P  N N 37  
DA  OP1    O  N N 38  
DA  OP2    O  N N 39  
DA  "O5'"  O  N N 40  
DA  "C5'"  C  N N 41  
DA  "C4'"  C  N R 42  
DA  "O4'"  O  N N 43  
DA  "C3'"  C  N S 44  
DA  "O3'"  O  N N 45  
DA  "C2'"  C  N N 46  
DA  "C1'"  C  N R 47  
DA  N9     N  Y N 48  
DA  C8     C  Y N 49  
DA  N7     N  Y N 50  
DA  C5     C  Y N 51  
DA  C6     C  Y N 52  
DA  N6     N  N N 53  
DA  N1     N  Y N 54  
DA  C2     C  Y N 55  
DA  N3     N  Y N 56  
DA  C4     C  Y N 57  
DA  HOP3   H  N N 58  
DA  HOP2   H  N N 59  
DA  "H5'"  H  N N 60  
DA  "H5''" H  N N 61  
DA  "H4'"  H  N N 62  
DA  "H3'"  H  N N 63  
DA  "HO3'" H  N N 64  
DA  "H2'"  H  N N 65  
DA  "H2''" H  N N 66  
DA  "H1'"  H  N N 67  
DA  H8     H  N N 68  
DA  H61    H  N N 69  
DA  H62    H  N N 70  
DA  H2     H  N N 71  
DC  OP3    O  N N 72  
DC  P      P  N N 73  
DC  OP1    O  N N 74  
DC  OP2    O  N N 75  
DC  "O5'"  O  N N 76  
DC  "C5'"  C  N N 77  
DC  "C4'"  C  N R 78  
DC  "O4'"  O  N N 79  
DC  "C3'"  C  N S 80  
DC  "O3'"  O  N N 81  
DC  "C2'"  C  N N 82  
DC  "C1'"  C  N R 83  
DC  N1     N  N N 84  
DC  C2     C  N N 85  
DC  O2     O  N N 86  
DC  N3     N  N N 87  
DC  C4     C  N N 88  
DC  N4     N  N N 89  
DC  C5     C  N N 90  
DC  C6     C  N N 91  
DC  HOP3   H  N N 92  
DC  HOP2   H  N N 93  
DC  "H5'"  H  N N 94  
DC  "H5''" H  N N 95  
DC  "H4'"  H  N N 96  
DC  "H3'"  H  N N 97  
DC  "HO3'" H  N N 98  
DC  "H2'"  H  N N 99  
DC  "H2''" H  N N 100 
DC  "H1'"  H  N N 101 
DC  H41    H  N N 102 
DC  H42    H  N N 103 
DC  H5     H  N N 104 
DC  H6     H  N N 105 
DG  OP3    O  N N 106 
DG  P      P  N N 107 
DG  OP1    O  N N 108 
DG  OP2    O  N N 109 
DG  "O5'"  O  N N 110 
DG  "C5'"  C  N N 111 
DG  "C4'"  C  N R 112 
DG  "O4'"  O  N N 113 
DG  "C3'"  C  N S 114 
DG  "O3'"  O  N N 115 
DG  "C2'"  C  N N 116 
DG  "C1'"  C  N R 117 
DG  N9     N  Y N 118 
DG  C8     C  Y N 119 
DG  N7     N  Y N 120 
DG  C5     C  Y N 121 
DG  C6     C  N N 122 
DG  O6     O  N N 123 
DG  N1     N  N N 124 
DG  C2     C  N N 125 
DG  N2     N  N N 126 
DG  N3     N  N N 127 
DG  C4     C  Y N 128 
DG  HOP3   H  N N 129 
DG  HOP2   H  N N 130 
DG  "H5'"  H  N N 131 
DG  "H5''" H  N N 132 
DG  "H4'"  H  N N 133 
DG  "H3'"  H  N N 134 
DG  "HO3'" H  N N 135 
DG  "H2'"  H  N N 136 
DG  "H2''" H  N N 137 
DG  "H1'"  H  N N 138 
DG  H8     H  N N 139 
DG  H1     H  N N 140 
DG  H21    H  N N 141 
DG  H22    H  N N 142 
DT  OP3    O  N N 143 
DT  P      P  N N 144 
DT  OP1    O  N N 145 
DT  OP2    O  N N 146 
DT  "O5'"  O  N N 147 
DT  "C5'"  C  N N 148 
DT  "C4'"  C  N R 149 
DT  "O4'"  O  N N 150 
DT  "C3'"  C  N S 151 
DT  "O3'"  O  N N 152 
DT  "C2'"  C  N N 153 
DT  "C1'"  C  N R 154 
DT  N1     N  N N 155 
DT  C2     C  N N 156 
DT  O2     O  N N 157 
DT  N3     N  N N 158 
DT  C4     C  N N 159 
DT  O4     O  N N 160 
DT  C5     C  N N 161 
DT  C7     C  N N 162 
DT  C6     C  N N 163 
DT  HOP3   H  N N 164 
DT  HOP2   H  N N 165 
DT  "H5'"  H  N N 166 
DT  "H5''" H  N N 167 
DT  "H4'"  H  N N 168 
DT  "H3'"  H  N N 169 
DT  "HO3'" H  N N 170 
DT  "H2'"  H  N N 171 
DT  "H2''" H  N N 172 
DT  "H1'"  H  N N 173 
DT  H3     H  N N 174 
DT  H71    H  N N 175 
DT  H72    H  N N 176 
DT  H73    H  N N 177 
DT  H6     H  N N 178 
HOH O      O  N N 179 
HOH H1     H  N N 180 
HOH H2     H  N N 181 
LCC "O5'"  O  N N 182 
LCC "C5'"  C  N N 183 
LCC "C4'"  C  N R 184 
LCC "O4'"  O  N N 185 
LCC "C1'"  C  N R 186 
LCC N1     N  N N 187 
LCC C6     C  N N 188 
LCC C5     C  N N 189 
LCC C5M    C  N N 190 
LCC C4     C  N N 191 
LCC N4     N  N N 192 
LCC N3     N  N N 193 
LCC C2     C  N N 194 
LCC O2     O  N N 195 
LCC "C3'"  C  N S 196 
LCC "C2'"  C  N R 197 
LCC "O2'"  O  N N 198 
LCC "O3'"  O  N N 199 
LCC "C6'"  C  N N 200 
LCC P      P  N N 201 
LCC O1P    O  N N 202 
LCC O2P    O  N N 203 
LCC OXT    O  N N 204 
LCC "H5'1" H  N N 205 
LCC "H5'2" H  N N 206 
LCC "H1'"  H  N N 207 
LCC H6     H  N N 208 
LCC H5M1   H  N N 209 
LCC H5M2   H  N N 210 
LCC H5M3   H  N N 211 
LCC H41    H  N N 212 
LCC H42    H  N N 213 
LCC "H3'"  H  N N 214 
LCC "H2'1" H  N N 215 
LCC H3T    H  N N 216 
LCC "H6'1" H  N N 217 
LCC "H6'2" H  N N 218 
LCC H1P    H  N N 219 
LCC HXT    H  N N 220 
# 
loop_
_chem_comp_bond.comp_id 
_chem_comp_bond.atom_id_1 
_chem_comp_bond.atom_id_2 
_chem_comp_bond.value_order 
_chem_comp_bond.pdbx_aromatic_flag 
_chem_comp_bond.pdbx_stereo_config 
_chem_comp_bond.pdbx_ordinal 
CBR BR    C5     sing N N 1   
CBR P     OP1    doub N N 2   
CBR P     OP2    sing N N 3   
CBR P     "O5'"  sing N N 4   
CBR P     OP3    sing N N 5   
CBR OP2   HOP2   sing N N 6   
CBR "O5'" "C5'"  sing N N 7   
CBR N1    C6     sing N N 8   
CBR N1    C2     sing N N 9   
CBR N1    "C1'"  sing N N 10  
CBR C6    C5     doub N N 11  
CBR C6    H6     sing N N 12  
CBR C2    O2     doub N N 13  
CBR C2    N3     sing N N 14  
CBR N3    C4     doub N N 15  
CBR C4    N4     sing N N 16  
CBR C4    C5     sing N N 17  
CBR N4    H41    sing N N 18  
CBR N4    H42    sing N N 19  
CBR "C2'" "C1'"  sing N N 20  
CBR "C2'" "C3'"  sing N N 21  
CBR "C2'" "H2'"  sing N N 22  
CBR "C2'" "H2''" sing N N 23  
CBR "C5'" "C4'"  sing N N 24  
CBR "C5'" "H5'"  sing N N 25  
CBR "C5'" "H5''" sing N N 26  
CBR "C4'" "O4'"  sing N N 27  
CBR "C4'" "C3'"  sing N N 28  
CBR "C4'" "H4'"  sing N N 29  
CBR "O4'" "C1'"  sing N N 30  
CBR "C1'" "H1'"  sing N N 31  
CBR "C3'" "O3'"  sing N N 32  
CBR "C3'" "H3'"  sing N N 33  
CBR "O3'" "HO3'" sing N N 34  
CBR OP3   HOP3   sing N N 35  
DA  OP3   P      sing N N 36  
DA  OP3   HOP3   sing N N 37  
DA  P     OP1    doub N N 38  
DA  P     OP2    sing N N 39  
DA  P     "O5'"  sing N N 40  
DA  OP2   HOP2   sing N N 41  
DA  "O5'" "C5'"  sing N N 42  
DA  "C5'" "C4'"  sing N N 43  
DA  "C5'" "H5'"  sing N N 44  
DA  "C5'" "H5''" sing N N 45  
DA  "C4'" "O4'"  sing N N 46  
DA  "C4'" "C3'"  sing N N 47  
DA  "C4'" "H4'"  sing N N 48  
DA  "O4'" "C1'"  sing N N 49  
DA  "C3'" "O3'"  sing N N 50  
DA  "C3'" "C2'"  sing N N 51  
DA  "C3'" "H3'"  sing N N 52  
DA  "O3'" "HO3'" sing N N 53  
DA  "C2'" "C1'"  sing N N 54  
DA  "C2'" "H2'"  sing N N 55  
DA  "C2'" "H2''" sing N N 56  
DA  "C1'" N9     sing N N 57  
DA  "C1'" "H1'"  sing N N 58  
DA  N9    C8     sing Y N 59  
DA  N9    C4     sing Y N 60  
DA  C8    N7     doub Y N 61  
DA  C8    H8     sing N N 62  
DA  N7    C5     sing Y N 63  
DA  C5    C6     sing Y N 64  
DA  C5    C4     doub Y N 65  
DA  C6    N6     sing N N 66  
DA  C6    N1     doub Y N 67  
DA  N6    H61    sing N N 68  
DA  N6    H62    sing N N 69  
DA  N1    C2     sing Y N 70  
DA  C2    N3     doub Y N 71  
DA  C2    H2     sing N N 72  
DA  N3    C4     sing Y N 73  
DC  OP3   P      sing N N 74  
DC  OP3   HOP3   sing N N 75  
DC  P     OP1    doub N N 76  
DC  P     OP2    sing N N 77  
DC  P     "O5'"  sing N N 78  
DC  OP2   HOP2   sing N N 79  
DC  "O5'" "C5'"  sing N N 80  
DC  "C5'" "C4'"  sing N N 81  
DC  "C5'" "H5'"  sing N N 82  
DC  "C5'" "H5''" sing N N 83  
DC  "C4'" "O4'"  sing N N 84  
DC  "C4'" "C3'"  sing N N 85  
DC  "C4'" "H4'"  sing N N 86  
DC  "O4'" "C1'"  sing N N 87  
DC  "C3'" "O3'"  sing N N 88  
DC  "C3'" "C2'"  sing N N 89  
DC  "C3'" "H3'"  sing N N 90  
DC  "O3'" "HO3'" sing N N 91  
DC  "C2'" "C1'"  sing N N 92  
DC  "C2'" "H2'"  sing N N 93  
DC  "C2'" "H2''" sing N N 94  
DC  "C1'" N1     sing N N 95  
DC  "C1'" "H1'"  sing N N 96  
DC  N1    C2     sing N N 97  
DC  N1    C6     sing N N 98  
DC  C2    O2     doub N N 99  
DC  C2    N3     sing N N 100 
DC  N3    C4     doub N N 101 
DC  C4    N4     sing N N 102 
DC  C4    C5     sing N N 103 
DC  N4    H41    sing N N 104 
DC  N4    H42    sing N N 105 
DC  C5    C6     doub N N 106 
DC  C5    H5     sing N N 107 
DC  C6    H6     sing N N 108 
DG  OP3   P      sing N N 109 
DG  OP3   HOP3   sing N N 110 
DG  P     OP1    doub N N 111 
DG  P     OP2    sing N N 112 
DG  P     "O5'"  sing N N 113 
DG  OP2   HOP2   sing N N 114 
DG  "O5'" "C5'"  sing N N 115 
DG  "C5'" "C4'"  sing N N 116 
DG  "C5'" "H5'"  sing N N 117 
DG  "C5'" "H5''" sing N N 118 
DG  "C4'" "O4'"  sing N N 119 
DG  "C4'" "C3'"  sing N N 120 
DG  "C4'" "H4'"  sing N N 121 
DG  "O4'" "C1'"  sing N N 122 
DG  "C3'" "O3'"  sing N N 123 
DG  "C3'" "C2'"  sing N N 124 
DG  "C3'" "H3'"  sing N N 125 
DG  "O3'" "HO3'" sing N N 126 
DG  "C2'" "C1'"  sing N N 127 
DG  "C2'" "H2'"  sing N N 128 
DG  "C2'" "H2''" sing N N 129 
DG  "C1'" N9     sing N N 130 
DG  "C1'" "H1'"  sing N N 131 
DG  N9    C8     sing Y N 132 
DG  N9    C4     sing Y N 133 
DG  C8    N7     doub Y N 134 
DG  C8    H8     sing N N 135 
DG  N7    C5     sing Y N 136 
DG  C5    C6     sing N N 137 
DG  C5    C4     doub Y N 138 
DG  C6    O6     doub N N 139 
DG  C6    N1     sing N N 140 
DG  N1    C2     sing N N 141 
DG  N1    H1     sing N N 142 
DG  C2    N2     sing N N 143 
DG  C2    N3     doub N N 144 
DG  N2    H21    sing N N 145 
DG  N2    H22    sing N N 146 
DG  N3    C4     sing N N 147 
DT  OP3   P      sing N N 148 
DT  OP3   HOP3   sing N N 149 
DT  P     OP1    doub N N 150 
DT  P     OP2    sing N N 151 
DT  P     "O5'"  sing N N 152 
DT  OP2   HOP2   sing N N 153 
DT  "O5'" "C5'"  sing N N 154 
DT  "C5'" "C4'"  sing N N 155 
DT  "C5'" "H5'"  sing N N 156 
DT  "C5'" "H5''" sing N N 157 
DT  "C4'" "O4'"  sing N N 158 
DT  "C4'" "C3'"  sing N N 159 
DT  "C4'" "H4'"  sing N N 160 
DT  "O4'" "C1'"  sing N N 161 
DT  "C3'" "O3'"  sing N N 162 
DT  "C3'" "C2'"  sing N N 163 
DT  "C3'" "H3'"  sing N N 164 
DT  "O3'" "HO3'" sing N N 165 
DT  "C2'" "C1'"  sing N N 166 
DT  "C2'" "H2'"  sing N N 167 
DT  "C2'" "H2''" sing N N 168 
DT  "C1'" N1     sing N N 169 
DT  "C1'" "H1'"  sing N N 170 
DT  N1    C2     sing N N 171 
DT  N1    C6     sing N N 172 
DT  C2    O2     doub N N 173 
DT  C2    N3     sing N N 174 
DT  N3    C4     sing N N 175 
DT  N3    H3     sing N N 176 
DT  C4    O4     doub N N 177 
DT  C4    C5     sing N N 178 
DT  C5    C7     sing N N 179 
DT  C5    C6     doub N N 180 
DT  C7    H71    sing N N 181 
DT  C7    H72    sing N N 182 
DT  C7    H73    sing N N 183 
DT  C6    H6     sing N N 184 
HOH O     H1     sing N N 185 
HOH O     H2     sing N N 186 
LCC "O5'" "C5'"  sing N N 187 
LCC "O5'" P      sing N N 188 
LCC "C5'" "C4'"  sing N N 189 
LCC "C5'" "H5'1" sing N N 190 
LCC "C5'" "H5'2" sing N N 191 
LCC "C4'" "O4'"  sing N N 192 
LCC "C4'" "C3'"  sing N N 193 
LCC "C4'" "C6'"  sing N N 194 
LCC "O4'" "C1'"  sing N N 195 
LCC "C1'" N1     sing N N 196 
LCC "C1'" "C2'"  sing N N 197 
LCC "C1'" "H1'"  sing N N 198 
LCC N1    C6     sing N N 199 
LCC N1    C2     sing N N 200 
LCC C6    C5     doub N N 201 
LCC C6    H6     sing N N 202 
LCC C5    C5M    sing N N 203 
LCC C5    C4     sing N N 204 
LCC C5M   H5M1   sing N N 205 
LCC C5M   H5M2   sing N N 206 
LCC C5M   H5M3   sing N N 207 
LCC C4    N4     sing N N 208 
LCC C4    N3     doub N N 209 
LCC N4    H41    sing N N 210 
LCC N4    H42    sing N N 211 
LCC N3    C2     sing N N 212 
LCC C2    O2     doub N N 213 
LCC "C3'" "C2'"  sing N N 214 
LCC "C3'" "O3'"  sing N N 215 
LCC "C3'" "H3'"  sing N N 216 
LCC "C2'" "O2'"  sing N N 217 
LCC "C2'" "H2'1" sing N N 218 
LCC "O2'" "C6'"  sing N N 219 
LCC "O3'" H3T    sing N N 220 
LCC "C6'" "H6'1" sing N N 221 
LCC "C6'" "H6'2" sing N N 222 
LCC P     O1P    sing N N 223 
LCC P     O2P    doub N N 224 
LCC P     OXT    sing N N 225 
LCC O1P   H1P    sing N N 226 
LCC OXT   HXT    sing N N 227 
# 
_ndb_struct_conf_na.entry_id   6LBW 
_ndb_struct_conf_na.feature    'z-form double helix' 
# 
loop_
_ndb_struct_na_base_pair.model_number 
_ndb_struct_na_base_pair.i_label_asym_id 
_ndb_struct_na_base_pair.i_label_comp_id 
_ndb_struct_na_base_pair.i_label_seq_id 
_ndb_struct_na_base_pair.i_symmetry 
_ndb_struct_na_base_pair.j_label_asym_id 
_ndb_struct_na_base_pair.j_label_comp_id 
_ndb_struct_na_base_pair.j_label_seq_id 
_ndb_struct_na_base_pair.j_symmetry 
_ndb_struct_na_base_pair.shear 
_ndb_struct_na_base_pair.stretch 
_ndb_struct_na_base_pair.stagger 
_ndb_struct_na_base_pair.buckle 
_ndb_struct_na_base_pair.propeller 
_ndb_struct_na_base_pair.opening 
_ndb_struct_na_base_pair.pair_number 
_ndb_struct_na_base_pair.pair_name 
_ndb_struct_na_base_pair.i_auth_asym_id 
_ndb_struct_na_base_pair.i_auth_seq_id 
_ndb_struct_na_base_pair.i_PDB_ins_code 
_ndb_struct_na_base_pair.j_auth_asym_id 
_ndb_struct_na_base_pair.j_auth_seq_id 
_ndb_struct_na_base_pair.j_PDB_ins_code 
_ndb_struct_na_base_pair.hbond_type_28 
_ndb_struct_na_base_pair.hbond_type_12 
1 A DC  1  1_555 B DG  11 1_555 -0.320 -0.067 0.416  0.315  -3.026  0.438  1 A_DC1:DG11_B A 1  ? B 11 ? 19 1 
1 A DG  2  1_555 B DC  10 1_555 0.223  -0.125 -0.186 -6.811 -4.355  1.279  2 A_DG2:DC10_B A 2  ? B 10 ? 19 1 
1 A CBR 3  1_555 B DG  9  1_555 -0.146 -0.086 -0.044 9.871  -2.748  1.023  3 A_CBR3:DG9_B A 3  ? B 9  ? 19 1 
1 A DG  4  1_555 B DC  8  1_555 0.128  -0.210 0.520  9.018  -10.475 -1.719 4 A_DG4:DC8_B  A 4  ? B 8  ? 19 1 
1 A DC  8  1_555 B DG  4  1_555 -0.020 -0.276 0.094  -7.643 -3.654  1.622  5 A_DC8:DG4_B  A 8  ? B 4  ? 19 1 
1 A DG  9  1_555 B CBR 3  1_555 0.233  -0.197 -0.080 -0.730 1.397   1.856  6 A_DG9:CBR3_B A 9  ? B 3  ? 19 1 
1 A DC  10 1_555 B DG  2  1_555 -0.243 -0.148 -0.099 5.957  0.992   0.914  7 A_DC10:DG2_B A 10 ? B 2  ? 19 1 
1 A DG  11 1_555 B DC  1  1_555 0.292  -0.130 0.452  9.181  -5.796  -0.846 8 A_DG11:DC1_B A 11 ? B 1  ? 19 1 
# 
loop_
_ndb_struct_na_base_pair_step.model_number 
_ndb_struct_na_base_pair_step.i_label_asym_id_1 
_ndb_struct_na_base_pair_step.i_label_comp_id_1 
_ndb_struct_na_base_pair_step.i_label_seq_id_1 
_ndb_struct_na_base_pair_step.i_symmetry_1 
_ndb_struct_na_base_pair_step.j_label_asym_id_1 
_ndb_struct_na_base_pair_step.j_label_comp_id_1 
_ndb_struct_na_base_pair_step.j_label_seq_id_1 
_ndb_struct_na_base_pair_step.j_symmetry_1 
_ndb_struct_na_base_pair_step.i_label_asym_id_2 
_ndb_struct_na_base_pair_step.i_label_comp_id_2 
_ndb_struct_na_base_pair_step.i_label_seq_id_2 
_ndb_struct_na_base_pair_step.i_symmetry_2 
_ndb_struct_na_base_pair_step.j_label_asym_id_2 
_ndb_struct_na_base_pair_step.j_label_comp_id_2 
_ndb_struct_na_base_pair_step.j_label_seq_id_2 
_ndb_struct_na_base_pair_step.j_symmetry_2 
_ndb_struct_na_base_pair_step.shift 
_ndb_struct_na_base_pair_step.slide 
_ndb_struct_na_base_pair_step.rise 
_ndb_struct_na_base_pair_step.tilt 
_ndb_struct_na_base_pair_step.roll 
_ndb_struct_na_base_pair_step.twist 
_ndb_struct_na_base_pair_step.x_displacement 
_ndb_struct_na_base_pair_step.y_displacement 
_ndb_struct_na_base_pair_step.helical_rise 
_ndb_struct_na_base_pair_step.inclination 
_ndb_struct_na_base_pair_step.tip 
_ndb_struct_na_base_pair_step.helical_twist 
_ndb_struct_na_base_pair_step.step_number 
_ndb_struct_na_base_pair_step.step_name 
_ndb_struct_na_base_pair_step.i_auth_asym_id_1 
_ndb_struct_na_base_pair_step.i_auth_seq_id_1 
_ndb_struct_na_base_pair_step.i_PDB_ins_code_1 
_ndb_struct_na_base_pair_step.j_auth_asym_id_1 
_ndb_struct_na_base_pair_step.j_auth_seq_id_1 
_ndb_struct_na_base_pair_step.j_PDB_ins_code_1 
_ndb_struct_na_base_pair_step.i_auth_asym_id_2 
_ndb_struct_na_base_pair_step.i_auth_seq_id_2 
_ndb_struct_na_base_pair_step.i_PDB_ins_code_2 
_ndb_struct_na_base_pair_step.j_auth_asym_id_2 
_ndb_struct_na_base_pair_step.j_auth_seq_id_2 
_ndb_struct_na_base_pair_step.j_PDB_ins_code_2 
1 A DC  1  1_555 B DG  11 1_555 A DG  2  1_555 B DC  10 1_555 0.005  5.244  3.582 3.191  -7.656 -6.120  -4.309  10.400 6.019 
49.511 20.635 -10.304 1 AA_DC1DG2:DC10DG11_BB A 1  ? B 11 ? A 2  ? B 10 ? 
1 A DG  2  1_555 B DC  10 1_555 A CBR 3  1_555 B DG  9  1_555 -0.200 -1.681 3.118 -1.484 -4.608 -45.327 2.546   -0.379 2.935 5.959 
-1.919 -45.571 2 AA_DG2CBR3:DG9DC10_BB A 2  ? B 10 ? A 3  ? B 9  ? 
1 A CBR 3  1_555 B DG  9  1_555 A DG  4  1_555 B DC  8  1_555 -0.235 5.463  3.620 -0.746 -1.561 -8.391  -31.562 -3.969 4.519 
10.524 -5.031 -8.567  3 AA_CBR3DG4:DC8DG9_BB  A 3  ? B 9  ? A 4  ? B 8  ? 
1 A DC  8  1_555 B DG  4  1_555 A DG  9  1_555 B CBR 3  1_555 0.049  5.375  3.297 1.630  -0.187 -10.527 -28.636 3.009  3.345 1.012 
8.815  -10.653 4 AA_DC8DG9:CBR3DG4_BB  A 8  ? B 4  ? A 9  ? B 3  ? 
1 A DG  9  1_555 B CBR 3  1_555 A DC  10 1_555 B DG  2  1_555 -0.060 -1.568 3.293 -0.834 -5.101 -47.148 2.355   -0.141 3.115 6.355 
-1.039 -47.414 5 AA_DG9DC10:DG2CBR3_BB A 9  ? B 3  ? A 10 ? B 2  ? 
1 A DC  10 1_555 B DG  2  1_555 A DG  11 1_555 B DC  1  1_555 -0.298 5.234  3.425 -1.551 -1.853 -10.256 -24.810 -4.717 4.209 
10.180 -8.521 -10.536 6 AA_DC10DG11:DC1DG2_BB A 10 ? B 2  ? A 11 ? B 1  ? 
# 
loop_
_pdbx_entity_instance_feature.ordinal 
_pdbx_entity_instance_feature.comp_id 
_pdbx_entity_instance_feature.asym_id 
_pdbx_entity_instance_feature.seq_num 
_pdbx_entity_instance_feature.auth_comp_id 
_pdbx_entity_instance_feature.auth_asym_id 
_pdbx_entity_instance_feature.auth_seq_num 
_pdbx_entity_instance_feature.feature_type 
_pdbx_entity_instance_feature.details 
1 LCC ? ? LCC ? ? 'SUBJECT OF INVESTIGATION' ? 
2 AG  ? ? AG  ? ? 'SUBJECT OF INVESTIGATION' ? 
# 
_atom_sites.entry_id                    6LBW 
_atom_sites.Cartn_transf_matrix[1][1]   ? 
_atom_sites.Cartn_transf_matrix[1][2]   ? 
_atom_sites.Cartn_transf_matrix[1][3]   ? 
_atom_sites.Cartn_transf_matrix[2][1]   ? 
_atom_sites.Cartn_transf_matrix[2][2]   ? 
_atom_sites.Cartn_transf_matrix[2][3]   ? 
_atom_sites.Cartn_transf_matrix[3][1]   ? 
_atom_sites.Cartn_transf_matrix[3][2]   ? 
_atom_sites.Cartn_transf_matrix[3][3]   ? 
_atom_sites.Cartn_transf_vector[1]      ? 
_atom_sites.Cartn_transf_vector[2]      ? 
_atom_sites.Cartn_transf_vector[3]      ? 
_atom_sites.fract_transf_matrix[1][1]   0.00114835 
_atom_sites.fract_transf_matrix[1][2]   -0.00372672 
_atom_sites.fract_transf_matrix[1][3]   -0.03479616 
_atom_sites.fract_transf_matrix[2][1]   -0.00065397 
_atom_sites.fract_transf_matrix[2][2]   -0.01458629 
_atom_sites.fract_transf_matrix[2][3]   0.00154063 
_atom_sites.fract_transf_matrix[3][1]   -0.00840112 
_atom_sites.fract_transf_matrix[3][2]   0.00034349 
_atom_sites.fract_transf_matrix[3][3]   -0.00031404 
_atom_sites.fract_transf_vector[1]      0.363132 
_atom_sites.fract_transf_vector[2]      0.368791 
_atom_sites.fract_transf_vector[3]      0.123260 
_atom_sites.solution_primary            ? 
_atom_sites.solution_secondary          ? 
_atom_sites.solution_hydrogens          ? 
_atom_sites.special_details             ? 
# 
loop_
_atom_type.symbol 
AG 
BR 
C  
N  
O  
P  
# 
loop_
_atom_site.group_PDB 
_atom_site.id 
_atom_site.type_symbol 
_atom_site.label_atom_id 
_atom_site.label_alt_id 
_atom_site.label_comp_id 
_atom_site.label_asym_id 
_atom_site.label_entity_id 
_atom_site.label_seq_id 
_atom_site.pdbx_PDB_ins_code 
_atom_site.Cartn_x 
_atom_site.Cartn_y 
_atom_site.Cartn_z 
_atom_site.occupancy 
_atom_site.B_iso_or_equiv 
_atom_site.pdbx_formal_charge 
_atom_site.auth_seq_id 
_atom_site.auth_comp_id 
_atom_site.auth_asym_id 
_atom_site.auth_atom_id 
_atom_site.pdbx_PDB_model_num 
ATOM   1   O  "O5'" . DC  A 1 1  ? -4.294  -2.849  -12.189 1.00 50.71 ? 1   DC  A "O5'" 1 
ATOM   2   C  "C5'" . DC  A 1 1  ? -5.105  -1.993  -11.418 1.00 34.62 ? 1   DC  A "C5'" 1 
ATOM   3   C  "C4'" . DC  A 1 1  ? -5.964  -2.777  -10.436 1.00 31.08 ? 1   DC  A "C4'" 1 
ATOM   4   O  "O4'" . DC  A 1 1  ? -6.803  -1.818  -9.727  1.00 27.54 ? 1   DC  A "O4'" 1 
ATOM   5   C  "C3'" . DC  A 1 1  ? -6.960  -3.747  -11.081 1.00 32.21 ? 1   DC  A "C3'" 1 
ATOM   6   O  "O3'" . DC  A 1 1  ? -7.457  -4.699  -10.120 1.00 29.91 ? 1   DC  A "O3'" 1 
ATOM   7   C  "C2'" . DC  A 1 1  ? -8.063  -2.785  -11.461 1.00 30.98 ? 1   DC  A "C2'" 1 
ATOM   8   C  "C1'" . DC  A 1 1  ? -8.138  -1.946  -10.189 1.00 26.14 ? 1   DC  A "C1'" 1 
ATOM   9   N  N1    . DC  A 1 1  ? -8.687  -0.600  -10.426 1.00 26.42 ? 1   DC  A N1    1 
ATOM   10  C  C2    . DC  A 1 1  ? -10.029 -0.361  -10.148 1.00 25.53 ? 1   DC  A C2    1 
ATOM   11  O  O2    . DC  A 1 1  ? -10.729 -1.280  -9.730  1.00 24.67 ? 1   DC  A O2    1 
ATOM   12  N  N3    . DC  A 1 1  ? -10.537 0.861   -10.381 1.00 24.57 ? 1   DC  A N3    1 
ATOM   13  C  C4    . DC  A 1 1  ? -9.771  1.819   -10.855 1.00 23.29 ? 1   DC  A C4    1 
ATOM   14  N  N4    . DC  A 1 1  ? -10.340 3.007   -11.048 1.00 20.94 ? 1   DC  A N4    1 
ATOM   15  C  C5    . DC  A 1 1  ? -8.384  1.608   -11.136 1.00 23.26 ? 1   DC  A C5    1 
ATOM   16  C  C6    . DC  A 1 1  ? -7.890  0.386   -10.913 1.00 24.84 ? 1   DC  A C6    1 
ATOM   17  P  P     . DG  A 1 2  ? -6.780  -6.151  -9.925  1.00 33.60 ? 2   DG  A P     1 
ATOM   18  O  OP1   . DG  A 1 2  ? -6.297  -6.634  -11.228 1.00 32.49 ? 2   DG  A OP1   1 
ATOM   19  O  OP2   . DG  A 1 2  ? -7.710  -6.917  -9.069  1.00 30.73 ? 2   DG  A OP2   1 
ATOM   20  O  "O5'" . DG  A 1 2  ? -5.479  -5.868  -9.033  1.00 28.12 ? 2   DG  A "O5'" 1 
ATOM   21  C  "C5'" . DG  A 1 2  ? -5.618  -5.456  -7.668  1.00 27.41 ? 2   DG  A "C5'" 1 
ATOM   22  C  "C4'" . DG  A 1 2  ? -4.246  -5.162  -7.096  1.00 24.67 ? 2   DG  A "C4'" 1 
ATOM   23  O  "O4'" . DG  A 1 2  ? -3.598  -4.186  -7.928  1.00 29.78 ? 2   DG  A "O4'" 1 
ATOM   24  C  "C3'" . DG  A 1 2  ? -4.246  -4.613  -5.692  1.00 24.43 ? 2   DG  A "C3'" 1 
ATOM   25  O  "O3'" . DG  A 1 2  ? -3.988  -5.648  -4.829  1.00 28.14 ? 2   DG  A "O3'" 1 
ATOM   26  C  "C2'" . DG  A 1 2  ? -3.100  -3.591  -5.679  1.00 21.87 ? 2   DG  A "C2'" 1 
ATOM   27  C  "C1'" . DG  A 1 2  ? -2.903  -3.244  -7.148  1.00 26.95 ? 2   DG  A "C1'" 1 
ATOM   28  N  N9    . DG  A 1 2  ? -3.350  -1.918  -7.555  1.00 24.33 ? 2   DG  A N9    1 
ATOM   29  C  C8    . DG  A 1 2  ? -2.608  -0.988  -8.229  1.00 26.23 ? 2   DG  A C8    1 
ATOM   30  N  N7    . DG  A 1 2  ? -3.258  0.104   -8.497  1.00 26.96 ? 2   DG  A N7    1 
ATOM   31  C  C5    . DG  A 1 2  ? -4.535  -0.123  -7.983  1.00 24.75 ? 2   DG  A C5    1 
ATOM   32  C  C6    . DG  A 1 2  ? -5.673  0.710   -7.978  1.00 27.30 ? 2   DG  A C6    1 
ATOM   33  O  O6    . DG  A 1 2  ? -5.809  1.849   -8.466  1.00 25.75 ? 2   DG  A O6    1 
ATOM   34  N  N1    . DG  A 1 2  ? -6.746  0.096   -7.364  1.00 23.86 ? 2   DG  A N1    1 
ATOM   35  C  C2    . DG  A 1 2  ? -6.728  -1.151  -6.819  1.00 24.21 ? 2   DG  A C2    1 
ATOM   36  N  N2    . DG  A 1 2  ? -7.873  -1.572  -6.274  1.00 23.45 ? 2   DG  A N2    1 
ATOM   37  N  N3    . DG  A 1 2  ? -5.664  -1.933  -6.797  1.00 25.37 ? 2   DG  A N3    1 
ATOM   38  C  C4    . DG  A 1 2  ? -4.612  -1.362  -7.407  1.00 25.77 ? 2   DG  A C4    1 
HETATM 39  BR BR    . CBR A 1 3  ? -2.650  0.355   -4.751  1.00 34.21 ? 3   CBR A BR    1 
HETATM 40  P  P     . CBR A 1 3  ? -4.989  -5.959  -3.625  1.00 37.81 ? 3   CBR A P     1 
HETATM 41  O  OP1   . CBR A 1 3  ? -4.259  -6.871  -2.677  1.00 38.76 ? 3   CBR A OP1   1 
HETATM 42  O  OP2   . CBR A 1 3  ? -6.331  -6.325  -4.200  1.00 43.69 ? 3   CBR A OP2   1 
HETATM 43  O  "O5'" . CBR A 1 3  ? -5.161  -4.547  -2.874  1.00 30.42 ? 3   CBR A "O5'" 1 
HETATM 44  N  N1    . CBR A 1 3  ? -6.282  -0.521  -3.023  1.00 19.06 ? 3   CBR A N1    1 
HETATM 45  C  C6    . CBR A 1 3  ? -4.993  -0.599  -3.377  1.00 23.45 ? 3   CBR A C6    1 
HETATM 46  C  C2    . CBR A 1 3  ? -7.070  0.579   -3.421  1.00 21.95 ? 3   CBR A C2    1 
HETATM 47  O  O2    . CBR A 1 3  ? -8.272  0.612   -3.065  1.00 21.43 ? 3   CBR A O2    1 
HETATM 48  N  N3    . CBR A 1 3  ? -6.542  1.578   -4.176  1.00 21.83 ? 3   CBR A N3    1 
HETATM 49  C  C4    . CBR A 1 3  ? -5.265  1.540   -4.589  1.00 24.75 ? 3   CBR A C4    1 
HETATM 50  N  N4    . CBR A 1 3  ? -4.707  2.517   -5.349  1.00 25.51 ? 3   CBR A N4    1 
HETATM 51  C  C5    . CBR A 1 3  ? -4.449  0.393   -4.170  1.00 23.98 ? 3   CBR A C5    1 
HETATM 52  C  "C2'" . CBR A 1 3  ? -7.646  -2.660  -2.865  1.00 21.99 ? 3   CBR A "C2'" 1 
HETATM 53  C  "C5'" . CBR A 1 3  ? -5.276  -4.538  -1.465  1.00 23.53 ? 3   CBR A "C5'" 1 
HETATM 54  C  "C4'" . CBR A 1 3  ? -6.284  -3.481  -1.048  1.00 20.66 ? 3   CBR A "C4'" 1 
HETATM 55  O  "O4'" . CBR A 1 3  ? -5.831  -2.193  -1.459  1.00 19.13 ? 3   CBR A "O4'" 1 
HETATM 56  C  "C1'" . CBR A 1 3  ? -6.885  -1.539  -2.171  1.00 20.97 ? 3   CBR A "C1'" 1 
HETATM 57  C  "C3'" . CBR A 1 3  ? -7.609  -3.694  -1.754  1.00 18.21 ? 3   CBR A "C3'" 1 
HETATM 58  O  "O3'" . CBR A 1 3  ? -8.613  -3.353  -0.798  1.00 22.75 ? 3   CBR A "O3'" 1 
ATOM   59  P  P     . DG  A 1 4  ? -9.333  -4.507  0.064   1.00 28.90 ? 4   DG  A P     1 
ATOM   60  O  OP1   . DG  A 1 4  ? -9.594  -5.676  -0.797  1.00 30.78 ? 4   DG  A OP1   1 
ATOM   61  O  OP2   . DG  A 1 4  ? -10.380 -3.835  0.862   1.00 30.63 ? 4   DG  A OP2   1 
ATOM   62  O  "O5'" . DG  A 1 4  ? -8.203  -4.987  1.078   1.00 25.68 ? 4   DG  A "O5'" 1 
ATOM   63  C  "C5'" . DG  A 1 4  ? -7.971  -4.285  2.299   1.00 23.48 ? 4   DG  A "C5'" 1 
ATOM   64  C  "C4'" . DG  A 1 4  ? -6.863  -4.970  3.079   1.00 25.84 ? 4   DG  A "C4'" 1 
ATOM   65  O  "O4'" . DG  A 1 4  ? -5.644  -4.976  2.292   1.00 23.28 ? 4   DG  A "O4'" 1 
ATOM   66  C  "C3'" . DG  A 1 4  ? -6.527  -4.363  4.435   1.00 33.43 ? 4   DG  A "C3'" 1 
ATOM   67  O  "O3'" . DG  A 1 4  ? -6.515  -5.376  5.424   1.00 47.68 ? 4   DG  A "O3'" 1 
ATOM   68  C  "C2'" . DG  A 1 4  ? -5.138  -3.742  4.254   1.00 29.62 ? 4   DG  A "C2'" 1 
ATOM   69  C  "C1'" . DG  A 1 4  ? -4.555  -4.479  3.051   1.00 23.70 ? 4   DG  A "C1'" 1 
ATOM   70  N  N9    . DG  A 1 4  ? -3.771  -3.603  2.165   1.00 20.49 ? 4   DG  A N9    1 
ATOM   71  C  C8    . DG  A 1 4  ? -2.508  -3.830  1.687   1.00 23.11 ? 4   DG  A C8    1 
ATOM   72  N  N7    . DG  A 1 4  ? -2.065  -2.893  0.908   1.00 21.40 ? 4   DG  A N7    1 
ATOM   73  C  C5    . DG  A 1 4  ? -3.117  -1.981  0.847   1.00 26.56 ? 4   DG  A C5    1 
ATOM   74  C  C6    . DG  A 1 4  ? -3.228  -0.777  0.134   1.00 26.97 ? 4   DG  A C6    1 
ATOM   75  O  O6    . DG  A 1 4  ? -2.386  -0.250  -0.593  1.00 22.67 ? 4   DG  A O6    1 
ATOM   76  N  N1    . DG  A 1 4  ? -4.461  -0.162  0.340   1.00 20.66 ? 4   DG  A N1    1 
ATOM   77  C  C2    . DG  A 1 4  ? -5.479  -0.677  1.132   1.00 21.34 ? 4   DG  A C2    1 
ATOM   78  N  N2    . DG  A 1 4  ? -6.598  0.052   1.214   1.00 24.90 ? 4   DG  A N2    1 
ATOM   79  N  N3    . DG  A 1 4  ? -5.388  -1.808  1.808   1.00 19.11 ? 4   DG  A N3    1 
ATOM   80  C  C4    . DG  A 1 4  ? -4.182  -2.412  1.612   1.00 23.19 ? 4   DG  A C4    1 
ATOM   81  P  P     . DA  A 1 5  ? -6.690  -4.981  6.972   1.00 58.09 ? 5   DA  A P     1 
ATOM   82  O  OP1   . DA  A 1 5  ? -6.783  -6.230  7.770   1.00 59.27 ? 5   DA  A OP1   1 
ATOM   83  O  OP2   . DA  A 1 5  ? -7.762  -3.955  7.008   1.00 51.34 ? 5   DA  A OP2   1 
ATOM   84  O  "O5'" . DA  A 1 5  ? -5.284  -4.317  7.349   1.00 51.53 ? 5   DA  A "O5'" 1 
ATOM   85  C  "C5'" . DA  A 1 5  ? -4.108  -5.103  7.284   1.00 44.61 ? 5   DA  A "C5'" 1 
ATOM   86  C  "C4'" . DA  A 1 5  ? -2.873  -4.237  7.382   1.00 42.18 ? 5   DA  A "C4'" 1 
ATOM   87  O  "O4'" . DA  A 1 5  ? -2.772  -3.376  6.213   1.00 37.76 ? 5   DA  A "O4'" 1 
ATOM   88  C  "C3'" . DA  A 1 5  ? -2.821  -3.303  8.593   1.00 42.11 ? 5   DA  A "C3'" 1 
ATOM   89  O  "O3'" . DA  A 1 5  ? -1.477  -3.249  9.050   1.00 49.62 ? 5   DA  A "O3'" 1 
ATOM   90  C  "C2'" . DA  A 1 5  ? -3.245  -1.962  7.984   1.00 37.87 ? 5   DA  A "C2'" 1 
ATOM   91  C  "C1'" . DA  A 1 5  ? -2.506  -2.070  6.661   1.00 34.61 ? 5   DA  A "C1'" 1 
ATOM   92  N  N9    . DA  A 1 5  ? -2.883  -1.090  5.642   1.00 24.07 ? 5   DA  A N9    1 
ATOM   93  C  C8    . DA  A 1 5  ? -4.028  -0.347  5.566   1.00 27.15 ? 5   DA  A C8    1 
ATOM   94  N  N7    . DA  A 1 5  ? -4.066  0.472   4.530   1.00 25.45 ? 5   DA  A N7    1 
ATOM   95  C  C5    . DA  A 1 5  ? -2.843  0.246   3.889   1.00 23.50 ? 5   DA  A C5    1 
ATOM   96  C  C6    . DA  A 1 5  ? -2.246  0.802   2.724   1.00 19.95 ? 5   DA  A C6    1 
ATOM   97  N  N6    . DA  A 1 5  ? -2.803  1.745   1.978   1.00 21.91 ? 5   DA  A N6    1 
ATOM   98  N  N1    . DA  A 1 5  ? -1.035  0.350   2.375   1.00 21.95 ? 5   DA  A N1    1 
ATOM   99  C  C2    . DA  A 1 5  ? -0.441  -0.579  3.144   1.00 17.51 ? 5   DA  A C2    1 
ATOM   100 N  N3    . DA  A 1 5  ? -0.904  -1.179  4.242   1.00 23.06 ? 5   DA  A N3    1 
ATOM   101 C  C4    . DA  A 1 5  ? -2.115  -0.710  4.564   1.00 26.33 ? 5   DA  A C4    1 
HETATM 102 O  "O5'" . LCC A 1 6  ? 0.275   -2.195  10.541  1.00 44.73 ? 6   LCC A "O5'" 1 
HETATM 103 C  "C5'" . LCC A 1 6  ? 0.245   -0.780  10.356  1.00 38.34 ? 6   LCC A "C5'" 1 
HETATM 104 C  "C4'" . LCC A 1 6  ? 0.962   -0.306  9.085   1.00 28.25 ? 6   LCC A "C4'" 1 
HETATM 105 O  "O4'" . LCC A 1 6  ? 0.152   -0.312  7.909   1.00 29.70 ? 6   LCC A "O4'" 1 
HETATM 106 C  "C1'" . LCC A 1 6  ? 0.802   0.545   6.974   1.00 23.59 ? 6   LCC A "C1'" 1 
HETATM 107 N  N1    . LCC A 1 6  ? -0.162  1.496   6.420   1.00 24.70 ? 6   LCC A N1    1 
HETATM 108 C  C6    . LCC A 1 6  ? -1.345  1.698   7.035   1.00 28.24 ? 6   LCC A C6    1 
HETATM 109 C  C5    . LCC A 1 6  ? -2.269  2.596   6.514   1.00 25.89 ? 6   LCC A C5    1 
HETATM 110 C  C5M   . LCC A 1 6  ? -3.603  2.826   7.184   1.00 23.92 ? 6   LCC A C5M   1 
HETATM 111 C  C4    . LCC A 1 6  ? -2.018  3.169   5.184   1.00 25.57 ? 6   LCC A C4    1 
HETATM 112 N  N4    . LCC A 1 6  ? -2.936  4.192   4.653   1.00 28.18 ? 6   LCC A N4    1 
HETATM 113 N  N3    . LCC A 1 6  ? -0.675  2.995   4.626   1.00 21.14 ? 6   LCC A N3    1 
HETATM 114 C  C2    . LCC A 1 6  ? 0.154   2.127   5.207   1.00 25.43 ? 6   LCC A C2    1 
HETATM 115 O  O2    . LCC A 1 6  ? 1.262   1.884   4.679   1.00 27.32 ? 6   LCC A O2    1 
HETATM 116 C  "C3'" . LCC A 1 6  ? 1.382   1.140   9.151   1.00 24.88 ? 6   LCC A "C3'" 1 
HETATM 117 C  "C2'" . LCC A 1 6  ? 1.964   1.080   7.777   1.00 25.31 ? 6   LCC A "C2'" 1 
HETATM 118 O  "O2'" . LCC A 1 6  ? 2.854   -0.039  7.861   1.00 23.01 ? 6   LCC A "O2'" 1 
HETATM 119 O  "O3'" . LCC A 1 6  ? 2.356   1.248   10.170  1.00 29.00 ? 6   LCC A "O3'" 1 
HETATM 120 C  "C6'" . LCC A 1 6  ? 2.238   -1.037  8.691   1.00 26.96 ? 6   LCC A "C6'" 1 
HETATM 121 P  P     . LCC A 1 6  ? -1.118  -3.009  10.598  1.00 52.89 ? 6   LCC A P     1 
HETATM 122 O  O1P   . LCC A 1 6  ? -2.183  -2.172  11.277  1.00 45.85 ? 6   LCC A O1P   1 
HETATM 123 O  O2P   . LCC A 1 6  ? -0.877  -4.348  11.258  1.00 56.37 ? 6   LCC A O2P   1 
ATOM   124 P  P     . DT  A 1 7  ? 2.794   2.679   10.737  1.00 29.17 ? 7   DT  A P     1 
ATOM   125 O  OP1   . DT  A 1 7  ? 3.721   2.440   11.857  1.00 27.76 ? 7   DT  A OP1   1 
ATOM   126 O  OP2   . DT  A 1 7  ? 1.573   3.491   10.938  1.00 27.87 ? 7   DT  A OP2   1 
ATOM   127 O  "O5'" . DT  A 1 7  ? 3.629   3.335   9.548   1.00 28.39 ? 7   DT  A "O5'" 1 
ATOM   128 C  "C5'" . DT  A 1 7  ? 4.794   2.678   9.040   1.00 25.37 ? 7   DT  A "C5'" 1 
ATOM   129 C  "C4'" . DT  A 1 7  ? 5.156   3.248   7.689   1.00 20.42 ? 7   DT  A "C4'" 1 
ATOM   130 O  "O4'" . DT  A 1 7  ? 3.949   3.409   6.882   1.00 21.26 ? 7   DT  A "O4'" 1 
ATOM   131 C  "C3'" . DT  A 1 7  ? 5.800   4.620   7.715   1.00 21.35 ? 7   DT  A "C3'" 1 
ATOM   132 O  "O3'" . DT  A 1 7  ? 6.652   4.722   6.588   1.00 23.07 ? 7   DT  A "O3'" 1 
ATOM   133 C  "C2'" . DT  A 1 7  ? 4.598   5.536   7.563   1.00 21.30 ? 7   DT  A "C2'" 1 
ATOM   134 C  "C1'" . DT  A 1 7  ? 3.826   4.768   6.504   1.00 22.49 ? 7   DT  A "C1'" 1 
ATOM   135 N  N1    . DT  A 1 7  ? 2.389   5.141   6.423   1.00 23.05 ? 7   DT  A N1    1 
ATOM   136 C  C2    . DT  A 1 7  ? 1.907   5.683   5.255   1.00 29.23 ? 7   DT  A C2    1 
ATOM   137 O  O2    . DT  A 1 7  ? 2.596   5.876   4.260   1.00 27.91 ? 7   DT  A O2    1 
ATOM   138 N  N3    . DT  A 1 7  ? 0.582   6.006   5.286   1.00 23.59 ? 7   DT  A N3    1 
ATOM   139 C  C4    . DT  A 1 7  ? -0.291  5.864   6.339   1.00 23.46 ? 7   DT  A C4    1 
ATOM   140 O  O4    . DT  A 1 7  ? -1.466  6.203   6.252   1.00 25.65 ? 7   DT  A O4    1 
ATOM   141 C  C5    . DT  A 1 7  ? 0.270   5.291   7.538   1.00 21.83 ? 7   DT  A C5    1 
ATOM   142 C  C7    . DT  A 1 7  ? -0.598  5.071   8.751   1.00 22.81 ? 7   DT  A C7    1 
ATOM   143 C  C6    . DT  A 1 7  ? 1.576   4.952   7.520   1.00 20.94 ? 7   DT  A C6    1 
ATOM   144 P  P     . DC  A 1 8  ? 7.452   6.082   6.253   1.00 24.71 ? 8   DC  A P     1 
ATOM   145 O  OP1   . DC  A 1 8  ? 8.122   6.559   7.487   1.00 25.81 ? 8   DC  A OP1   1 
ATOM   146 O  OP2   . DC  A 1 8  ? 6.563   6.990   5.484   1.00 25.37 ? 8   DC  A OP2   1 
ATOM   147 O  "O5'" . DC  A 1 8  ? 8.560   5.571   5.235   1.00 25.95 ? 8   DC  A "O5'" 1 
ATOM   148 C  "C5'" . DC  A 1 8  ? 9.538   4.622   5.674   1.00 26.83 ? 8   DC  A "C5'" 1 
ATOM   149 C  "C4'" . DC  A 1 8  ? 9.882   3.648   4.563   1.00 24.32 ? 8   DC  A "C4'" 1 
ATOM   150 O  "O4'" . DC  A 1 8  ? 8.872   2.610   4.513   1.00 21.66 ? 8   DC  A "O4'" 1 
ATOM   151 C  "C3'" . DC  A 1 8  ? 9.935   4.250   3.150   1.00 23.91 ? 8   DC  A "C3'" 1 
ATOM   152 O  "O3'" . DC  A 1 8  ? 10.981  3.667   2.412   1.00 28.21 ? 8   DC  A "O3'" 1 
ATOM   153 C  "C2'" . DC  A 1 8  ? 8.587   3.848   2.566   1.00 23.02 ? 8   DC  A "C2'" 1 
ATOM   154 C  "C1'" . DC  A 1 8  ? 8.423   2.478   3.196   1.00 18.48 ? 8   DC  A "C1'" 1 
ATOM   155 N  N1    . DC  A 1 8  ? 7.021   2.005   3.217   1.00 19.02 ? 8   DC  A N1    1 
ATOM   156 C  C2    . DC  A 1 8  ? 6.595   1.132   2.217   1.00 21.72 ? 8   DC  A C2    1 
ATOM   157 O  O2    . DC  A 1 8  ? 7.405   0.776   1.343   1.00 22.12 ? 8   DC  A O2    1 
ATOM   158 N  N3    . DC  A 1 8  ? 5.323   0.671   2.244   1.00 20.36 ? 8   DC  A N3    1 
ATOM   159 C  C4    . DC  A 1 8  ? 4.489   1.071   3.189   1.00 19.71 ? 8   DC  A C4    1 
ATOM   160 N  N4    . DC  A 1 8  ? 3.217   0.630   3.118   1.00 16.31 ? 8   DC  A N4    1 
ATOM   161 C  C5    . DC  A 1 8  ? 4.894   1.987   4.215   1.00 21.37 ? 8   DC  A C5    1 
ATOM   162 C  C6    . DC  A 1 8  ? 6.162   2.419   4.196   1.00 17.17 ? 8   DC  A C6    1 
ATOM   163 P  P     . DG  A 1 9  ? 12.399  4.411   2.273   1.00 30.00 ? 9   DG  A P     1 
ATOM   164 O  OP1   . DG  A 1 9  ? 12.171  5.875   2.270   1.00 33.20 ? 9   DG  A OP1   1 
ATOM   165 O  OP2   . DG  A 1 9  ? 13.095  3.770   1.150   1.00 29.78 ? 9   DG  A OP2   1 
ATOM   166 O  "O5'" . DG  A 1 9  ? 13.123  4.060   3.644   1.00 25.80 ? 9   DG  A "O5'" 1 
ATOM   167 C  "C5'" . DG  A 1 9  ? 13.498  2.705   3.938   1.00 26.26 ? 9   DG  A "C5'" 1 
ATOM   168 C  "C4'" . DG  A 1 9  ? 13.999  2.568   5.374   1.00 27.40 ? 9   DG  A "C4'" 1 
ATOM   169 O  "O4'" . DG  A 1 9  ? 12.972  3.026   6.287   1.00 26.76 ? 9   DG  A "O4'" 1 
ATOM   170 C  "C3'" . DG  A 1 9  ? 14.314  1.141   5.779   1.00 27.90 ? 9   DG  A "C3'" 1 
ATOM   171 O  "O3'" . DG  A 1 9  ? 15.729  0.897   5.606   1.00 26.80 ? 9   DG  A "O3'" 1 
ATOM   172 C  "C2'" . DG  A 1 9  ? 13.884  1.042   7.260   1.00 21.99 ? 9   DG  A "C2'" 1 
ATOM   173 C  "C1'" . DG  A 1 9  ? 12.954  2.250   7.468   1.00 26.27 ? 9   DG  A "C1'" 1 
ATOM   174 N  N9    . DG  A 1 9  ? 11.554  1.902   7.732   1.00 29.22 ? 9   DG  A N9    1 
ATOM   175 C  C8    . DG  A 1 9  ? 10.794  2.301   8.803   1.00 28.74 ? 9   DG  A C8    1 
ATOM   176 N  N7    . DG  A 1 9  ? 9.558   1.872   8.756   1.00 30.98 ? 9   DG  A N7    1 
ATOM   177 C  C5    . DG  A 1 9  ? 9.491   1.140   7.574   1.00 22.09 ? 9   DG  A C5    1 
ATOM   178 C  C6    . DG  A 1 9  ? 8.403   0.440   6.992   1.00 25.22 ? 9   DG  A C6    1 
ATOM   179 O  O6    . DG  A 1 9  ? 7.239   0.329   7.420   1.00 21.92 ? 9   DG  A O6    1 
ATOM   180 N  N1    . DG  A 1 9  ? 8.764   -0.159  5.788   1.00 21.98 ? 9   DG  A N1    1 
ATOM   181 C  C2    . DG  A 1 9  ? 10.022  -0.070  5.212   1.00 22.40 ? 9   DG  A C2    1 
ATOM   182 N  N2    . DG  A 1 9  ? 10.200  -0.711  4.044   1.00 24.78 ? 9   DG  A N2    1 
ATOM   183 N  N3    . DG  A 1 9  ? 11.037  0.586   5.749   1.00 23.22 ? 9   DG  A N3    1 
ATOM   184 C  C4    . DG  A 1 9  ? 10.708  1.152   6.925   1.00 20.98 ? 9   DG  A C4    1 
ATOM   185 P  P     . DC  A 1 10 ? 16.217  -0.358  4.737   1.00 34.49 ? 10  DC  A P     1 
ATOM   186 O  OP1   . DC  A 1 10 ? 17.689  -0.492  4.782   1.00 30.73 ? 10  DC  A OP1   1 
ATOM   187 O  OP2   . DC  A 1 10 ? 15.620  -0.213  3.393   1.00 35.92 ? 10  DC  A OP2   1 
ATOM   188 O  "O5'" . DC  A 1 10 ? 15.499  -1.595  5.473   1.00 26.91 ? 10  DC  A "O5'" 1 
ATOM   189 C  "C5'" . DC  A 1 10 ? 16.056  -2.890  5.362   1.00 25.12 ? 10  DC  A "C5'" 1 
ATOM   190 C  "C4'" . DC  A 1 10 ? 15.012  -3.885  4.909   1.00 23.31 ? 10  DC  A "C4'" 1 
ATOM   191 O  "O4'" . DC  A 1 10 ? 13.987  -3.987  5.930   1.00 20.71 ? 10  DC  A "O4'" 1 
ATOM   192 C  "C3'" . DC  A 1 10 ? 14.274  -3.530  3.606   1.00 24.44 ? 10  DC  A "C3'" 1 
ATOM   193 O  "O3'" . DC  A 1 10 ? 14.101  -4.697  2.845   1.00 26.62 ? 10  DC  A "O3'" 1 
ATOM   194 C  "C2'" . DC  A 1 10 ? 12.923  -3.020  4.100   1.00 25.73 ? 10  DC  A "C2'" 1 
ATOM   195 C  "C1'" . DC  A 1 10 ? 12.721  -3.919  5.295   1.00 19.84 ? 10  DC  A "C1'" 1 
ATOM   196 N  N1    . DC  A 1 10 ? 11.747  -3.415  6.271   1.00 23.07 ? 10  DC  A N1    1 
ATOM   197 C  C2    . DC  A 1 10 ? 10.420  -3.798  6.150   1.00 17.80 ? 10  DC  A C2    1 
ATOM   198 O  O2    . DC  A 1 10 ? 10.092  -4.516  5.210   1.00 20.00 ? 10  DC  A O2    1 
ATOM   199 N  N3    . DC  A 1 10 ? 9.532   -3.363  7.066   1.00 20.25 ? 10  DC  A N3    1 
ATOM   200 C  C4    . DC  A 1 10 ? 9.928   -2.570  8.064   1.00 19.01 ? 10  DC  A C4    1 
ATOM   201 N  N4    . DC  A 1 10 ? 8.997   -2.157  8.941   1.00 21.55 ? 10  DC  A N4    1 
ATOM   202 C  C5    . DC  A 1 10 ? 11.272  -2.163  8.209   1.00 19.40 ? 10  DC  A C5    1 
ATOM   203 C  C6    . DC  A 1 10 ? 12.153  -2.613  7.293   1.00 20.64 ? 10  DC  A C6    1 
ATOM   204 P  P     . DG  A 1 11 ? 15.133  -5.068  1.678   1.00 29.37 ? 11  DG  A P     1 
ATOM   205 O  OP1   . DG  A 1 11 ? 15.422  -3.826  0.940   1.00 30.88 ? 11  DG  A OP1   1 
ATOM   206 O  OP2   . DG  A 1 11 ? 14.597  -6.247  0.970   1.00 33.72 ? 11  DG  A OP2   1 
ATOM   207 O  "O5'" . DG  A 1 11 ? 16.486  -5.430  2.473   1.00 24.81 ? 11  DG  A "O5'" 1 
ATOM   208 C  "C5'" . DG  A 1 11 ? 16.704  -6.729  2.998   1.00 24.61 ? 11  DG  A "C5'" 1 
ATOM   209 C  "C4'" . DG  A 1 11 ? 18.035  -6.772  3.723   1.00 22.50 ? 11  DG  A "C4'" 1 
ATOM   210 O  "O4'" . DG  A 1 11 ? 17.998  -5.869  4.847   1.00 26.74 ? 11  DG  A "O4'" 1 
ATOM   211 C  "C3'" . DG  A 1 11 ? 18.438  -8.119  4.283   1.00 25.31 ? 11  DG  A "C3'" 1 
ATOM   212 O  "O3'" . DG  A 1 11 ? 19.845  -8.292  4.067   1.00 29.46 ? 11  DG  A "O3'" 1 
ATOM   213 C  "C2'" . DG  A 1 11 ? 18.083  -8.020  5.781   1.00 24.71 ? 11  DG  A "C2'" 1 
ATOM   214 C  "C1'" . DG  A 1 11 ? 18.341  -6.541  6.047   1.00 23.82 ? 11  DG  A "C1'" 1 
ATOM   215 N  N9    . DG  A 1 11 ? 17.564  -5.904  7.128   1.00 20.98 ? 11  DG  A N9    1 
ATOM   216 C  C8    . DG  A 1 11 ? 18.038  -4.964  8.011   1.00 22.11 ? 11  DG  A C8    1 
ATOM   217 N  N7    . DG  A 1 11 ? 17.144  -4.505  8.832   1.00 23.16 ? 11  DG  A N7    1 
ATOM   218 C  C5    . DG  A 1 11 ? 15.966  -5.132  8.426   1.00 24.43 ? 11  DG  A C5    1 
ATOM   219 C  C6    . DG  A 1 11 ? 14.651  -5.018  8.936   1.00 20.45 ? 11  DG  A C6    1 
ATOM   220 O  O6    . DG  A 1 11 ? 14.238  -4.294  9.856   1.00 22.80 ? 11  DG  A O6    1 
ATOM   221 N  N1    . DG  A 1 11 ? 13.751  -5.845  8.250   1.00 19.20 ? 11  DG  A N1    1 
ATOM   222 C  C2    . DG  A 1 11 ? 14.079  -6.668  7.207   1.00 18.32 ? 11  DG  A C2    1 
ATOM   223 N  N2    . DG  A 1 11 ? 13.053  -7.359  6.657   1.00 20.18 ? 11  DG  A N2    1 
ATOM   224 N  N3    . DG  A 1 11 ? 15.308  -6.785  6.706   1.00 16.97 ? 11  DG  A N3    1 
ATOM   225 C  C4    . DG  A 1 11 ? 16.204  -5.982  7.362   1.00 20.15 ? 11  DG  A C4    1 
ATOM   226 O  "O5'" . DC  B 1 1  ? 3.554   -8.924  9.128   1.00 53.51 ? 1   DC  B "O5'" 1 
ATOM   227 C  "C5'" . DC  B 1 1  ? 4.707   -8.149  9.430   1.00 37.20 ? 1   DC  B "C5'" 1 
ATOM   228 C  "C4'" . DC  B 1 1  ? 5.723   -8.254  8.314   1.00 22.71 ? 1   DC  B "C4'" 1 
ATOM   229 O  "O4'" . DC  B 1 1  ? 6.605   -7.100  8.365   1.00 23.91 ? 1   DC  B "O4'" 1 
ATOM   230 C  "C3'" . DC  B 1 1  ? 6.625   -9.491  8.382   1.00 23.77 ? 1   DC  B "C3'" 1 
ATOM   231 O  "O3'" . DC  B 1 1  ? 6.845   -9.990  7.087   1.00 26.32 ? 1   DC  B "O3'" 1 
ATOM   232 C  "C2'" . DC  B 1 1  ? 7.912   -8.919  8.954   1.00 22.01 ? 1   DC  B "C2'" 1 
ATOM   233 C  "C1'" . DC  B 1 1  ? 7.923   -7.554  8.273   1.00 20.29 ? 1   DC  B "C1'" 1 
ATOM   234 N  N1    . DC  B 1 1  ? 8.831   -6.617  8.960   1.00 20.61 ? 1   DC  B N1    1 
ATOM   235 C  C2    . DC  B 1 1  ? 10.115  -6.440  8.449   1.00 24.13 ? 1   DC  B C2    1 
ATOM   236 O  O2    . DC  B 1 1  ? 10.429  -7.035  7.401   1.00 22.37 ? 1   DC  B O2    1 
ATOM   237 N  N3    . DC  B 1 1  ? 10.976  -5.626  9.109   1.00 20.16 ? 1   DC  B N3    1 
ATOM   238 C  C4    . DC  B 1 1  ? 10.590  -5.017  10.237  1.00 20.83 ? 1   DC  B C4    1 
ATOM   239 N  N4    . DC  B 1 1  ? 11.475  -4.207  10.852  1.00 21.61 ? 1   DC  B N4    1 
ATOM   240 C  C5    . DC  B 1 1  ? 9.282   -5.195  10.780  1.00 20.01 ? 1   DC  B C5    1 
ATOM   241 C  C6    . DC  B 1 1  ? 8.450   -6.014  10.123  1.00 18.97 ? 1   DC  B C6    1 
ATOM   242 P  P     . DG  B 1 2  ? 5.867   -11.095 6.446   1.00 24.17 ? 2   DG  B P     1 
ATOM   243 O  OP1   . DG  B 1 2  ? 5.455   -12.043 7.510   1.00 24.93 ? 2   DG  B OP1   1 
ATOM   244 O  OP2   . DG  B 1 2  ? 6.582   -11.588 5.265   1.00 22.94 ? 2   DG  B OP2   1 
ATOM   245 O  "O5'" . DG  B 1 2  ? 4.590   -10.243 6.001   1.00 23.19 ? 2   DG  B "O5'" 1 
ATOM   246 C  "C5'" . DG  B 1 2  ? 4.690   -9.281  4.938   1.00 23.42 ? 2   DG  B "C5'" 1 
ATOM   247 C  "C4'" . DG  B 1 2  ? 3.369   -8.554  4.793   1.00 24.78 ? 2   DG  B "C4'" 1 
ATOM   248 O  "O4'" . DG  B 1 2  ? 3.022   -7.966  6.053   1.00 22.06 ? 2   DG  B "O4'" 1 
ATOM   249 C  "C3'" . DG  B 1 2  ? 3.360   -7.433  3.772   1.00 19.99 ? 2   DG  B "C3'" 1 
ATOM   250 O  "O3'" . DG  B 1 2  ? 2.802   -7.932  2.581   1.00 25.51 ? 2   DG  B "O3'" 1 
ATOM   251 C  "C2'" . DG  B 1 2  ? 2.432   -6.377  4.375   1.00 23.36 ? 2   DG  B "C2'" 1 
ATOM   252 C  "C1'" . DG  B 1 2  ? 2.407   -6.710  5.865   1.00 25.12 ? 2   DG  B "C1'" 1 
ATOM   253 N  N9    . DG  B 1 2  ? 3.120   -5.774  6.698   1.00 24.73 ? 2   DG  B N9    1 
ATOM   254 C  C8    . DG  B 1 2  ? 2.637   -5.139  7.819   1.00 28.14 ? 2   DG  B C8    1 
ATOM   255 N  N7    . DG  B 1 2  ? 3.519   -4.387  8.411   1.00 24.89 ? 2   DG  B N7    1 
ATOM   256 C  C5    . DG  B 1 2  ? 4.659   -4.540  7.641   1.00 25.14 ? 2   DG  B C5    1 
ATOM   257 C  C6    . DG  B 1 2  ? 5.927   -3.956  7.793   1.00 24.09 ? 2   DG  B C6    1 
ATOM   258 O  O6    . DG  B 1 2  ? 6.302   -3.191  8.677   1.00 22.91 ? 2   DG  B O6    1 
ATOM   259 N  N1    . DG  B 1 2  ? 6.819   -4.364  6.783   1.00 19.11 ? 2   DG  B N1    1 
ATOM   260 C  C2    . DG  B 1 2  ? 6.515   -5.250  5.783   1.00 18.20 ? 2   DG  B C2    1 
ATOM   261 N  N2    . DG  B 1 2  ? 7.515   -5.538  4.924   1.00 16.78 ? 2   DG  B N2    1 
ATOM   262 N  N3    . DG  B 1 2  ? 5.316   -5.799  5.618   1.00 21.96 ? 2   DG  B N3    1 
ATOM   263 C  C4    . DG  B 1 2  ? 4.440   -5.401  6.589   1.00 27.47 ? 2   DG  B C4    1 
HETATM 264 BR BR    . CBR B 1 3  ? 2.645   -2.513  5.130   1.00 35.86 ? 3   CBR B BR    1 
HETATM 265 P  P     . CBR B 1 3  ? 3.584   -7.783  1.194   1.00 33.94 ? 3   CBR B P     1 
HETATM 266 O  OP1   . CBR B 1 3  ? 2.616   -8.164  0.086   1.00 29.26 ? 3   CBR B OP1   1 
HETATM 267 O  OP2   . CBR B 1 3  ? 4.918   -8.453  1.403   1.00 36.60 ? 3   CBR B OP2   1 
HETATM 268 O  "O5'" . CBR B 1 3  ? 3.893   -6.215  1.051   1.00 23.21 ? 3   CBR B "O5'" 1 
HETATM 269 N  N1    . CBR B 1 3  ? 5.947   -2.972  2.699   1.00 18.75 ? 3   CBR B N1    1 
HETATM 270 C  C6    . CBR B 1 3  ? 4.691   -3.033  3.176   1.00 19.16 ? 3   CBR B C6    1 
HETATM 271 C  C2    . CBR B 1 3  ? 6.953   -2.251  3.387   1.00 21.12 ? 3   CBR B C2    1 
HETATM 272 O  O2    . CBR B 1 3  ? 8.128   -2.190  2.916   1.00 19.48 ? 3   CBR B O2    1 
HETATM 273 N  N3    . CBR B 1 3  ? 6.665   -1.634  4.555   1.00 20.07 ? 3   CBR B N3    1 
HETATM 274 C  C4    . CBR B 1 3  ? 5.428   -1.685  5.093   1.00 22.61 ? 3   CBR B C4    1 
HETATM 275 N  N4    . CBR B 1 3  ? 5.143   -1.057  6.256   1.00 29.09 ? 3   CBR B N4    1 
HETATM 276 C  C5    . CBR B 1 3  ? 4.385   -2.427  4.383   1.00 24.16 ? 3   CBR B C5    1 
HETATM 277 C  "C2'" . CBR B 1 3  ? 6.805   -5.040  1.557   1.00 19.15 ? 3   CBR B "C2'" 1 
HETATM 278 C  "C5'" . CBR B 1 3  ? 3.971   -5.632  -0.225  1.00 19.57 ? 3   CBR B "C5'" 1 
HETATM 279 C  "C4'" . CBR B 1 3  ? 5.252   -4.808  -0.268  1.00 18.96 ? 3   CBR B "C4'" 1 
HETATM 280 O  "O4'" . CBR B 1 3  ? 5.144   -3.704  0.628   1.00 21.69 ? 3   CBR B "O4'" 1 
HETATM 281 C  "C1'" . CBR B 1 3  ? 6.316   -3.604  1.434   1.00 20.36 ? 3   CBR B "C1'" 1 
HETATM 282 C  "C3'" . CBR B 1 3  ? 6.480   -5.587  0.180   1.00 16.69 ? 3   CBR B "C3'" 1 
HETATM 283 O  "O3'" . CBR B 1 3  ? 7.532   -5.098  -0.647  1.00 26.26 ? 3   CBR B "O3'" 1 
ATOM   284 P  P     . DG  B 1 4  ? 8.032   -5.926  -1.920  1.00 25.96 ? 4   DG  B P     1 
ATOM   285 O  OP1   . DG  B 1 4  ? 7.869   -7.345  -1.617  1.00 26.46 ? 4   DG  B OP1   1 
ATOM   286 O  OP2   . DG  B 1 4  ? 9.308   -5.377  -2.381  1.00 34.14 ? 4   DG  B OP2   1 
ATOM   287 O  "O5'" . DG  B 1 4  ? 6.928   -5.616  -3.010  1.00 22.12 ? 4   DG  B "O5'" 1 
ATOM   288 C  "C5'" . DG  B 1 4  ? 6.848   -4.360  -3.578  1.00 21.08 ? 4   DG  B "C5'" 1 
ATOM   289 C  "C4'" . DG  B 1 4  ? 5.686   -4.337  -4.526  1.00 24.78 ? 4   DG  B "C4'" 1 
ATOM   290 O  "O4'" . DG  B 1 4  ? 4.457   -4.466  -3.779  1.00 21.26 ? 4   DG  B "O4'" 1 
ATOM   291 C  "C3'" . DG  B 1 4  ? 5.591   -3.084  -5.365  1.00 34.43 ? 4   DG  B "C3'" 1 
ATOM   292 O  "O3'" . DG  B 1 4  ? 5.484   -3.452  -6.724  1.00 48.34 ? 4   DG  B "O3'" 1 
ATOM   293 C  "C2'" . DG  B 1 4  ? 4.343   -2.362  -4.859  1.00 28.17 ? 4   DG  B "C2'" 1 
ATOM   294 C  "C1'" . DG  B 1 4  ? 3.557   -3.435  -4.115  1.00 22.35 ? 4   DG  B "C1'" 1 
ATOM   295 N  N9    . DG  B 1 4  ? 2.980   -2.953  -2.865  1.00 18.75 ? 4   DG  B N9    1 
ATOM   296 C  C8    . DG  B 1 4  ? 1.699   -3.148  -2.413  1.00 18.63 ? 4   DG  B C8    1 
ATOM   297 N  N7    . DG  B 1 4  ? 1.464   -2.598  -1.277  1.00 18.36 ? 4   DG  B N7    1 
ATOM   298 C  C5    . DG  B 1 4  ? 2.685   -2.016  -0.920  1.00 18.25 ? 4   DG  B C5    1 
ATOM   299 C  C6    . DG  B 1 4  ? 3.057   -1.327  0.249   1.00 25.39 ? 4   DG  B C6    1 
ATOM   300 O  O6    . DG  B 1 4  ? 2.342   -1.031  1.215   1.00 20.34 ? 4   DG  B O6    1 
ATOM   301 N  N1    . DG  B 1 4  ? 4.381   -0.893  0.200   1.00 20.98 ? 4   DG  B N1    1 
ATOM   302 C  C2    . DG  B 1 4  ? 5.249   -1.164  -0.835  1.00 19.10 ? 4   DG  B C2    1 
ATOM   303 N  N2    . DG  B 1 4  ? 6.492   -0.681  -0.715  1.00 25.78 ? 4   DG  B N2    1 
ATOM   304 N  N3    . DG  B 1 4  ? 4.915   -1.846  -1.915  1.00 18.74 ? 4   DG  B N3    1 
ATOM   305 C  C4    . DG  B 1 4  ? 3.625   -2.236  -1.892  1.00 15.31 ? 4   DG  B C4    1 
ATOM   306 P  P     . DA  B 1 5  ? 6.078   -2.492  -7.861  1.00 50.77 ? 5   DA  B P     1 
ATOM   307 O  OP1   . DA  B 1 5  ? 6.240   -3.318  -9.078  1.00 54.92 ? 5   DA  B OP1   1 
ATOM   308 O  OP2   . DA  B 1 5  ? 7.222   -1.748  -7.265  1.00 41.16 ? 5   DA  B OP2   1 
ATOM   309 O  "O5'" . DA  B 1 5  ? 4.891   -1.455  -8.110  1.00 47.02 ? 5   DA  B "O5'" 1 
ATOM   310 C  "C5'" . DA  B 1 5  ? 3.559   -1.917  -8.197  1.00 43.63 ? 5   DA  B "C5'" 1 
ATOM   311 C  "C4'" . DA  B 1 5  ? 2.600   -0.787  -7.861  1.00 46.97 ? 5   DA  B "C4'" 1 
ATOM   312 O  "O4'" . DA  B 1 5  ? 2.564   -0.563  -6.412  1.00 44.90 ? 5   DA  B "O4'" 1 
ATOM   313 C  "C3'" . DA  B 1 5  ? 2.963   0.573   -8.479  1.00 48.17 ? 5   DA  B "C3'" 1 
ATOM   314 O  "O3'" . DA  B 1 5  ? 1.766   1.208   -8.896  1.00 54.33 ? 5   DA  B "O3'" 1 
ATOM   315 C  "C2'" . DA  B 1 5  ? 3.593   1.312   -7.299  1.00 42.53 ? 5   DA  B "C2'" 1 
ATOM   316 C  "C1'" . DA  B 1 5  ? 2.671   0.823   -6.201  1.00 38.79 ? 5   DA  B "C1'" 1 
ATOM   317 N  N9    . DA  B 1 5  ? 3.089   1.134   -4.832  1.00 28.68 ? 5   DA  B N9    1 
ATOM   318 C  C8    . DA  B 1 5  ? 4.289   1.642   -4.414  1.00 28.04 ? 5   DA  B C8    1 
ATOM   319 N  N7    . DA  B 1 5  ? 4.347   1.859   -3.116  1.00 22.86 ? 5   DA  B N7    1 
ATOM   320 C  C5    . DA  B 1 5  ? 3.081   1.491   -2.666  1.00 21.38 ? 5   DA  B C5    1 
ATOM   321 C  C6    . DA  B 1 5  ? 2.483   1.490   -1.383  1.00 21.40 ? 5   DA  B C6    1 
ATOM   322 N  N6    . DA  B 1 5  ? 3.091   1.900   -0.278  1.00 21.43 ? 5   DA  B N6    1 
ATOM   323 N  N1    . DA  B 1 5  ? 1.215   1.053   -1.284  1.00 21.29 ? 5   DA  B N1    1 
ATOM   324 C  C2    . DA  B 1 5  ? 0.580   0.650   -2.391  1.00 15.07 ? 5   DA  B C2    1 
ATOM   325 N  N3    . DA  B 1 5  ? 1.042   0.611   -3.651  1.00 27.19 ? 5   DA  B N3    1 
ATOM   326 C  C4    . DA  B 1 5  ? 2.300   1.062   -3.713  1.00 23.06 ? 5   DA  B C4    1 
HETATM 327 O  "O5'" . LCC B 1 6  ? 1.330   3.664   -9.277  1.00 48.11 ? 6   LCC B "O5'" 1 
HETATM 328 C  "C5'" . LCC B 1 6  ? -0.036  3.843   -8.979  1.00 35.52 ? 6   LCC B "C5'" 1 
HETATM 329 C  "C4'" . LCC B 1 6  ? -0.426  3.863   -7.496  1.00 26.02 ? 6   LCC B "C4'" 1 
HETATM 330 O  "O4'" . LCC B 1 6  ? 0.384   3.209   -6.494  1.00 24.89 ? 6   LCC B "O4'" 1 
HETATM 331 C  "C1'" . LCC B 1 6  ? -0.173  3.640   -5.230  1.00 21.92 ? 6   LCC B "C1'" 1 
HETATM 332 N  N1    . LCC B 1 6  ? 0.839   4.108   -4.270  1.00 22.59 ? 6   LCC B N1    1 
HETATM 333 C  C6    . LCC B 1 6  ? 2.080   4.422   -4.702  1.00 25.23 ? 6   LCC B C6    1 
HETATM 334 C  C5    . LCC B 1 6  ? 3.043   4.860   -3.786  1.00 23.88 ? 6   LCC B C5    1 
HETATM 335 C  C5M   . LCC B 1 6  ? 4.438   5.195   -4.228  1.00 22.06 ? 6   LCC B C5M   1 
HETATM 336 C  C4    . LCC B 1 6  ? 2.750   4.783   -2.338  1.00 26.09 ? 6   LCC B C4    1 
HETATM 337 N  N4    . LCC B 1 6  ? 3.679   5.320   -1.323  1.00 25.42 ? 6   LCC B N4    1 
HETATM 338 N  N3    . LCC B 1 6  ? 1.376   4.548   -1.961  1.00 22.68 ? 6   LCC B N3    1 
HETATM 339 C  C2    . LCC B 1 6  ? 0.508   4.150   -2.891  1.00 21.81 ? 6   LCC B C2    1 
HETATM 340 O  O2    . LCC B 1 6  ? -0.654  3.852   -2.515  1.00 23.65 ? 6   LCC B O2    1 
HETATM 341 C  "C3'" . LCC B 1 6  ? -0.550  5.244   -6.920  1.00 22.81 ? 6   LCC B "C3'" 1 
HETATM 342 C  "C2'" . LCC B 1 6  ? -1.166  4.695   -5.658  1.00 22.81 ? 6   LCC B "C2'" 1 
HETATM 343 O  "O2'" . LCC B 1 6  ? -2.234  3.881   -6.131  1.00 24.03 ? 6   LCC B "O2'" 1 
HETATM 344 O  "O3'" . LCC B 1 6  ? -1.524  5.952   -7.696  1.00 25.38 ? 6   LCC B "O3'" 1 
HETATM 345 C  "C6'" . LCC B 1 6  ? -1.816  3.269   -7.344  1.00 26.59 ? 6   LCC B "C6'" 1 
HETATM 346 P  P     . LCC B 1 6  ? 1.746   2.313   -10.062 1.00 47.73 ? 6   LCC B P     1 
HETATM 347 O  O1P   . LCC B 1 6  ? 0.673   1.801   -10.984 1.00 43.28 ? 6   LCC B O1P   1 
HETATM 348 O  O2P   . LCC B 1 6  ? 3.042   2.565   -10.778 1.00 43.24 ? 6   LCC B O2P   1 
ATOM   349 P  P     . DT  B 1 7  ? -1.685  7.541   -7.581  1.00 23.48 ? 7   DT  B P     1 
ATOM   350 O  OP1   . DT  B 1 7  ? -2.545  7.928   -8.717  1.00 25.07 ? 7   DT  B OP1   1 
ATOM   351 O  OP2   . DT  B 1 7  ? -0.394  8.216   -7.326  1.00 27.05 ? 7   DT  B OP2   1 
ATOM   352 O  "O5'" . DT  B 1 7  ? -2.543  7.780   -6.245  1.00 21.57 ? 7   DT  B "O5'" 1 
ATOM   353 C  "C5'" . DT  B 1 7  ? -3.776  7.097   -6.038  1.00 22.04 ? 7   DT  B "C5'" 1 
ATOM   354 C  "C4'" . DT  B 1 7  ? -4.106  7.012   -4.554  1.00 19.74 ? 7   DT  B "C4'" 1 
ATOM   355 O  "O4'" . DT  B 1 7  ? -2.921  6.598   -3.801  1.00 18.95 ? 7   DT  B "O4'" 1 
ATOM   356 C  "C3'" . DT  B 1 7  ? -4.568  8.305   -3.906  1.00 19.43 ? 7   DT  B "C3'" 1 
ATOM   357 O  "O3'" . DT  B 1 7  ? -5.491  7.970   -2.876  1.00 18.89 ? 7   DT  B "O3'" 1 
ATOM   358 C  "C2'" . DT  B 1 7  ? -3.284  8.840   -3.315  1.00 20.33 ? 7   DT  B "C2'" 1 
ATOM   359 C  "C1'" . DT  B 1 7  ? -2.657  7.548   -2.811  1.00 18.79 ? 7   DT  B "C1'" 1 
ATOM   360 N  N1    . DT  B 1 7  ? -1.182  7.666   -2.599  1.00 20.48 ? 7   DT  B N1    1 
ATOM   361 C  C2    . DT  B 1 7  ? -0.677  7.506   -1.319  1.00 29.33 ? 7   DT  B C2    1 
ATOM   362 O  O2    . DT  B 1 7  ? -1.367  7.247   -0.352  1.00 24.69 ? 7   DT  B O2    1 
ATOM   363 N  N3    . DT  B 1 7  ? 0.667   7.662   -1.219  1.00 21.71 ? 7   DT  B N3    1 
ATOM   364 C  C4    . DT  B 1 7  ? 1.555   7.954   -2.238  1.00 24.82 ? 7   DT  B C4    1 
ATOM   365 O  O4    . DT  B 1 7  ? 2.758   8.077   -2.032  1.00 25.82 ? 7   DT  B O4    1 
ATOM   366 C  C5    . DT  B 1 7  ? 0.975   8.108   -3.553  1.00 21.32 ? 7   DT  B C5    1 
ATOM   367 C  C7    . DT  B 1 7  ? 1.842   8.418   -4.731  1.00 21.98 ? 7   DT  B C7    1 
ATOM   368 C  C6    . DT  B 1 7  ? -0.356  7.959   -3.671  1.00 23.84 ? 7   DT  B C6    1 
ATOM   369 P  P     . DC  B 1 8  ? -6.248  9.097   -2.025  1.00 24.80 ? 8   DC  B P     1 
ATOM   370 O  OP1   . DC  B 1 8  ? -6.745  10.149  -2.939  1.00 29.29 ? 8   DC  B OP1   1 
ATOM   371 O  OP2   . DC  B 1 8  ? -5.430  9.410   -0.815  1.00 23.95 ? 8   DC  B OP2   1 
ATOM   372 O  "O5'" . DC  B 1 8  ? -7.488  8.282   -1.426  1.00 22.93 ? 8   DC  B "O5'" 1 
ATOM   373 C  "C5'" . DC  B 1 8  ? -8.519  7.838   -2.288  1.00 25.96 ? 8   DC  B "C5'" 1 
ATOM   374 C  "C4'" . DC  B 1 8  ? -9.063  6.478   -1.843  1.00 22.33 ? 8   DC  B "C4'" 1 
ATOM   375 O  "O4'" . DC  B 1 8  ? -8.160  5.431   -2.264  1.00 19.92 ? 8   DC  B "O4'" 1 
ATOM   376 C  "C3'" . DC  B 1 8  ? -9.274  6.261   -0.344  1.00 19.15 ? 8   DC  B "C3'" 1 
ATOM   377 O  "O3'" . DC  B 1 8  ? -10.417 5.446   -0.179  1.00 21.12 ? 8   DC  B "O3'" 1 
ATOM   378 C  "C2'" . DC  B 1 8  ? -8.030  5.463   0.049   1.00 17.48 ? 8   DC  B "C2'" 1 
ATOM   379 C  "C1'" . DC  B 1 8  ? -7.888  4.586   -1.186  1.00 19.85 ? 8   DC  B "C1'" 1 
ATOM   380 N  N1    . DC  B 1 8  ? -6.521  4.011   -1.372  1.00 18.85 ? 8   DC  B N1    1 
ATOM   381 C  C2    . DC  B 1 8  ? -6.306  2.721   -0.977  1.00 20.61 ? 8   DC  B C2    1 
ATOM   382 O  O2    . DC  B 1 8  ? -7.243  2.092   -0.486  1.00 20.88 ? 8   DC  B O2    1 
ATOM   383 N  N3    . DC  B 1 8  ? -5.077  2.185   -1.123  1.00 16.83 ? 8   DC  B N3    1 
ATOM   384 C  C4    . DC  B 1 8  ? -4.094  2.894   -1.655  1.00 20.62 ? 8   DC  B C4    1 
ATOM   385 N  N4    . DC  B 1 8  ? -2.892  2.299   -1.778  1.00 20.24 ? 8   DC  B N4    1 
ATOM   386 C  C5    . DC  B 1 8  ? -4.289  4.238   -2.081  1.00 22.21 ? 8   DC  B C5    1 
ATOM   387 C  C6    . DC  B 1 8  ? -5.519  4.758   -1.908  1.00 20.87 ? 8   DC  B C6    1 
ATOM   388 P  P     . DG  B 1 9  ? -11.838 6.049   0.246   1.00 24.75 ? 9   DG  B P     1 
ATOM   389 O  OP1   . DG  B 1 9  ? -11.657 7.109   1.260   1.00 23.78 ? 9   DG  B OP1   1 
ATOM   390 O  OP2   . DG  B 1 9  ? -12.651 4.844   0.523   1.00 28.37 ? 9   DG  B OP2   1 
ATOM   391 O  "O5'" . DG  B 1 9  ? -12.417 6.730   -1.067  1.00 23.00 ? 9   DG  B "O5'" 1 
ATOM   392 C  "C5'" . DG  B 1 9  ? -12.715 5.949   -2.212  1.00 22.38 ? 9   DG  B "C5'" 1 
ATOM   393 C  "C4'" . DG  B 1 9  ? -12.983 6.843   -3.397  1.00 21.53 ? 9   DG  B "C4'" 1 
ATOM   394 O  "O4'" . DG  B 1 9  ? -11.771 7.551   -3.737  1.00 21.79 ? 9   DG  B "O4'" 1 
ATOM   395 C  "C3'" . DG  B 1 9  ? -13.411 6.096   -4.639  1.00 24.34 ? 9   DG  B "C3'" 1 
ATOM   396 O  "O3'" . DG  B 1 9  ? -14.837 6.094   -4.662  1.00 22.48 ? 9   DG  B "O3'" 1 
ATOM   397 C  "C2'" . DG  B 1 9  ? -12.784 6.908   -5.793  1.00 23.24 ? 9   DG  B "C2'" 1 
ATOM   398 C  "C1'" . DG  B 1 9  ? -11.628 7.667   -5.115  1.00 23.17 ? 9   DG  B "C1'" 1 
ATOM   399 N  N9    . DG  B 1 9  ? -10.284 7.214   -5.437  1.00 22.33 ? 9   DG  B N9    1 
ATOM   400 C  C8    . DG  B 1 9  ? -9.298  7.958   -6.039  1.00 21.24 ? 9   DG  B C8    1 
ATOM   401 N  N7    . DG  B 1 9  ? -8.172  7.315   -6.177  1.00 22.34 ? 9   DG  B N7    1 
ATOM   402 C  C5    . DG  B 1 9  ? -8.425  6.065   -5.620  1.00 20.13 ? 9   DG  B C5    1 
ATOM   403 C  C6    . DG  B 1 9  ? -7.573  4.942   -5.492  1.00 23.49 ? 9   DG  B C6    1 
ATOM   404 O  O6    . DG  B 1 9  ? -6.392  4.830   -5.863  1.00 21.42 ? 9   DG  B O6    1 
ATOM   405 N  N1    . DG  B 1 9  ? -8.224  3.865   -4.888  1.00 18.98 ? 9   DG  B N1    1 
ATOM   406 C  C2    . DG  B 1 9  ? -9.529  3.876   -4.442  1.00 24.73 ? 9   DG  B C2    1 
ATOM   407 N  N2    . DG  B 1 9  ? -9.967  2.747   -3.856  1.00 22.72 ? 9   DG  B N2    1 
ATOM   408 N  N3    . DG  B 1 9  ? -10.336 4.930   -4.545  1.00 20.22 ? 9   DG  B N3    1 
ATOM   409 C  C4    . DG  B 1 9  ? -9.716  5.987   -5.146  1.00 19.24 ? 9   DG  B C4    1 
ATOM   410 P  P     . DC  B 1 10 ? -15.671 5.291   -5.779  1.00 29.53 ? 10  DC  B P     1 
ATOM   411 O  OP1   . DC  B 1 10 ? -15.349 5.834   -7.110  1.00 26.61 ? 10  DC  B OP1   1 
ATOM   412 O  OP2   . DC  B 1 10 ? -17.084 5.253   -5.322  1.00 31.49 ? 10  DC  B OP2   1 
ATOM   413 O  "O5'" . DC  B 1 10 ? -15.110 3.787   -5.726  1.00 21.54 ? 10  DC  B "O5'" 1 
ATOM   414 C  "C5'" . DC  B 1 10 ? -15.789 2.783   -6.480  1.00 23.60 ? 10  DC  B "C5'" 1 
ATOM   415 C  "C4'" . DC  B 1 10 ? -15.043 1.460   -6.414  1.00 20.71 ? 10  DC  B "C4'" 1 
ATOM   416 O  "O4'" . DC  B 1 10 ? -13.855 1.568   -7.220  1.00 17.65 ? 10  DC  B "O4'" 1 
ATOM   417 C  "C3'" . DC  B 1 10 ? -14.566 1.044   -5.004  1.00 23.47 ? 10  DC  B "C3'" 1 
ATOM   418 O  "O3'" . DC  B 1 10 ? -14.765 -0.352  -4.834  1.00 27.26 ? 10  DC  B "O3'" 1 
ATOM   419 C  "C2'" . DC  B 1 10 ? -13.065 1.356   -5.057  1.00 20.99 ? 10  DC  B "C2'" 1 
ATOM   420 C  "C1'" . DC  B 1 10 ? -12.764 1.034   -6.523  1.00 18.11 ? 10  DC  B "C1'" 1 
ATOM   421 N  N1    . DC  B 1 10 ? -11.553 1.699   -7.020  1.00 17.91 ? 10  DC  B N1    1 
ATOM   422 C  C2    . DC  B 1 10 ? -10.344 1.042   -6.947  1.00 21.17 ? 10  DC  B C2    1 
ATOM   423 O  O2    . DC  B 1 10 ? -10.313 -0.107  -6.493  1.00 24.91 ? 10  DC  B O2    1 
ATOM   424 N  N3    . DC  B 1 10 ? -9.227  1.675   -7.372  1.00 20.38 ? 10  DC  B N3    1 
ATOM   425 C  C4    . DC  B 1 10 ? -9.302  2.903   -7.883  1.00 21.70 ? 10  DC  B C4    1 
ATOM   426 N  N4    . DC  B 1 10 ? -8.170  3.470   -8.305  1.00 21.95 ? 10  DC  B N4    1 
ATOM   427 C  C5    . DC  B 1 10 ? -10.534 3.603   -7.956  1.00 22.54 ? 10  DC  B C5    1 
ATOM   428 C  C6    . DC  B 1 10 ? -11.627 2.972   -7.508  1.00 20.96 ? 10  DC  B C6    1 
ATOM   429 P  P     . DG  B 1 11 ? -16.073 -0.927  -4.101  1.00 30.57 ? 11  DG  B P     1 
ATOM   430 O  OP1   . DG  B 1 11 ? -16.366 -0.162  -2.882  1.00 29.74 ? 11  DG  B OP1   1 
ATOM   431 O  OP2   . DG  B 1 11 ? -15.901 -2.401  -4.042  1.00 33.36 ? 11  DG  B OP2   1 
ATOM   432 O  "O5'" . DG  B 1 11 ? -17.237 -0.655  -5.157  1.00 30.19 ? 11  DG  B "O5'" 1 
ATOM   433 C  "C5'" . DG  B 1 11 ? -17.280 -1.437  -6.334  1.00 29.64 ? 11  DG  B "C5'" 1 
ATOM   434 C  "C4'" . DG  B 1 11 ? -18.299 -0.915  -7.335  1.00 29.42 ? 11  DG  B "C4'" 1 
ATOM   435 O  "O4'" . DG  B 1 11 ? -18.132 0.513   -7.525  1.00 26.34 ? 11  DG  B "O4'" 1 
ATOM   436 C  "C3'" . DG  B 1 11 ? -18.138 -1.510  -8.719  1.00 33.70 ? 11  DG  B "C3'" 1 
ATOM   437 O  "O3'" . DG  B 1 11 ? -18.873 -2.727  -8.803  1.00 41.87 ? 11  DG  B "O3'" 1 
ATOM   438 C  "C2'" . DG  B 1 11 ? -18.706 -0.430  -9.648  1.00 28.11 ? 11  DG  B "C2'" 1 
ATOM   439 C  "C1'" . DG  B 1 11 ? -18.471 0.867   -8.871  1.00 26.89 ? 11  DG  B "C1'" 1 
ATOM   440 N  N9    . DG  B 1 11 ? -17.386 1.692   -9.390  1.00 26.69 ? 11  DG  B N9    1 
ATOM   441 C  C8    . DG  B 1 11 ? -17.431 3.034   -9.681  1.00 23.60 ? 11  DG  B C8    1 
ATOM   442 N  N7    . DG  B 1 11 ? -16.283 3.512   -10.077 1.00 22.57 ? 11  DG  B N7    1 
ATOM   443 C  C5    . DG  B 1 11 ? -15.427 2.417   -10.042 1.00 23.60 ? 11  DG  B C5    1 
ATOM   444 C  C6    . DG  B 1 11 ? -14.051 2.333   -10.340 1.00 23.18 ? 11  DG  B C6    1 
ATOM   445 O  O6    . DG  B 1 11 ? -13.309 3.236   -10.730 1.00 23.77 ? 11  DG  B O6    1 
ATOM   446 N  N1    . DG  B 1 11 ? -13.548 1.036   -10.145 1.00 20.97 ? 11  DG  B N1    1 
ATOM   447 C  C2    . DG  B 1 11 ? -14.301 -0.029  -9.742  1.00 24.45 ? 11  DG  B C2    1 
ATOM   448 N  N2    . DG  B 1 11 ? -13.662 -1.212  -9.617  1.00 27.85 ? 11  DG  B N2    1 
ATOM   449 N  N3    . DG  B 1 11 ? -15.585 0.055   -9.430  1.00 26.57 ? 11  DG  B N3    1 
ATOM   450 C  C4    . DG  B 1 11 ? -16.082 1.298   -9.612  1.00 24.95 ? 11  DG  B C4    1 
HETATM 451 AG AG    . AG  C 2 .  ? 0.080   0.647   0.528   1.00 21.29 ? 101 AG  A AG    1 
HETATM 452 AG AG    . AG  D 2 .  ? -0.256  -2.725  -0.127  1.00 22.50 ? 102 AG  A AG    1 
HETATM 453 O  O     . HOH E 3 .  ? -2.960  -0.121  10.888  1.00 50.05 ? 201 HOH A O     1 
HETATM 454 O  O     . HOH E 3 .  ? -6.608  -1.798  7.219   1.00 44.11 ? 202 HOH A O     1 
HETATM 455 O  O     . HOH E 3 .  ? -2.342  1.487   -10.482 1.00 40.98 ? 203 HOH A O     1 
HETATM 456 O  O     . HOH E 3 .  ? 20.933  -10.661 3.787   1.00 27.98 ? 204 HOH A O     1 
HETATM 457 O  O     . HOH E 3 .  ? -5.556  4.585   5.008   1.00 34.45 ? 205 HOH A O     1 
HETATM 458 O  O     . HOH E 3 .  ? 4.429   8.533   4.994   1.00 34.68 ? 206 HOH A O     1 
HETATM 459 O  O     . HOH E 3 .  ? -6.651  1.149   4.081   1.00 33.02 ? 207 HOH A O     1 
HETATM 460 O  O     . HOH E 3 .  ? 7.666   9.201   4.350   1.00 31.91 ? 208 HOH A O     1 
HETATM 461 O  O     . HOH E 3 .  ? -9.595  -5.633  -7.547  1.00 34.14 ? 209 HOH A O     1 
HETATM 462 O  O     . HOH E 3 .  ? 1.414   3.025   2.084   1.00 28.32 ? 210 HOH A O     1 
HETATM 463 O  O     . HOH E 3 .  ? -0.555  7.294   3.012   1.00 36.42 ? 211 HOH A O     1 
HETATM 464 O  O     . HOH E 3 .  ? 14.606  -1.437  9.923   1.00 32.77 ? 212 HOH A O     1 
HETATM 465 O  O     . HOH E 3 .  ? 10.750  7.898   7.222   1.00 41.79 ? 213 HOH A O     1 
HETATM 466 O  O     . HOH E 3 .  ? -1.951  -2.384  -2.608  1.00 25.99 ? 214 HOH A O     1 
HETATM 467 O  O     . HOH E 3 .  ? 13.090  6.994   4.914   1.00 39.37 ? 215 HOH A O     1 
HETATM 468 O  O     . HOH E 3 .  ? 12.796  -0.321  2.231   1.00 31.76 ? 216 HOH A O     1 
HETATM 469 O  O     . HOH E 3 .  ? -8.566  -4.505  -5.488  1.00 29.46 ? 217 HOH A O     1 
HETATM 470 O  O     . HOH E 3 .  ? 5.640   6.301   2.590   1.00 33.41 ? 218 HOH A O     1 
HETATM 471 O  O     . HOH E 3 .  ? -0.161  -4.230  4.517   1.00 27.21 ? 219 HOH A O     1 
HETATM 472 O  O     . HOH E 3 .  ? 3.741   8.239   2.492   0.50 20.41 ? 220 HOH A O     1 
HETATM 473 O  O     . HOH E 3 .  ? -9.808  -0.855  1.831   1.00 49.80 ? 221 HOH A O     1 
HETATM 474 O  O     . HOH E 3 .  ? -8.554  -0.929  3.671   1.00 46.51 ? 222 HOH A O     1 
HETATM 475 O  O     . HOH E 3 .  ? -1.236  -5.247  -2.042  1.00 36.41 ? 223 HOH A O     1 
HETATM 476 O  O     . HOH F 3 .  ? -7.298  10.739  -5.122  1.00 37.87 ? 101 HOH B O     1 
HETATM 477 O  O     . HOH F 3 .  ? -17.877 5.173   -3.107  1.00 46.15 ? 102 HOH B O     1 
HETATM 478 O  O     . HOH F 3 .  ? -9.856  7.222   3.084   1.00 44.08 ? 103 HOH B O     1 
HETATM 479 O  O     . HOH F 3 .  ? 1.767   -7.890  -2.350  1.00 42.56 ? 104 HOH B O     1 
HETATM 480 O  O     . HOH F 3 .  ? -6.744  10.080  1.324   1.00 35.70 ? 105 HOH B O     1 
HETATM 481 O  O     . HOH F 3 .  ? -17.384 6.533   -8.580  1.00 37.40 ? 106 HOH B O     1 
HETATM 482 O  O     . HOH F 3 .  ? 1.893   8.564   -8.594  1.00 36.57 ? 107 HOH B O     1 
HETATM 483 O  O     . HOH F 3 .  ? 6.858   -12.893 9.587   1.00 28.11 ? 108 HOH B O     1 
HETATM 484 O  O     . HOH F 3 .  ? 5.901   -12.744 2.977   1.00 39.92 ? 109 HOH B O     1 
HETATM 485 O  O     . HOH F 3 .  ? 1.633   1.310   -13.422 1.00 39.74 ? 110 HOH B O     1 
HETATM 486 O  O     . HOH F 3 .  ? 6.314   5.746   -1.330  1.00 32.57 ? 111 HOH B O     1 
HETATM 487 O  O     . HOH F 3 .  ? -15.941 5.816   -11.410 1.00 36.71 ? 112 HOH B O     1 
HETATM 488 O  O     . HOH F 3 .  ? -5.071  4.485   -8.193  1.00 31.64 ? 113 HOH B O     1 
HETATM 489 O  O     . HOH F 3 .  ? -13.311 5.802   -8.909  1.00 32.57 ? 114 HOH B O     1 
HETATM 490 O  O     . HOH F 3 .  ? 1.709   7.423   1.281   1.00 38.44 ? 115 HOH B O     1 
HETATM 491 O  O     . HOH F 3 .  ? -4.827  7.293   0.843   1.00 39.98 ? 116 HOH B O     1 
HETATM 492 O  O     . HOH F 3 .  ? 6.297   -10.841 1.092   1.00 39.35 ? 117 HOH B O     1 
HETATM 493 O  O     . HOH F 3 .  ? -2.932  9.925   0.331   1.00 28.46 ? 118 HOH B O     1 
HETATM 494 O  O     . HOH F 3 .  ? 2.085   5.484   1.005   1.00 37.82 ? 119 HOH B O     1 
HETATM 495 O  O     . HOH F 3 .  ? 5.609   3.206   0.229   1.00 33.37 ? 120 HOH B O     1 
HETATM 496 O  O     . HOH F 3 .  ? -0.652  3.633   0.388   1.00 26.84 ? 121 HOH B O     1 
HETATM 497 O  O     . HOH F 3 .  ? 10.185  -5.980  -5.183  1.00 34.58 ? 122 HOH B O     1 
HETATM 498 O  O     . HOH F 3 .  ? -12.141 2.246   -1.830  1.00 26.49 ? 123 HOH B O     1 
HETATM 499 O  O     . HOH F 3 .  ? 8.763   -4.065  -10.692 1.00 40.28 ? 124 HOH B O     1 
HETATM 500 O  O     . HOH F 3 .  ? -2.454  8.492   2.261   0.50 22.48 ? 125 HOH B O     1 
HETATM 501 O  O     . HOH F 3 .  ? -8.579  6.287   -9.517  1.00 33.33 ? 126 HOH B O     1 
HETATM 502 O  O     . HOH F 3 .  ? 5.653   -4.234  11.650  1.00 32.44 ? 127 HOH B O     1 
HETATM 503 O  O     . HOH F 3 .  ? 0.199   -6.078  0.546   1.00 49.19 ? 128 HOH B O     1 
HETATM 504 O  O     . HOH F 3 .  ? 1.178   -3.921  2.199   1.00 23.12 ? 129 HOH B O     1 
HETATM 505 O  O     . HOH F 3 .  ? -0.150  8.014   -11.196 1.00 44.95 ? 130 HOH B O     1 
HETATM 506 O  O     . HOH F 3 .  ? -0.256  -2.278  -5.099  1.00 26.55 ? 131 HOH B O     1 
HETATM 507 O  O     . HOH F 3 .  ? 1.981   5.293   -12.764 1.00 43.97 ? 132 HOH B O     1 
HETATM 508 O  O     . HOH F 3 .  ? 3.382   6.126   -7.647  1.00 47.82 ? 133 HOH B O     1 
HETATM 509 O  O     . HOH F 3 .  ? -11.146 7.251   -8.997  1.00 33.64 ? 134 HOH B O     1 
HETATM 510 O  O     . HOH F 3 .  ? -0.238  -9.941  5.823   1.00 49.87 ? 135 HOH B O     1 
# 
loop_
_atom_site_anisotrop.id 
_atom_site_anisotrop.type_symbol 
_atom_site_anisotrop.pdbx_label_atom_id 
_atom_site_anisotrop.pdbx_label_alt_id 
_atom_site_anisotrop.pdbx_label_comp_id 
_atom_site_anisotrop.pdbx_label_asym_id 
_atom_site_anisotrop.pdbx_label_seq_id 
_atom_site_anisotrop.pdbx_PDB_ins_code 
_atom_site_anisotrop.U[1][1] 
_atom_site_anisotrop.U[2][2] 
_atom_site_anisotrop.U[3][3] 
_atom_site_anisotrop.U[1][2] 
_atom_site_anisotrop.U[1][3] 
_atom_site_anisotrop.U[2][3] 
_atom_site_anisotrop.pdbx_auth_seq_id 
_atom_site_anisotrop.pdbx_auth_comp_id 
_atom_site_anisotrop.pdbx_auth_asym_id 
_atom_site_anisotrop.pdbx_auth_atom_id 
1   O  "O5'" . DC  A 1  ? 0.7138 0.5999 0.6132 0.0561  -0.0142 -0.0031 1   DC  A "O5'" 
2   C  "C5'" . DC  A 1  ? 0.5035 0.4021 0.4098 0.0521  -0.0152 -0.0057 1   DC  A "C5'" 
3   C  "C4'" . DC  A 1  ? 0.4566 0.3629 0.3615 0.0454  -0.0220 -0.0060 1   DC  A "C4'" 
4   O  "O4'" . DC  A 1  ? 0.4052 0.3240 0.3171 0.0418  -0.0226 -0.0088 1   DC  A "O4'" 
5   C  "C3'" . DC  A 1  ? 0.4778 0.3761 0.3699 0.0448  -0.0272 -0.0049 1   DC  A "C3'" 
6   O  "O3'" . DC  A 1  ? 0.4470 0.3514 0.3381 0.0387  -0.0334 -0.0044 1   DC  A "O3'" 
7   C  "C2'" . DC  A 1  ? 0.4614 0.3628 0.3530 0.0451  -0.0268 -0.0070 1   DC  A "C2'" 
8   C  "C1'" . DC  A 1  ? 0.3908 0.3077 0.2947 0.0406  -0.0263 -0.0094 1   DC  A "C1'" 
9   N  N1    . DC  A 1  ? 0.3913 0.3129 0.2995 0.0421  -0.0233 -0.0118 1   DC  A N1    
10  C  C2    . DC  A 1  ? 0.3783 0.3066 0.2851 0.0384  -0.0270 -0.0134 1   DC  A C2    
11  O  O2    . DC  A 1  ? 0.3685 0.2986 0.2704 0.0342  -0.0327 -0.0128 1   DC  A O2    
12  N  N3    . DC  A 1  ? 0.3635 0.2960 0.2742 0.0397  -0.0242 -0.0157 1   DC  A N3    
13  C  C4    . DC  A 1  ? 0.3463 0.2766 0.2621 0.0443  -0.0181 -0.0162 1   DC  A C4    
14  N  N4    . DC  A 1  ? 0.3138 0.2485 0.2334 0.0452  -0.0157 -0.0185 1   DC  A N4    
15  C  C5    . DC  A 1  ? 0.3475 0.2711 0.2651 0.0480  -0.0141 -0.0145 1   DC  A C5    
16  C  C6    . DC  A 1  ? 0.3702 0.2896 0.2839 0.0468  -0.0169 -0.0123 1   DC  A C6    
17  P  P     . DG  A 2  ? 0.4974 0.3958 0.3836 0.0377  -0.0365 -0.0017 2   DG  A P     
18  O  OP1   . DG  A 2  ? 0.4915 0.3746 0.3684 0.0436  -0.0345 0.0003  2   DG  A OP1   
19  O  OP2   . DG  A 2  ? 0.4594 0.3646 0.3435 0.0313  -0.0432 -0.0018 2   DG  A OP2   
20  O  "O5'" . DG  A 2  ? 0.4221 0.3270 0.3195 0.0371  -0.0330 -0.0018 2   DG  A "O5'" 
21  C  "C5'" . DG  A 2  ? 0.4048 0.3244 0.3124 0.0317  -0.0343 -0.0035 2   DG  A "C5'" 
22  C  "C4'" . DG  A 2  ? 0.3656 0.2888 0.2829 0.0326  -0.0301 -0.0032 2   DG  A "C4'" 
23  O  "O4'" . DG  A 2  ? 0.4311 0.3492 0.3511 0.0385  -0.0236 -0.0037 2   DG  A "O4'" 
24  C  "C3'" . DG  A 2  ? 0.3537 0.2921 0.2825 0.0276  -0.0307 -0.0052 2   DG  A "C3'" 
25  O  "O3'" . DG  A 2  ? 0.3996 0.3410 0.3286 0.0235  -0.0347 -0.0039 2   DG  A "O3'" 
26  C  "C2'" . DG  A 2  ? 0.3175 0.2576 0.2560 0.0311  -0.0241 -0.0059 2   DG  A "C2'" 
27  C  "C1'" . DG  A 2  ? 0.3880 0.3155 0.3203 0.0378  -0.0198 -0.0051 2   DG  A "C1'" 
28  N  N9    . DG  A 2  ? 0.3527 0.2831 0.2888 0.0400  -0.0163 -0.0073 2   DG  A N9    
29  C  C8    . DG  A 2  ? 0.3767 0.3031 0.3166 0.0454  -0.0100 -0.0075 2   DG  A C8    
30  N  N7    . DG  A 2  ? 0.3840 0.3139 0.3265 0.0464  -0.0081 -0.0096 2   DG  A N7    
31  C  C5    . DG  A 2  ? 0.3546 0.2912 0.2944 0.0414  -0.0135 -0.0108 2   DG  A C5    
32  C  C6    . DG  A 2  ? 0.3847 0.3273 0.3253 0.0400  -0.0143 -0.0132 2   DG  A C6    
33  O  O6    . DG  A 2  ? 0.3638 0.3069 0.3076 0.0429  -0.0103 -0.0147 2   DG  A O6    
34  N  N1    . DG  A 2  ? 0.3405 0.2886 0.2775 0.0347  -0.0204 -0.0137 2   DG  A N1    
35  C  C2    . DG  A 2  ? 0.3461 0.2943 0.2794 0.0310  -0.0252 -0.0120 2   DG  A C2    
36  N  N2    . DG  A 2  ? 0.3355 0.2896 0.2658 0.0261  -0.0309 -0.0126 2   DG  A N2    
37  N  N3    . DG  A 2  ? 0.3629 0.3055 0.2954 0.0322  -0.0245 -0.0098 2   DG  A N3    
38  C  C4    . DG  A 2  ? 0.3689 0.3057 0.3047 0.0375  -0.0185 -0.0094 2   DG  A C4    
39  BR BR    . CBR A 3  ? 0.4560 0.4196 0.4241 0.0330  -0.0121 -0.0127 3   CBR A BR    
40  P  P     . CBR A 3  ? 0.5172 0.4709 0.4483 0.0162  -0.0406 -0.0050 3   CBR A P     
41  O  OP1   . CBR A 3  ? 0.5272 0.4843 0.4613 0.0129  -0.0430 -0.0036 3   CBR A OP1   
42  O  OP2   . CBR A 3  ? 0.5962 0.5463 0.5175 0.0153  -0.0448 -0.0050 3   CBR A OP2   
43  O  "O5'" . CBR A 3  ? 0.4154 0.3824 0.3582 0.0147  -0.0378 -0.0080 3   CBR A "O5'" 
44  N  N1    . CBR A 3  ? 0.2596 0.2442 0.2202 0.0179  -0.0284 -0.0157 3   CBR A N1    
45  C  C6    . CBR A 3  ? 0.3168 0.2947 0.2794 0.0218  -0.0243 -0.0142 3   CBR A C6    
46  C  C2    . CBR A 3  ? 0.2950 0.2822 0.2566 0.0192  -0.0266 -0.0179 3   CBR A C2    
47  O  O2    . CBR A 3  ? 0.2869 0.2806 0.2468 0.0155  -0.0306 -0.0191 3   CBR A O2    
48  N  N3    . CBR A 3  ? 0.2939 0.2768 0.2586 0.0244  -0.0208 -0.0185 3   CBR A N3    
49  C  C4    . CBR A 3  ? 0.3326 0.3086 0.2993 0.0285  -0.0164 -0.0171 3   CBR A C4    
50  N  N4    . CBR A 3  ? 0.3426 0.3142 0.3123 0.0337  -0.0106 -0.0175 3   CBR A N4    
51  C  C5    . CBR A 3  ? 0.3241 0.2974 0.2895 0.0272  -0.0183 -0.0148 3   CBR A C5    
52  C  "C2'" . CBR A 3  ? 0.3033 0.2841 0.2483 0.0119  -0.0393 -0.0131 3   CBR A "C2'" 
53  C  "C5'" . CBR A 3  ? 0.3209 0.3013 0.2717 0.0090  -0.0405 -0.0092 3   CBR A "C5'" 
54  C  "C4'" . CBR A 3  ? 0.2794 0.2705 0.2351 0.0067  -0.0408 -0.0120 3   CBR A "C4'" 
55  O  "O4'" . CBR A 3  ? 0.2579 0.2492 0.2198 0.0108  -0.0348 -0.0136 3   CBR A "O4'" 
56  C  "C1'" . CBR A 3  ? 0.2830 0.2729 0.2408 0.0122  -0.0346 -0.0150 3   CBR A "C1'" 
57  C  "C3'" . CBR A 3  ? 0.2530 0.2399 0.1991 0.0065  -0.0442 -0.0120 3   CBR A "C3'" 
58  O  "O3'" . CBR A 3  ? 0.3048 0.3046 0.2550 0.0013  -0.0476 -0.0140 3   CBR A "O3'" 
59  P  P     . DG  A 4  ? 0.3821 0.3873 0.3288 -0.0050 -0.0547 -0.0128 4   DG  A P     
60  O  OP1   . DG  A 4  ? 0.4140 0.4070 0.3486 -0.0037 -0.0578 -0.0104 4   DG  A OP1   
61  O  OP2   . DG  A 4  ? 0.3981 0.4163 0.3496 -0.0091 -0.0569 -0.0153 4   DG  A OP2   
62  O  "O5'" . DG  A 4  ? 0.3374 0.3472 0.2910 -0.0071 -0.0546 -0.0121 4   DG  A "O5'" 
63  C  "C5'" . DG  A 4  ? 0.3011 0.3248 0.2663 -0.0102 -0.0537 -0.0140 4   DG  A "C5'" 
64  C  "C4'" . DG  A 4  ? 0.3290 0.3543 0.2985 -0.0118 -0.0538 -0.0126 4   DG  A "C4'" 
65  O  "O4'" . DG  A 4  ? 0.3003 0.3150 0.2693 -0.0065 -0.0491 -0.0113 4   DG  A "O4'" 
66  C  "C3'" . DG  A 4  ? 0.4164 0.4559 0.3979 -0.0153 -0.0533 -0.0145 4   DG  A "C3'" 
67  O  "O3'" . DG  A 4  ? 0.5951 0.6399 0.5769 -0.0203 -0.0580 -0.0133 4   DG  A "O3'" 
68  C  "C2'" . DG  A 4  ? 0.3668 0.4033 0.3552 -0.0111 -0.0472 -0.0147 4   DG  A "C2'" 
69  C  "C1'" . DG  A 4  ? 0.2999 0.3208 0.2796 -0.0065 -0.0457 -0.0121 4   DG  A "C1'" 
70  N  N9    . DG  A 4  ? 0.2608 0.2749 0.2428 -0.0005 -0.0393 -0.0125 4   DG  A N9    
71  C  C8    . DG  A 4  ? 0.2968 0.3023 0.2790 0.0035  -0.0356 -0.0108 4   DG  A C8    
72  N  N7    . DG  A 4  ? 0.2758 0.2768 0.2603 0.0084  -0.0301 -0.0115 4   DG  A N7    
73  C  C5    . DG  A 4  ? 0.3391 0.3456 0.3245 0.0077  -0.0303 -0.0138 4   DG  A C5    
74  C  C6    . DG  A 4  ? 0.3440 0.3491 0.3319 0.0118  -0.0258 -0.0154 4   DG  A C6    
75  O  O6    . DG  A 4  ? 0.2911 0.2895 0.2807 0.0168  -0.0206 -0.0150 4   DG  A O6    
76  N  N1    . DG  A 4  ? 0.2615 0.2739 0.2496 0.0093  -0.0278 -0.0176 4   DG  A N1    
77  C  C2    . DG  A 4  ? 0.2680 0.2884 0.2544 0.0037  -0.0337 -0.0181 4   DG  A C2    
78  N  N2    . DG  A 4  ? 0.3108 0.3376 0.2977 0.0021  -0.0348 -0.0203 4   DG  A N2    
79  N  N3    . DG  A 4  ? 0.2400 0.2619 0.2242 -0.0001 -0.0380 -0.0165 4   DG  A N3    
80  C  C4    . DG  A 4  ? 0.2942 0.3089 0.2782 0.0022  -0.0359 -0.0144 4   DG  A C4    
81  P  P     . DA  A 5  ? 0.7179 0.7793 0.7098 -0.0256 -0.0598 -0.0152 5   DA  A P     
82  O  OP1   . DA  A 5  ? 0.7327 0.7971 0.7223 -0.0304 -0.0651 -0.0134 5   DA  A OP1   
83  O  OP2   . DA  A 5  ? 0.6293 0.6980 0.6234 -0.0264 -0.0597 -0.0178 5   DA  A OP2   
84  O  "O5'" . DA  A 5  ? 0.6307 0.6943 0.6329 -0.0233 -0.0545 -0.0159 5   DA  A "O5'" 
85  C  "C5'" . DA  A 5  ? 0.5455 0.6023 0.5470 -0.0219 -0.0534 -0.0137 5   DA  A "C5'" 
86  C  "C4'" . DA  A 5  ? 0.5114 0.5691 0.5223 -0.0187 -0.0475 -0.0147 5   DA  A "C4'" 
87  O  "O4'" . DA  A 5  ? 0.4585 0.5083 0.4678 -0.0131 -0.0428 -0.0154 5   DA  A "O4'" 
88  C  "C3'" . DA  A 5  ? 0.5016 0.5741 0.5244 -0.0217 -0.0468 -0.0174 5   DA  A "C3'" 
89  O  "O3'" . DA  A 5  ? 0.5940 0.6672 0.6241 -0.0206 -0.0437 -0.0170 5   DA  A "O3'" 
90  C  "C2'" . DA  A 5  ? 0.4470 0.5199 0.4721 -0.0184 -0.0429 -0.0197 5   DA  A "C2'" 
91  C  "C1'" . DA  A 5  ? 0.4123 0.4706 0.4321 -0.0126 -0.0389 -0.0179 5   DA  A "C1'" 
92  N  N9    . DA  A 5  ? 0.2809 0.3345 0.2991 -0.0083 -0.0354 -0.0192 5   DA  A N9    
93  C  C8    . DA  A 5  ? 0.3184 0.3771 0.3362 -0.0092 -0.0362 -0.0213 5   DA  A C8    
94  N  N7    . DA  A 5  ? 0.2994 0.3518 0.3158 -0.0045 -0.0322 -0.0219 5   DA  A N7    
95  C  C5    . DA  A 5  ? 0.2781 0.3206 0.2941 -0.0001 -0.0283 -0.0201 5   DA  A C5    
96  C  C6    . DA  A 5  ? 0.2370 0.2694 0.2517 0.0060  -0.0230 -0.0196 5   DA  A C6    
97  N  N6    . DA  A 5  ? 0.2626 0.2933 0.2765 0.0088  -0.0205 -0.0211 5   DA  A N6    
98  N  N1    . DA  A 5  ? 0.2650 0.2895 0.2797 0.0091  -0.0202 -0.0176 5   DA  A N1    
99  C  C2    . DA  A 5  ? 0.2077 0.2340 0.2235 0.0061  -0.0226 -0.0162 5   DA  A C2    
100 N  N3    . DA  A 5  ? 0.2747 0.3100 0.2916 0.0004  -0.0277 -0.0164 5   DA  A N3    
101 C  C4    . DA  A 5  ? 0.3134 0.3566 0.3305 -0.0025 -0.0302 -0.0184 5   DA  A C4    
102 O  "O5'" . LCC A 6  ? 0.5211 0.6072 0.5712 -0.0212 -0.0384 -0.0191 6   LCC A "O5'" 
103 C  "C5'" . LCC A 6  ? 0.4367 0.5265 0.4935 -0.0187 -0.0343 -0.0217 6   LCC A "C5'" 
104 C  "C4'" . LCC A 6  ? 0.3134 0.3913 0.3686 -0.0122 -0.0287 -0.0209 6   LCC A "C4'" 
105 O  "O4'" . LCC A 6  ? 0.3377 0.4070 0.3835 -0.0096 -0.0289 -0.0203 6   LCC A "O4'" 
106 C  "C1'" . LCC A 6  ? 0.2621 0.3243 0.3098 -0.0039 -0.0229 -0.0206 6   LCC A "C1'" 
107 N  N1    . LCC A 6  ? 0.2762 0.3395 0.3228 -0.0025 -0.0219 -0.0226 6   LCC A N1    
108 C  C6    . LCC A 6  ? 0.3178 0.3907 0.3646 -0.0067 -0.0257 -0.0244 6   LCC A C6    
109 C  C5    . LCC A 6  ? 0.2881 0.3620 0.3336 -0.0053 -0.0248 -0.0263 6   LCC A C5    
110 C  C5M   . LCC A 6  ? 0.2597 0.3441 0.3052 -0.0098 -0.0290 -0.0283 6   LCC A C5M   
111 C  C4    . LCC A 6  ? 0.2887 0.3519 0.3311 0.0006  -0.0201 -0.0259 6   LCC A C4    
112 N  N4    . LCC A 6  ? 0.3213 0.3860 0.3632 0.0021  -0.0188 -0.0280 6   LCC A N4    
113 N  N3    . LCC A 6  ? 0.2353 0.2893 0.2786 0.0049  -0.0159 -0.0240 6   LCC A N3    
114 C  C2    . LCC A 6  ? 0.2892 0.3431 0.3340 0.0032  -0.0171 -0.0223 6   LCC A C2    
115 O  O2    . LCC A 6  ? 0.3160 0.3614 0.3605 0.0069  -0.0138 -0.0204 6   LCC A O2    
116 C  "C3'" . LCC A 6  ? 0.2658 0.3486 0.3309 -0.0098 -0.0238 -0.0233 6   LCC A "C3'" 
117 C  "C2'" . LCC A 6  ? 0.2779 0.3465 0.3375 -0.0040 -0.0198 -0.0214 6   LCC A "C2'" 
118 O  "O2'" . LCC A 6  ? 0.2515 0.3144 0.3084 -0.0040 -0.0207 -0.0187 6   LCC A "O2'" 
119 O  "O3'" . LCC A 6  ? 0.3124 0.4022 0.3872 -0.0113 -0.0227 -0.0237 6   LCC A "O3'" 
120 C  "C6'" . LCC A 6  ? 0.3009 0.3691 0.3544 -0.0094 -0.0266 -0.0182 6   LCC A "C6'" 
121 P  P     . LCC A 6  ? 0.6270 0.7144 0.6682 -0.0251 -0.0447 -0.0185 6   LCC A P     
122 O  O1P   . LCC A 6  ? 0.5323 0.6320 0.5779 -0.0283 -0.0464 -0.0214 6   LCC A O1P   
123 O  O2P   . LCC A 6  ? 0.6719 0.7597 0.7103 -0.0287 -0.0490 -0.0163 6   LCC A O2P   
124 P  P     . DT  A 7  ? 0.3073 0.4063 0.3948 -0.0107 -0.0188 -0.0266 7   DT  A P     
125 O  OP1   . DT  A 7  ? 0.2846 0.3903 0.3801 -0.0132 -0.0192 -0.0265 7   DT  A OP1   
126 O  OP2   . DT  A 7  ? 0.2878 0.3947 0.3763 -0.0124 -0.0203 -0.0293 7   DT  A OP2   
127 O  "O5'" . DT  A 7  ? 0.3008 0.3892 0.3888 -0.0041 -0.0127 -0.0259 7   DT  A "O5'" 
128 C  "C5'" . DT  A 7  ? 0.2665 0.3450 0.3525 -0.0011 -0.0103 -0.0231 7   DT  A "C5'" 
129 C  "C4'" . DT  A 7  ? 0.2082 0.2758 0.2917 0.0050  -0.0052 -0.0224 7   DT  A "C4'" 
130 O  "O4'" . DT  A 7  ? 0.2227 0.2867 0.2981 0.0059  -0.0065 -0.0230 7   DT  A "O4'" 
131 C  "C3'" . DT  A 7  ? 0.2153 0.2865 0.3095 0.0078  0.0001  -0.0243 7   DT  A "C3'" 
132 O  "O3'" . DT  A 7  ? 0.2416 0.3011 0.3337 0.0135  0.0048  -0.0224 7   DT  A "O3'" 
133 C  "C2'" . DT  A 7  ? 0.2131 0.2893 0.3069 0.0074  -0.0005 -0.0269 7   DT  A "C2'" 
134 C  "C1'" . DT  A 7  ? 0.2360 0.3019 0.3168 0.0088  -0.0025 -0.0251 7   DT  A "C1'" 
135 N  N1    . DT  A 7  ? 0.2428 0.3132 0.3198 0.0069  -0.0052 -0.0269 7   DT  A N1    
136 C  C2    . DT  A 7  ? 0.3252 0.3883 0.3970 0.0109  -0.0028 -0.0272 7   DT  A C2    
137 O  O2    . DT  A 7  ? 0.3123 0.3656 0.3826 0.0159  0.0015  -0.0257 7   DT  A O2    
138 N  N3    . DT  A 7  ? 0.2532 0.3212 0.3220 0.0087  -0.0056 -0.0290 7   DT  A N3    
139 C  C4    . DT  A 7  ? 0.2474 0.3264 0.3177 0.0032  -0.0103 -0.0305 7   DT  A C4    
140 O  O4    . DT  A 7  ? 0.2749 0.3576 0.3422 0.0018  -0.0124 -0.0320 7   DT  A O4    
141 C  C5    . DT  A 7  ? 0.2225 0.3088 0.2981 -0.0007 -0.0126 -0.0302 7   DT  A C5    
142 C  C7    . DT  A 7  ? 0.2302 0.3289 0.3077 -0.0068 -0.0177 -0.0318 7   DT  A C7    
143 C  C6    . DT  A 7  ? 0.2118 0.2933 0.2903 0.0013  -0.0100 -0.0285 7   DT  A C6    
144 P  P     . DC  A 8  ? 0.2593 0.3189 0.3608 0.0179  0.0111  -0.0235 8   DC  A P     
145 O  OP1   . DC  A 8  ? 0.2655 0.3359 0.3791 0.0153  0.0116  -0.0250 8   DC  A OP1   
146 O  OP2   . DC  A 8  ? 0.2688 0.3271 0.3679 0.0202  0.0126  -0.0251 8   DC  A OP2   
147 O  "O5'" . DC  A 8  ? 0.2808 0.3270 0.3783 0.0231  0.0149  -0.0203 8   DC  A "O5'" 
148 C  "C5'" . DC  A 8  ? 0.2924 0.3365 0.3904 0.0221  0.0141  -0.0181 8   DC  A "C5'" 
149 C  "C4'" . DC  A 8  ? 0.2688 0.2988 0.3564 0.0257  0.0148  -0.0149 8   DC  A "C4'" 
150 O  "O4'" . DC  A 8  ? 0.2392 0.2673 0.3164 0.0227  0.0095  -0.0143 8   DC  A "O4'" 
151 C  "C3'" . DC  A 8  ? 0.2683 0.2881 0.3521 0.0317  0.0194  -0.0142 8   DC  A "C3'" 
152 O  "O3'" . DC  A 8  ? 0.3275 0.3363 0.4079 0.0358  0.0223  -0.0113 8   DC  A "O3'" 
153 C  "C2'" . DC  A 8  ? 0.2619 0.2782 0.3346 0.0309  0.0159  -0.0144 8   DC  A "C2'" 
154 C  "C1'" . DC  A 8  ? 0.2060 0.2230 0.2733 0.0266  0.0104  -0.0131 8   DC  A "C1'" 
155 N  N1    . DC  A 8  ? 0.2150 0.2337 0.2740 0.0233  0.0052  -0.0138 8   DC  A N1    
156 C  C2    . DC  A 8  ? 0.2571 0.2646 0.3038 0.0253  0.0036  -0.0118 8   DC  A C2    
157 O  O2    . DC  A 8  ? 0.2671 0.2637 0.3099 0.0298  0.0066  -0.0094 8   DC  A O2    
158 N  N3    . DC  A 8  ? 0.2418 0.2508 0.2811 0.0222  -0.0013 -0.0123 8   DC  A N3    
159 C  C4    . DC  A 8  ? 0.2281 0.2490 0.2718 0.0175  -0.0043 -0.0147 8   DC  A C4    
160 N  N4    . DC  A 8  ? 0.1873 0.2091 0.2233 0.0148  -0.0090 -0.0151 8   DC  A N4    
161 C  C5    . DC  A 8  ? 0.2410 0.2736 0.2973 0.0156  -0.0026 -0.0169 8   DC  A C5    
162 C  C6    . DC  A 8  ? 0.1859 0.2169 0.2495 0.0186  0.0021  -0.0163 8   DC  A C6    
163 P  P     . DG  A 9  ? 0.3476 0.3548 0.4376 0.0398  0.0285  -0.0106 9   DG  A P     
164 O  OP1   . DG  A 9  ? 0.3834 0.3967 0.4815 0.0410  0.0316  -0.0132 9   DG  A OP1   
165 O  OP2   . DG  A 9  ? 0.3517 0.3454 0.4345 0.0448  0.0310  -0.0074 9   DG  A OP2   
166 O  "O5'" . DG  A 9  ? 0.2886 0.3048 0.3870 0.0356  0.0266  -0.0108 9   DG  A "O5'" 
167 C  "C5'" . DG  A 9  ? 0.2972 0.3100 0.3905 0.0337  0.0236  -0.0086 9   DG  A "C5'" 
168 C  "C4'" . DG  A 9  ? 0.3050 0.3285 0.4074 0.0291  0.0216  -0.0095 9   DG  A "C4'" 
169 O  "O4'" . DG  A 9  ? 0.2918 0.3272 0.3977 0.0243  0.0181  -0.0125 9   DG  A "O4'" 
170 C  "C3'" . DG  A 9  ? 0.3140 0.3349 0.4112 0.0265  0.0179  -0.0074 9   DG  A "C3'" 
171 O  "O3'" . DG  A 9  ? 0.3007 0.3160 0.4014 0.0295  0.0216  -0.0051 9   DG  A "O3'" 
172 C  "C2'" . DG  A 9  ? 0.2327 0.2671 0.3356 0.0201  0.0135  -0.0093 9   DG  A "C2'" 
173 C  "C1'" . DG  A 9  ? 0.2826 0.3254 0.3901 0.0190  0.0136  -0.0126 9   DG  A "C1'" 
174 N  N9    . DG  A 9  ? 0.3205 0.3678 0.4217 0.0150  0.0084  -0.0139 9   DG  A N9    
175 C  C8    . DG  A 9  ? 0.3085 0.3685 0.4148 0.0103  0.0053  -0.0165 9   DG  A C8    
176 N  N7    . DG  A 9  ? 0.3392 0.4001 0.4376 0.0076  0.0009  -0.0169 9   DG  A N7    
177 C  C5    . DG  A 9  ? 0.2346 0.2826 0.3222 0.0108  0.0012  -0.0144 9   DG  A C5    
178 C  C6    . DG  A 9  ? 0.2798 0.3226 0.3558 0.0100  -0.0025 -0.0137 9   DG  A C6    
179 O  O6    . DG  A 9  ? 0.2369 0.2860 0.3100 0.0063  -0.0069 -0.0151 9   DG  A O6    
180 N  N1    . DG  A 9  ? 0.2463 0.2753 0.3135 0.0145  -0.0008 -0.0112 9   DG  A N1    
181 C  C2    . DG  A 9  ? 0.2534 0.2747 0.3230 0.0191  0.0040  -0.0094 9   DG  A C2    
182 N  N2    . DG  A 9  ? 0.2911 0.2993 0.3511 0.0231  0.0050  -0.0070 9   DG  A N2    
183 N  N3    . DG  A 9  ? 0.2586 0.2848 0.3390 0.0199  0.0075  -0.0100 9   DG  A N3    
184 C  C4    . DG  A 9  ? 0.2229 0.2623 0.3119 0.0155  0.0058  -0.0125 9   DG  A C4    
185 P  P     . DC  A 10 ? 0.4062 0.4081 0.4962 0.0324  0.0213  -0.0016 10  DC  A P     
186 O  OP1   . DC  A 10 ? 0.3578 0.3563 0.4533 0.0349  0.0250  0.0003  10  DC  A OP1   
187 O  OP2   . DC  A 10 ? 0.4305 0.4227 0.5115 0.0366  0.0228  -0.0009 10  DC  A OP2   
188 O  "O5'" . DC  A 10 ? 0.3112 0.3163 0.3949 0.0269  0.0145  -0.0013 10  DC  A "O5'" 
189 C  "C5'" . DC  A 10 ? 0.2930 0.2911 0.3705 0.0268  0.0128  0.0015  10  DC  A "C5'" 
190 C  "C4'" . DC  A 10 ? 0.2761 0.2687 0.3409 0.0254  0.0081  0.0023  10  DC  A "C4'" 
191 O  "O4'" . DC  A 10 ? 0.2393 0.2427 0.3051 0.0195  0.0029  0.0003  10  DC  A "O4'" 
192 C  "C3'" . DC  A 10 ? 0.2960 0.2801 0.3526 0.0296  0.0095  0.0024  10  DC  A "C3'" 
193 O  "O3'" . DC  A 10 ? 0.3312 0.3044 0.3757 0.0308  0.0073  0.0048  10  DC  A "O3'" 
194 C  "C2'" . DC  A 10 ? 0.3091 0.3025 0.3663 0.0256  0.0061  -0.0004 10  DC  A "C2'" 
195 C  "C1'" . DC  A 10 ? 0.2317 0.2327 0.2894 0.0196  0.0007  -0.0005 10  DC  A "C1'" 
196 N  N1    . DC  A 10 ? 0.2667 0.2806 0.3293 0.0145  -0.0025 -0.0033 10  DC  A N1    
197 C  C2    . DC  A 10 ? 0.2025 0.2169 0.2568 0.0120  -0.0069 -0.0038 10  DC  A C2    
198 O  O2    . DC  A 10 ? 0.2373 0.2414 0.2810 0.0140  -0.0082 -0.0020 10  DC  A O2    
199 N  N3    . DC  A 10 ? 0.2282 0.2545 0.2868 0.0073  -0.0100 -0.0063 10  DC  A N3    
200 C  C4    . DC  A 10 ? 0.2049 0.2422 0.2752 0.0053  -0.0086 -0.0083 10  DC  A C4    
201 N  N4    . DC  A 10 ? 0.2319 0.2810 0.3059 0.0009  -0.0117 -0.0107 10  DC  A N4    
202 C  C5    . DC  A 10 ? 0.2072 0.2441 0.2858 0.0079  -0.0041 -0.0078 10  DC  A C5    
203 C  C6    . DC  A 10 ? 0.2282 0.2532 0.3027 0.0123  -0.0011 -0.0052 10  DC  A C6    
204 P  P     . DG  A 11 ? 0.3722 0.3316 0.4119 0.0371  0.0114  0.0077  11  DG  A P     
205 O  OP1   . DG  A 11 ? 0.3907 0.3478 0.4348 0.0420  0.0173  0.0069  11  DG  A OP1   
206 O  OP2   . DG  A 11 ? 0.4351 0.3846 0.4614 0.0376  0.0079  0.0096  11  DG  A OP2   
207 O  "O5'" . DG  A 11 ? 0.3111 0.2731 0.3585 0.0362  0.0127  0.0090  11  DG  A "O5'" 
208 C  "C5'" . DG  A 11 ? 0.3102 0.2711 0.3535 0.0333  0.0086  0.0106  11  DG  A "C5'" 
209 C  "C4'" . DG  A 11 ? 0.2794 0.2436 0.3319 0.0329  0.0109  0.0114  11  DG  A "C4'" 
210 O  "O4'" . DG  A 11 ? 0.3247 0.3023 0.3890 0.0294  0.0111  0.0088  11  DG  A "O4'" 
211 C  "C3'" . DG  A 11 ? 0.3166 0.2793 0.3656 0.0301  0.0071  0.0133  11  DG  A "C3'" 
212 O  "O3'" . DG  A 11 ? 0.3698 0.3272 0.4222 0.0335  0.0111  0.0153  11  DG  A "O3'" 
213 C  "C2'" . DG  A 11 ? 0.3017 0.2788 0.3585 0.0235  0.0034  0.0112  11  DG  A "C2'" 
214 C  "C1'" . DG  A 11 ? 0.2841 0.2688 0.3524 0.0246  0.0078  0.0090  11  DG  A "C1'" 
215 N  N9    . DG  A 11 ? 0.2412 0.2396 0.3164 0.0196  0.0053  0.0059  11  DG  A N9    
216 C  C8    . DG  A 11 ? 0.2479 0.2565 0.3356 0.0182  0.0073  0.0040  11  DG  A C8    
217 N  N7    . DG  A 11 ? 0.2563 0.2759 0.3477 0.0139  0.0045  0.0014  11  DG  A N7    
218 C  C5    . DG  A 11 ? 0.2771 0.2935 0.3578 0.0125  0.0003  0.0017  11  DG  A C5    
219 C  C6    . DG  A 11 ? 0.2245 0.2489 0.3035 0.0081  -0.0039 -0.0004 11  DG  A C6    
220 O  O6    . DG  A 11 ? 0.2478 0.2840 0.3345 0.0048  -0.0049 -0.0030 11  DG  A O6    
221 N  N1    . DG  A 11 ? 0.2151 0.2324 0.2820 0.0080  -0.0074 0.0007  11  DG  A N1    
222 C  C2    . DG  A 11 ? 0.2116 0.2156 0.2691 0.0117  -0.0068 0.0034  11  DG  A C2    
223 N  N2    . DG  A 11 ? 0.2404 0.2394 0.2869 0.0110  -0.0107 0.0041  11  DG  A N2    
224 N  N3    . DG  A 11 ? 0.1966 0.1930 0.2554 0.0158  -0.0027 0.0054  11  DG  A N3    
225 C  C4    . DG  A 11 ? 0.2306 0.2338 0.3012 0.0160  0.0007  0.0043  11  DG  A C4    
226 O  "O5'" . DC  B 1  ? 0.6590 0.6978 0.6762 -0.0188 -0.0465 -0.0033 1   DC  B "O5'" 
227 C  "C5'" . DC  B 1  ? 0.4483 0.4898 0.4755 -0.0167 -0.0415 -0.0040 1   DC  B "C5'" 
228 C  "C4'" . DC  B 1  ? 0.2703 0.2986 0.2942 -0.0108 -0.0370 -0.0022 1   DC  B "C4'" 
229 O  "O4'" . DC  B 1  ? 0.2813 0.3123 0.3150 -0.0078 -0.0312 -0.0036 1   DC  B "O4'" 
230 C  "C3'" . DC  B 1  ? 0.2869 0.3087 0.3075 -0.0108 -0.0382 0.0006  1   DC  B "C3'" 
231 O  "O3'" . DC  B 1  ? 0.3271 0.3344 0.3384 -0.0061 -0.0369 0.0026  1   DC  B "O3'" 
232 C  "C2'" . DC  B 1  ? 0.2595 0.2856 0.2911 -0.0097 -0.0339 0.0001  1   DC  B "C2'" 
233 C  "C1'" . DC  B 1  ? 0.2368 0.2618 0.2722 -0.0054 -0.0286 -0.0017 1   DC  B "C1'" 
234 N  N1    . DC  B 1  ? 0.2341 0.2667 0.2821 -0.0050 -0.0246 -0.0032 1   DC  B N1    
235 C  C2    . DC  B 1  ? 0.2802 0.3057 0.3310 -0.0004 -0.0197 -0.0019 1   DC  B C2    
236 O  O2    . DC  B 1  ? 0.2648 0.2778 0.3074 0.0034  -0.0185 0.0004  1   DC  B O2    
237 N  N3    . DC  B 1  ? 0.2236 0.2562 0.2860 -0.0003 -0.0162 -0.0031 1   DC  B N3    
238 C  C4    . DC  B 1  ? 0.2250 0.2709 0.2957 -0.0044 -0.0177 -0.0056 1   DC  B C4    
239 N  N4    . DC  B 1  ? 0.2290 0.2812 0.3110 -0.0040 -0.0142 -0.0069 1   DC  B N4    
240 C  C5    . DC  B 1  ? 0.2130 0.2665 0.2808 -0.0091 -0.0228 -0.0070 1   DC  B C5    
241 C  C6    . DC  B 1  ? 0.2059 0.2524 0.2623 -0.0093 -0.0261 -0.0056 1   DC  B C6    
242 P  P     . DG  B 2  ? 0.3070 0.3065 0.3050 -0.0070 -0.0419 0.0044  2   DG  B P     
243 O  OP1   . DG  B 2  ? 0.3144 0.3209 0.3119 -0.0130 -0.0478 0.0049  2   DG  B OP1   
244 O  OP2   . DG  B 2  ? 0.2987 0.2835 0.2895 -0.0016 -0.0393 0.0066  2   DG  B OP2   
245 O  "O5'" . DG  B 2  ? 0.2944 0.2963 0.2902 -0.0067 -0.0422 0.0022  2   DG  B "O5'" 
246 C  "C5'" . DG  B 2  ? 0.2996 0.2954 0.2949 -0.0013 -0.0371 0.0015  2   DG  B "C5'" 
247 C  "C4'" . DG  B 2  ? 0.3157 0.3162 0.3096 -0.0026 -0.0385 -0.0006 2   DG  B "C4'" 
248 O  "O4'" . DG  B 2  ? 0.2731 0.2886 0.2764 -0.0072 -0.0398 -0.0029 2   DG  B "O4'" 
249 C  "C3'" . DG  B 2  ? 0.2565 0.2523 0.2509 0.0028  -0.0333 -0.0017 2   DG  B "C3'" 
250 O  "O3'" . DG  B 2  ? 0.3342 0.3184 0.3170 0.0056  -0.0344 -0.0004 2   DG  B "O3'" 
251 C  "C2'" . DG  B 2  ? 0.2931 0.3009 0.2935 -0.0001 -0.0339 -0.0048 2   DG  B "C2'" 
252 C  "C1'" . DG  B 2  ? 0.3090 0.3292 0.3160 -0.0061 -0.0374 -0.0054 2   DG  B "C1'" 
253 N  N9    . DG  B 2  ? 0.2969 0.3265 0.3163 -0.0067 -0.0341 -0.0072 2   DG  B N9    
254 C  C8    . DG  B 2  ? 0.3327 0.3764 0.3602 -0.0109 -0.0356 -0.0097 2   DG  B C8    
255 N  N7    . DG  B 2  ? 0.2860 0.3357 0.3241 -0.0104 -0.0321 -0.0109 2   DG  B N7    
256 C  C5    . DG  B 2  ? 0.2930 0.3322 0.3301 -0.0056 -0.0279 -0.0090 2   DG  B C5    
257 C  C6    . DG  B 2  ? 0.2766 0.3161 0.3224 -0.0029 -0.0231 -0.0092 2   DG  B C6    
258 O  O6    . DG  B 2  ? 0.2548 0.3043 0.3112 -0.0046 -0.0215 -0.0110 2   DG  B O6    
259 N  N1    . DG  B 2  ? 0.2195 0.2461 0.2607 0.0020  -0.0199 -0.0068 2   DG  B N1    
260 C  C2    . DG  B 2  ? 0.2157 0.2307 0.2451 0.0040  -0.0214 -0.0046 2   DG  B C2    
261 N  N2    . DG  B 2  ? 0.2024 0.2061 0.2290 0.0089  -0.0179 -0.0025 2   DG  B N2    
262 N  N3    . DG  B 2  ? 0.2663 0.2806 0.2874 0.0016  -0.0261 -0.0045 2   DG  B N3    
263 C  C4    . DG  B 2  ? 0.3304 0.3573 0.3560 -0.0033 -0.0291 -0.0067 2   DG  B C4    
264 BR BR    . CBR B 3  ? 0.4354 0.4647 0.4626 0.0023  -0.0232 -0.0120 3   CBR B BR    
265 P  P     . CBR B 3  ? 0.4471 0.4173 0.4253 0.0128  -0.0292 0.0011  3   CBR B P     
266 O  OP1   . CBR B 3  ? 0.3949 0.3556 0.3611 0.0146  -0.0313 0.0018  3   CBR B OP1   
267 O  OP2   . CBR B 3  ? 0.4815 0.4476 0.4618 0.0138  -0.0277 0.0031  3   CBR B OP2   
268 O  "O5'" . CBR B 3  ? 0.3067 0.2812 0.2941 0.0158  -0.0233 -0.0011 3   CBR B "O5'" 
269 N  N1    . CBR B 3  ? 0.2307 0.2281 0.2536 0.0173  -0.0107 -0.0061 3   CBR B N1    
270 C  C6    . CBR B 3  ? 0.2342 0.2386 0.2549 0.0130  -0.0154 -0.0076 3   CBR B C6    
271 C  C2    . CBR B 3  ? 0.2546 0.2586 0.2894 0.0175  -0.0071 -0.0070 3   CBR B C2    
272 O  O2    . CBR B 3  ? 0.2352 0.2326 0.2722 0.0217  -0.0027 -0.0055 3   CBR B O2    
273 N  N3    . CBR B 3  ? 0.2337 0.2512 0.2776 0.0133  -0.0084 -0.0094 3   CBR B N3    
274 C  C4    . CBR B 3  ? 0.2641 0.2893 0.3060 0.0089  -0.0130 -0.0110 3   CBR B C4    
275 N  N4    . CBR B 3  ? 0.3386 0.3774 0.3896 0.0048  -0.0142 -0.0135 3   CBR B N4    
276 C  C5    . CBR B 3  ? 0.2898 0.3083 0.3197 0.0085  -0.0167 -0.0099 3   CBR B C5    
277 C  "C2'" . CBR B 3  ? 0.2477 0.2247 0.2553 0.0210  -0.0123 -0.0008 3   CBR B "C2'" 
278 C  "C5'" . CBR B 3  ? 0.2650 0.2300 0.2485 0.0216  -0.0190 -0.0009 3   CBR B "C5'" 
279 C  "C4'" . CBR B 3  ? 0.2542 0.2192 0.2469 0.0253  -0.0128 -0.0011 3   CBR B "C4'" 
280 O  "O4'" . CBR B 3  ? 0.2808 0.2587 0.2848 0.0229  -0.0114 -0.0037 3   CBR B "O4'" 
281 C  "C1'" . CBR B 3  ? 0.2592 0.2418 0.2726 0.0222  -0.0092 -0.0035 3   CBR B "C1'" 
282 C  "C3'" . CBR B 3  ? 0.2252 0.1884 0.2205 0.0251  -0.0123 0.0009  3   CBR B "C3'" 
283 O  "O3'" . CBR B 3  ? 0.3485 0.3037 0.3456 0.0311  -0.0062 0.0019  3   CBR B "O3'" 
284 P  P     . DG  B 4  ? 0.3535 0.2928 0.3400 0.0363  -0.0049 0.0049  4   DG  B P     
285 O  OP1   . DG  B 4  ? 0.3630 0.2997 0.3425 0.0332  -0.0103 0.0066  4   DG  B OP1   
286 O  OP2   . DG  B 4  ? 0.4568 0.3916 0.4487 0.0414  0.0013  0.0058  4   DG  B OP2   
287 O  "O5'" . DG  B 4  ? 0.3097 0.2430 0.2876 0.0388  -0.0052 0.0043  4   DG  B "O5'" 
288 C  "C5'" . DG  B 4  ? 0.2952 0.2288 0.2770 0.0423  -0.0007 0.0028  4   DG  B "C5'" 
289 C  "C4'" . DG  B 4  ? 0.3472 0.2750 0.3193 0.0438  -0.0023 0.0025  4   DG  B "C4'" 
290 O  "O4'" . DG  B 4  ? 0.3000 0.2366 0.2713 0.0381  -0.0076 0.0007  4   DG  B "O4'" 
291 C  "C3'" . DG  B 4  ? 0.4695 0.3951 0.4437 0.0484  0.0028  0.0012  4   DG  B "C3'" 
292 O  "O3'" . DG  B 4  ? 0.6538 0.5659 0.6172 0.0533  0.0039  0.0030  4   DG  B "O3'" 
293 C  "C2'" . DG  B 4  ? 0.3859 0.3217 0.3628 0.0445  0.0003  -0.0016 4   DG  B "C2'" 
294 C  "C1'" . DG  B 4  ? 0.3125 0.2522 0.2845 0.0387  -0.0066 -0.0014 4   DG  B "C1'" 
295 N  N9    . DG  B 4  ? 0.2594 0.2136 0.2394 0.0331  -0.0090 -0.0039 4   DG  B N9    
296 C  C8    . DG  B 4  ? 0.2568 0.2173 0.2338 0.0285  -0.0142 -0.0051 4   DG  B C8    
297 N  N7    . DG  B 4  ? 0.2461 0.2196 0.2320 0.0242  -0.0153 -0.0072 4   DG  B N7    
298 C  C5    . DG  B 4  ? 0.2405 0.2168 0.2363 0.0260  -0.0106 -0.0074 4   DG  B C5    
299 C  C6    . DG  B 4  ? 0.3227 0.3114 0.3306 0.0230  -0.0096 -0.0092 4   DG  B C6    
300 O  O6    . DG  B 4  ? 0.2534 0.2536 0.2658 0.0182  -0.0126 -0.0113 4   DG  B O6    
301 N  N1    . DG  B 4  ? 0.2651 0.2519 0.2800 0.0263  -0.0046 -0.0086 4   DG  B N1    
302 C  C2    . DG  B 4  ? 0.2468 0.2213 0.2575 0.0317  -0.0010 -0.0063 4   DG  B C2    
303 N  N2    . DG  B 4  ? 0.3286 0.3033 0.3476 0.0342  0.0038  -0.0060 4   DG  B N2    
304 N  N3    . DG  B 4  ? 0.2500 0.2129 0.2492 0.0345  -0.0018 -0.0046 4   DG  B N3    
305 C  C4    . DG  B 4  ? 0.2082 0.1728 0.2006 0.0314  -0.0068 -0.0053 4   DG  B C4    
306 P  P     . DA  B 5  ? 0.6865 0.5914 0.6512 0.0603  0.0106  0.0032  5   DA  B P     
307 O  OP1   . DA  B 5  ? 0.7478 0.6381 0.7008 0.0649  0.0109  0.0057  5   DA  B OP1   
308 O  OP2   . DA  B 5  ? 0.5586 0.4694 0.5357 0.0609  0.0152  0.0029  5   DA  B OP2   
309 O  "O5'" . DA  B 5  ? 0.6373 0.5466 0.6024 0.0600  0.0108  0.0007  5   DA  B "O5'" 
310 C  "C5'" . DA  B 5  ? 0.5971 0.5066 0.5539 0.0570  0.0055  0.0000  5   DA  B "C5'" 
311 C  "C4'" . DA  B 5  ? 0.6345 0.5536 0.5965 0.0549  0.0055  -0.0030 5   DA  B "C4'" 
312 O  "O4'" . DA  B 5  ? 0.6003 0.5334 0.5722 0.0491  0.0034  -0.0048 5   DA  B "O4'" 
313 C  "C3'" . DA  B 5  ? 0.6479 0.5665 0.6159 0.0595  0.0118  -0.0040 5   DA  B "C3'" 
314 O  "O3'" . DA  B 5  ? 0.7265 0.6465 0.6913 0.0595  0.0109  -0.0059 5   DA  B "O3'" 
315 C  "C2'" . DA  B 5  ? 0.5679 0.4985 0.5496 0.0568  0.0137  -0.0056 5   DA  B "C2'" 
316 C  "C1'" . DA  B 5  ? 0.5172 0.4576 0.4990 0.0500  0.0075  -0.0069 5   DA  B "C1'" 
317 N  N9    . DA  B 5  ? 0.3812 0.3341 0.3743 0.0457  0.0070  -0.0083 5   DA  B N9    
318 C  C8    . DA  B 5  ? 0.3686 0.3247 0.3718 0.0470  0.0112  -0.0082 5   DA  B C8    
319 N  N7    . DA  B 5  ? 0.2960 0.2644 0.3083 0.0423  0.0095  -0.0098 5   DA  B N7    
320 C  C5    . DA  B 5  ? 0.2770 0.2507 0.2847 0.0376  0.0040  -0.0110 5   DA  B C5    
321 C  C6    . DA  B 5  ? 0.2712 0.2577 0.2841 0.0314  -0.0002 -0.0128 5   DA  B C6    
322 N  N6    . DA  B 5  ? 0.2646 0.2612 0.2884 0.0289  0.0007  -0.0140 5   DA  B N6    
323 N  N1    . DA  B 5  ? 0.2713 0.2599 0.2775 0.0281  -0.0052 -0.0134 5   DA  B N1    
324 C  C2    . DA  B 5  ? 0.1997 0.1781 0.1947 0.0306  -0.0062 -0.0123 5   DA  B C2    
325 N  N3    . DA  B 5  ? 0.3592 0.3252 0.3486 0.0364  -0.0027 -0.0106 5   DA  B N3    
326 C  C4    . DA  B 5  ? 0.3052 0.2696 0.3015 0.0396  0.0025  -0.0101 5   DA  B C4    
327 O  "O5'" . LCC B 6  ? 0.6415 0.5690 0.6172 0.0627  0.0176  -0.0096 6   LCC B "O5'" 
328 C  "C5'" . LCC B 6  ? 0.4808 0.4146 0.4542 0.0590  0.0136  -0.0117 6   LCC B "C5'" 
329 C  "C4'" . LCC B 6  ? 0.3532 0.3012 0.3340 0.0523  0.0098  -0.0135 6   LCC B "C4'" 
330 O  "O4'" . LCC B 6  ? 0.3358 0.2883 0.3216 0.0492  0.0083  -0.0127 6   LCC B "O4'" 
331 C  "C1'" . LCC B 6  ? 0.2909 0.2576 0.2844 0.0436  0.0056  -0.0152 6   LCC B "C1'" 
332 N  N1    . LCC B 6  ? 0.2926 0.2674 0.2982 0.0424  0.0081  -0.0158 6   LCC B N1    
333 C  C6    . LCC B 6  ? 0.3265 0.2959 0.3363 0.0468  0.0133  -0.0146 6   LCC B C6    
334 C  C5    . LCC B 6  ? 0.3030 0.2801 0.3243 0.0456  0.0156  -0.0152 6   LCC B C5    
335 C  C5M   . LCC B 6  ? 0.2801 0.2515 0.3064 0.0505  0.0214  -0.0137 6   LCC B C5M   
336 C  C4    . LCC B 6  ? 0.3244 0.3146 0.3523 0.0394  0.0118  -0.0169 6   LCC B C4    
337 N  N4    . LCC B 6  ? 0.3088 0.3078 0.3492 0.0380  0.0139  -0.0178 6   LCC B N4    
338 N  N3    . LCC B 6  ? 0.2809 0.2767 0.3043 0.0351  0.0064  -0.0183 6   LCC B N3    
339 C  C2    . LCC B 6  ? 0.2761 0.2642 0.2886 0.0364  0.0047  -0.0176 6   LCC B C2    
340 O  O2    . LCC B 6  ? 0.2990 0.2920 0.3075 0.0324  -0.0002 -0.0186 6   LCC B O2    
341 C  "C3'" . LCC B 6  ? 0.3054 0.2642 0.2973 0.0513  0.0123  -0.0164 6   LCC B "C3'" 
342 C  "C2'" . LCC B 6  ? 0.3012 0.2706 0.2949 0.0445  0.0066  -0.0174 6   LCC B "C2'" 
343 O  "O2'" . LCC B 6  ? 0.3222 0.2864 0.3043 0.0433  0.0021  -0.0168 6   LCC B "O2'" 
344 O  "O3'" . LCC B 6  ? 0.3399 0.2968 0.3278 0.0532  0.0130  -0.0178 6   LCC B "O3'" 
345 C  "C6'" . LCC B 6  ? 0.3624 0.3124 0.3354 0.0482  0.0037  -0.0142 6   LCC B "C6'" 
346 P  P     . LCC B 6  ? 0.6450 0.5591 0.6094 0.0654  0.0164  -0.0064 6   LCC B P     
347 O  O1P   . LCC B 6  ? 0.5955 0.5016 0.5474 0.0665  0.0133  -0.0059 6   LCC B O1P   
348 O  O2P   . LCC B 6  ? 0.5900 0.4962 0.5567 0.0713  0.0223  -0.0045 6   LCC B O2P   
349 P  P     . DT  B 7  ? 0.3101 0.2747 0.3075 0.0542  0.0169  -0.0205 7   DT  B P     
350 O  OP1   . DT  B 7  ? 0.3349 0.2929 0.3249 0.0573  0.0177  -0.0208 7   DT  B OP1   
351 O  OP2   . DT  B 7  ? 0.3510 0.3177 0.3591 0.0565  0.0220  -0.0204 7   DT  B OP2   
352 O  "O5'" . DT  B 7  ? 0.2790 0.2584 0.2823 0.0476  0.0126  -0.0232 7   DT  B "O5'" 
353 C  "C5'" . DT  B 7  ? 0.2867 0.2681 0.2826 0.0435  0.0068  -0.0235 7   DT  B "C5'" 
354 C  "C4'" . DT  B 7  ? 0.2508 0.2459 0.2532 0.0372  0.0028  -0.0251 7   DT  B "C4'" 
355 O  "O4'" . DT  B 7  ? 0.2380 0.2354 0.2468 0.0362  0.0036  -0.0240 7   DT  B "O4'" 
356 C  "C3'" . DT  B 7  ? 0.2398 0.2468 0.2518 0.0354  0.0040  -0.0284 7   DT  B "C3'" 
357 O  "O3'" . DT  B 7  ? 0.2294 0.2466 0.2417 0.0294  -0.0015 -0.0296 7   DT  B "O3'" 
358 C  "C2'" . DT  B 7  ? 0.2459 0.2572 0.2692 0.0363  0.0079  -0.0286 7   DT  B "C2'" 
359 C  "C1'" . DT  B 7  ? 0.2280 0.2372 0.2489 0.0340  0.0051  -0.0263 7   DT  B "C1'" 
360 N  N1    . DT  B 7  ? 0.2472 0.2554 0.2757 0.0362  0.0091  -0.0253 7   DT  B N1    
361 C  C2    . DT  B 7  ? 0.3534 0.3712 0.3899 0.0322  0.0077  -0.0259 7   DT  B C2    
362 O  O2    . DT  B 7  ? 0.2912 0.3182 0.3289 0.0270  0.0033  -0.0271 7   DT  B O2    
363 N  N3    . DT  B 7  ? 0.2553 0.2713 0.2985 0.0346  0.0116  -0.0249 7   DT  B N3    
364 C  C4    . DT  B 7  ? 0.2981 0.3042 0.3409 0.0404  0.0169  -0.0233 7   DT  B C4    
365 O  O4    . DT  B 7  ? 0.3087 0.3142 0.3580 0.0420  0.0201  -0.0225 7   DT  B O4    
366 C  C5    . DT  B 7  ? 0.2599 0.2563 0.2939 0.0445  0.0183  -0.0228 7   DT  B C5    
367 C  C7    . DT  B 7  ? 0.2724 0.2577 0.3050 0.0510  0.0239  -0.0211 7   DT  B C7    
368 C  C6    . DT  B 7  ? 0.2936 0.2914 0.3208 0.0422  0.0144  -0.0238 7   DT  B C6    
369 P  P     . DC  B 8  ? 0.2968 0.3279 0.3177 0.0262  -0.0021 -0.0331 8   DC  B P     
370 O  OP1   . DC  B 8  ? 0.3550 0.3830 0.3749 0.0299  0.0012  -0.0345 8   DC  B OP1   
371 O  OP2   . DC  B 8  ? 0.2788 0.3199 0.3111 0.0237  -0.0012 -0.0342 8   DC  B OP2   
372 O  "O5'" . DC  B 8  ? 0.2733 0.3098 0.2882 0.0206  -0.0088 -0.0333 8   DC  B "O5'" 
373 C  "C5'" . DC  B 8  ? 0.3176 0.3472 0.3214 0.0213  -0.0114 -0.0326 8   DC  B "C5'" 
374 C  "C4'" . DC  B 8  ? 0.2739 0.3038 0.2707 0.0168  -0.0176 -0.0310 8   DC  B "C4'" 
375 O  "O4'" . DC  B 8  ? 0.2485 0.2683 0.2402 0.0188  -0.0173 -0.0281 8   DC  B "O4'" 
376 C  "C3'" . DC  B 8  ? 0.2271 0.2704 0.2302 0.0108  -0.0215 -0.0321 8   DC  B "C3'" 
377 O  "O3'" . DC  B 8  ? 0.2540 0.2988 0.2496 0.0070  -0.0273 -0.0317 8   DC  B "O3'" 
378 C  "C2'" . DC  B 8  ? 0.2061 0.2467 0.2113 0.0107  -0.0210 -0.0301 8   DC  B "C2'" 
379 C  "C1'" . DC  B 8  ? 0.2448 0.2704 0.2388 0.0143  -0.0209 -0.0273 8   DC  B "C1'" 
380 N  N1    . DC  B 8  ? 0.2345 0.2527 0.2290 0.0169  -0.0184 -0.0250 8   DC  B N1    
381 C  C2    . DC  B 8  ? 0.2588 0.2751 0.2491 0.0142  -0.0222 -0.0230 8   DC  B C2    
382 O  O2    . DC  B 8  ? 0.2622 0.2829 0.2484 0.0098  -0.0276 -0.0230 8   DC  B O2    
383 N  N3    . DC  B 8  ? 0.2129 0.2227 0.2037 0.0165  -0.0201 -0.0210 8   DC  B N3    
384 C  C4    . DC  B 8  ? 0.2610 0.2663 0.2563 0.0213  -0.0143 -0.0209 8   DC  B C4    
385 N  N4    . DC  B 8  ? 0.2583 0.2571 0.2538 0.0234  -0.0124 -0.0188 8   DC  B N4    
386 C  C5    . DC  B 8  ? 0.2789 0.2860 0.2788 0.0241  -0.0102 -0.0230 8   DC  B C5    
387 C  C6    . DC  B 8  ? 0.2600 0.2737 0.2594 0.0217  -0.0125 -0.0251 8   DC  B C6    
388 P  P     . DG  B 9  ? 0.2965 0.3513 0.2928 0.0035  -0.0302 -0.0340 9   DG  B P     
389 O  OP1   . DG  B 9  ? 0.2759 0.3435 0.2842 0.0017  -0.0284 -0.0368 9   DG  B OP1   
390 O  OP2   . DG  B 9  ? 0.3449 0.3998 0.3333 -0.0006 -0.0364 -0.0326 9   DG  B OP2   
391 O  "O5'" . DG  B 9  ? 0.2788 0.3255 0.2695 0.0080  -0.0275 -0.0346 9   DG  B "O5'" 
392 C  "C5'" . DG  B 9  ? 0.2791 0.3130 0.2581 0.0105  -0.0287 -0.0325 9   DG  B "C5'" 
393 C  "C4'" . DG  B 9  ? 0.2715 0.2986 0.2478 0.0155  -0.0248 -0.0333 9   DG  B "C4'" 
394 O  "O4'" . DG  B 9  ? 0.2739 0.2975 0.2565 0.0199  -0.0188 -0.0334 9   DG  B "O4'" 
395 C  "C3'" . DG  B 9  ? 0.3158 0.3295 0.2794 0.0182  -0.0261 -0.0312 9   DG  B "C3'" 
396 O  "O3'" . DG  B 9  ? 0.2927 0.3100 0.2516 0.0155  -0.0301 -0.0322 9   DG  B "O3'" 
397 C  "C2'" . DG  B 9  ? 0.3047 0.3095 0.2686 0.0247  -0.0199 -0.0313 9   DG  B "C2'" 
398 C  "C1'" . DG  B 9  ? 0.2979 0.3089 0.2738 0.0254  -0.0156 -0.0323 9   DG  B "C1'" 
399 N  N9    . DG  B 9  ? 0.2898 0.2926 0.2660 0.0288  -0.0125 -0.0302 9   DG  B N9    
400 C  C8    . DG  B 9  ? 0.2762 0.2741 0.2568 0.0338  -0.0065 -0.0301 9   DG  B C8    
401 N  N7    . DG  B 9  ? 0.2924 0.2838 0.2727 0.0358  -0.0049 -0.0279 9   DG  B N7    
402 C  C5    . DG  B 9  ? 0.2658 0.2579 0.2410 0.0316  -0.0103 -0.0265 9   DG  B C5    
403 C  C6    . DG  B 9  ? 0.3109 0.2978 0.2835 0.0315  -0.0114 -0.0239 9   DG  B C6    
404 O  O6    . DG  B 9  ? 0.2865 0.2667 0.2606 0.0351  -0.0076 -0.0224 9   DG  B O6    
405 N  N1    . DG  B 9  ? 0.2546 0.2443 0.2224 0.0266  -0.0175 -0.0231 9   DG  B N1    
406 C  C2    . DG  B 9  ? 0.3255 0.3226 0.2913 0.0223  -0.0219 -0.0246 9   DG  B C2    
407 N  N2    . DG  B 9  ? 0.3009 0.3000 0.2623 0.0178  -0.0276 -0.0235 9   DG  B N2    
408 N  N3    . DG  B 9  ? 0.2660 0.2682 0.2343 0.0224  -0.0210 -0.0270 9   DG  B N3    
409 C  C4    . DG  B 9  ? 0.2529 0.2522 0.2259 0.0272  -0.0150 -0.0278 9   DG  B C4    
410 P  P     . DC  B 10 ? 0.3902 0.3961 0.3355 0.0170  -0.0331 -0.0305 10  DC  B P     
411 O  OP1   . DC  B 10 ? 0.3582 0.3529 0.2999 0.0233  -0.0283 -0.0302 10  DC  B OP1   
412 O  OP2   . DC  B 10 ? 0.4133 0.4269 0.3563 0.0124  -0.0380 -0.0317 10  DC  B OP2   
413 O  "O5'" . DC  B 10 ? 0.2934 0.2924 0.2326 0.0160  -0.0362 -0.0275 10  DC  B "O5'" 
414 C  "C5'" . DC  B 10 ? 0.3266 0.3162 0.2537 0.0162  -0.0400 -0.0256 10  DC  B "C5'" 
415 C  "C4'" . DC  B 10 ? 0.2937 0.2767 0.2165 0.0157  -0.0421 -0.0228 10  DC  B "C4'" 
416 O  "O4'" . DC  B 10 ? 0.2585 0.2312 0.1810 0.0214  -0.0370 -0.0217 10  DC  B "O4'" 
417 C  "C3'" . DC  B 10 ? 0.3227 0.3161 0.2530 0.0108  -0.0443 -0.0227 10  DC  B "C3'" 
418 O  "O3'" . DC  B 10 ? 0.3743 0.3641 0.2974 0.0080  -0.0495 -0.0204 10  DC  B "O3'" 
419 C  "C2'" . DC  B 10 ? 0.2903 0.2805 0.2268 0.0144  -0.0389 -0.0223 10  DC  B "C2'" 
420 C  "C1'" . DC  B 10 ? 0.2622 0.2367 0.1894 0.0203  -0.0366 -0.0205 10  DC  B "C1'" 
421 N  N1    . DC  B 10 ? 0.2597 0.2293 0.1916 0.0254  -0.0302 -0.0203 10  DC  B N1    
422 C  C2    . DC  B 10 ? 0.3023 0.2669 0.2351 0.0268  -0.0288 -0.0184 10  DC  B C2    
423 O  O2    . DC  B 10 ? 0.3512 0.3152 0.2803 0.0237  -0.0331 -0.0168 10  DC  B O2    
424 N  N3    . DC  B 10 ? 0.2921 0.2526 0.2296 0.0315  -0.0228 -0.0183 10  DC  B N3    
425 C  C4    . DC  B 10 ? 0.3075 0.2684 0.2487 0.0348  -0.0183 -0.0199 10  DC  B C4    
426 N  N4    . DC  B 10 ? 0.3104 0.2671 0.2562 0.0393  -0.0125 -0.0196 10  DC  B N4    
427 C  C5    . DC  B 10 ? 0.3167 0.2827 0.2572 0.0334  -0.0197 -0.0221 10  DC  B C5    
428 C  C6    . DC  B 10 ? 0.2967 0.2670 0.2326 0.0287  -0.0256 -0.0223 10  DC  B C6    
429 P  P     . DG  B 11 ? 0.4144 0.4123 0.3347 0.0018  -0.0564 -0.0205 11  DG  B P     
430 O  OP1   . DG  B 11 ? 0.3954 0.4087 0.3259 -0.0023 -0.0567 -0.0230 11  DG  B OP1   
431 O  OP2   . DG  B 11 ? 0.4540 0.4460 0.3674 0.0000  -0.0607 -0.0178 11  DG  B OP2   
432 O  "O5'" . DG  B 11 ? 0.4144 0.4064 0.3264 0.0037  -0.0573 -0.0211 11  DG  B "O5'" 
433 C  "C5'" . DG  B 11 ? 0.4158 0.3936 0.3166 0.0071  -0.0581 -0.0190 11  DG  B "C5'" 
434 C  "C4'" . DG  B 11 ? 0.4168 0.3898 0.3114 0.0095  -0.0580 -0.0199 11  DG  B "C4'" 
435 O  "O4'" . DG  B 11 ? 0.3742 0.3507 0.2757 0.0124  -0.0525 -0.0223 11  DG  B "O4'" 
436 C  "C3'" . DG  B 11 ? 0.4800 0.4369 0.3637 0.0145  -0.0573 -0.0179 11  DG  B "C3'" 
437 O  "O3'" . DG  B 11 ? 0.5878 0.5406 0.4622 0.0116  -0.0635 -0.0161 11  DG  B "O3'" 
438 C  "C2'" . DG  B 11 ? 0.4107 0.3646 0.2928 0.0182  -0.0541 -0.0196 11  DG  B "C2'" 
439 C  "C1'" . DG  B 11 ? 0.3871 0.3532 0.2814 0.0173  -0.0503 -0.0223 11  DG  B "C1'" 
440 N  N9    . DG  B 11 ? 0.3844 0.3463 0.2835 0.0226  -0.0436 -0.0227 11  DG  B N9    
441 C  C8    . DG  B 11 ? 0.3426 0.3072 0.2470 0.0254  -0.0389 -0.0249 11  DG  B C8    
442 N  N7    . DG  B 11 ? 0.3297 0.2898 0.2382 0.0298  -0.0334 -0.0247 11  DG  B N7    
443 C  C5    . DG  B 11 ? 0.3459 0.2996 0.2513 0.0301  -0.0344 -0.0222 11  DG  B C5    
444 C  C6    . DG  B 11 ? 0.3420 0.2893 0.2496 0.0340  -0.0301 -0.0209 11  DG  B C6    
445 O  O6    . DG  B 11 ? 0.3483 0.2939 0.2611 0.0381  -0.0243 -0.0215 11  DG  B O6    
446 N  N1    . DG  B 11 ? 0.3170 0.2596 0.2201 0.0327  -0.0330 -0.0185 11  DG  B N1    
447 C  C2    . DG  B 11 ? 0.3626 0.3064 0.2600 0.0283  -0.0394 -0.0174 11  DG  B C2    
448 N  N2    . DG  B 11 ? 0.4087 0.3471 0.3023 0.0277  -0.0415 -0.0151 11  DG  B N2    
449 N  N3    . DG  B 11 ? 0.3879 0.3380 0.2836 0.0245  -0.0435 -0.0187 11  DG  B N3    
450 C  C4    . DG  B 11 ? 0.3646 0.3194 0.2643 0.0257  -0.0406 -0.0210 11  DG  B C4    
451 AG AG    . AG  C .  ? 0.2643 0.2703 0.2742 0.0185  -0.0129 -0.0154 101 AG  A AG    
452 AG AG    . AG  D .  ? 0.2939 0.2816 0.2797 0.0162  -0.0226 -0.0095 102 AG  A AG    
# 
